data_7MZB
#
_entry.id   7MZB
#
_cell.length_a   1.00
_cell.length_b   1.00
_cell.length_c   1.00
_cell.angle_alpha   90.00
_cell.angle_beta   90.00
_cell.angle_gamma   90.00
#
_symmetry.space_group_name_H-M   'P 1'
#
loop_
_entity.id
_entity.type
_entity.pdbx_description
1 polymer 'Transient receptor potential cation channel subfamily V member 1'
2 non-polymer '(2S)-1-(butanoyloxy)-3-{[(R)-hydroxy{[(1r,2R,3S,4S,5R,6S)-2,3,4,5,6-pentahydroxycyclohexyl]oxy}phosphoryl]oxy}propan-2-yl tridecanoate'
3 non-polymer resiniferatoxin
4 non-polymer 'SODIUM ION'
#
_entity_poly.entity_id   1
_entity_poly.type   'polypeptide(L)'
_entity_poly.pdbx_seq_one_letter_code
;GAMGSRLYDRRSIFDAVAQSNCQELESLLPFLQRSKKRLTDSEFKDPETGKTCLLKAMLNLHNGQNDTIALLLDVARKTD
SLKQFVNASYTDSYYKGQTALHIAIERRNMTLVTLLVENGADVQAAANGDFFKKTKGRPGFYFGELPLSLAACTNQLAIV
KFLLQNSWQPADISARDSVGNTVLHALVEVADNTVDNTKFVTSMYNEILILGAKLHPTLKLEEITNRKGLTPLALAASSG
KIGVLAYILQREIHEPECRHLSRKFTEWAYGPVHSSLYDLSCIDTCEKNSVLEVIAYSSSETPNRHDMLLVEPLNRLLQD
KWDRFVKRIFYFNFFVYCLYMIIFTAAAYYRPVEGLPPYKLKNTVGDYFRVTGEILSVSGGVYFFFRGIQYFLQRRPSLK
SLFVDSYSEILFFVQSLFMLVSVVLYFSQRKEYVASMVFSLAMGWTNMLYYTRGFQQMGIYAVMIEKMILRDLCRFMFVY
LVFLFGFSTAVVTLIEDGKYNSLYSTCLELFKFTIGMGDLEFTENYDFKAVFIILLLAYVILTYILLLNMLIALMGETVN
KIAQESKNIWKLQRAITILDTEKSFLKCMRKAFRSGKLLQVGFTPDGKDDYRWCFRVDEVNWTTWNTNVGIINEDPG
;
_entity_poly.pdbx_strand_id   A,D,B,C
#
loop_
_chem_comp.id
_chem_comp.type
_chem_comp.name
_chem_comp.formula
6EU non-polymer resiniferatoxin 'C37 H40 O9'
NA non-polymer 'SODIUM ION' 'Na 1'
XJ7 non-polymer '(2S)-1-(butanoyloxy)-3-{[(R)-hydroxy{[(1r,2R,3S,4S,5R,6S)-2,3,4,5,6-pentahydroxycyclohexyl]oxy}phosphoryl]oxy}propan-2-yl tridecanoate' 'C26 H49 O13 P'
#
# COMPACT_ATOMS: atom_id res chain seq x y z
N SER A 89 26.17 36.53 -42.75
CA SER A 89 25.95 35.62 -41.64
C SER A 89 27.01 35.82 -40.57
N TYR A 90 26.78 35.27 -39.39
CA TYR A 90 27.76 35.35 -38.32
C TYR A 90 29.02 34.58 -38.68
N THR A 91 30.17 35.12 -38.27
CA THR A 91 31.45 34.48 -38.46
C THR A 91 32.07 33.98 -37.16
N ASP A 92 31.58 34.40 -36.01
CA ASP A 92 32.12 33.89 -34.76
C ASP A 92 31.80 32.41 -34.62
N SER A 93 32.68 31.70 -33.92
CA SER A 93 32.53 30.26 -33.76
C SER A 93 31.30 29.90 -32.94
N TYR A 94 30.80 30.82 -32.12
CA TYR A 94 29.69 30.50 -31.23
C TYR A 94 28.35 30.47 -31.96
N TYR A 95 28.14 31.41 -32.89
CA TYR A 95 26.93 31.48 -33.71
C TYR A 95 27.22 31.29 -35.19
N LYS A 96 28.33 30.63 -35.53
CA LYS A 96 28.78 30.51 -36.92
C LYS A 96 27.69 30.00 -37.84
N GLY A 97 27.50 30.71 -38.95
CA GLY A 97 26.55 30.32 -39.96
C GLY A 97 25.16 30.89 -39.80
N GLN A 98 24.86 31.48 -38.65
CA GLN A 98 23.54 32.09 -38.47
C GLN A 98 23.39 33.22 -39.48
N THR A 99 22.25 33.22 -40.18
CA THR A 99 21.95 34.24 -41.16
C THR A 99 20.54 34.77 -40.90
N ALA A 100 20.13 35.74 -41.73
CA ALA A 100 18.84 36.39 -41.54
C ALA A 100 17.70 35.40 -41.67
N LEU A 101 17.83 34.45 -42.58
CA LEU A 101 16.75 33.50 -42.81
C LEU A 101 16.50 32.65 -41.57
N HIS A 102 17.57 32.24 -40.89
CA HIS A 102 17.41 31.53 -39.63
C HIS A 102 16.64 32.37 -38.63
N ILE A 103 16.91 33.67 -38.61
CA ILE A 103 16.25 34.54 -37.64
C ILE A 103 14.77 34.63 -37.96
N ALA A 104 14.43 34.87 -39.23
CA ALA A 104 13.03 35.02 -39.60
C ALA A 104 12.25 33.75 -39.35
N ILE A 105 12.84 32.60 -39.69
CA ILE A 105 12.18 31.32 -39.41
C ILE A 105 12.04 31.13 -37.91
N GLU A 106 13.13 31.35 -37.18
CA GLU A 106 13.15 31.15 -35.75
C GLU A 106 12.13 32.05 -35.05
N ARG A 107 12.01 33.29 -35.49
CA ARG A 107 11.05 34.20 -34.91
C ARG A 107 9.62 33.94 -35.36
N ARG A 108 9.40 33.00 -36.28
CA ARG A 108 8.05 32.70 -36.76
C ARG A 108 7.43 33.91 -37.45
N ASN A 109 8.22 34.58 -38.28
CA ASN A 109 7.78 35.70 -39.11
C ASN A 109 7.71 35.21 -40.56
N MET A 110 6.50 34.90 -41.02
CA MET A 110 6.33 34.37 -42.37
C MET A 110 6.77 35.40 -43.42
N THR A 111 6.44 36.67 -43.19
CA THR A 111 6.65 37.68 -44.23
C THR A 111 8.13 37.86 -44.53
N LEU A 112 8.96 37.97 -43.50
CA LEU A 112 10.38 38.14 -43.73
C LEU A 112 10.98 36.91 -44.36
N VAL A 113 10.51 35.71 -44.00
CA VAL A 113 10.98 34.50 -44.64
C VAL A 113 10.69 34.57 -46.14
N THR A 114 9.47 34.98 -46.49
CA THR A 114 9.12 35.09 -47.90
C THR A 114 10.02 36.11 -48.60
N LEU A 115 10.20 37.28 -47.99
CA LEU A 115 10.99 38.33 -48.62
C LEU A 115 12.43 37.89 -48.81
N LEU A 116 13.02 37.26 -47.80
CA LEU A 116 14.41 36.83 -47.90
C LEU A 116 14.57 35.76 -48.96
N VAL A 117 13.63 34.82 -49.04
CA VAL A 117 13.70 33.81 -50.09
C VAL A 117 13.57 34.46 -51.46
N GLU A 118 12.67 35.44 -51.59
CA GLU A 118 12.53 36.17 -52.84
C GLU A 118 13.82 36.82 -53.26
N ASN A 119 14.57 37.37 -52.31
CA ASN A 119 15.82 38.06 -52.58
C ASN A 119 17.00 37.12 -52.71
N GLY A 120 16.76 35.82 -52.89
CA GLY A 120 17.82 34.89 -53.17
C GLY A 120 18.53 34.35 -51.95
N ALA A 121 17.89 34.37 -50.78
CA ALA A 121 18.51 33.84 -49.59
C ALA A 121 18.82 32.36 -49.77
N ASP A 122 19.94 31.92 -49.20
CA ASP A 122 20.40 30.55 -49.35
C ASP A 122 19.65 29.66 -48.38
N VAL A 123 18.80 28.78 -48.90
CA VAL A 123 18.01 27.88 -48.07
C VAL A 123 18.83 26.68 -47.61
N GLN A 124 20.07 26.55 -48.07
CA GLN A 124 20.97 25.49 -47.65
C GLN A 124 22.04 25.97 -46.69
N ALA A 125 21.97 27.22 -46.23
CA ALA A 125 23.02 27.77 -45.37
C ALA A 125 23.01 27.05 -44.03
N ALA A 126 24.16 26.53 -43.63
CA ALA A 126 24.27 25.69 -42.45
C ALA A 126 24.72 26.51 -41.25
N ALA A 127 23.90 26.56 -40.21
CA ALA A 127 24.25 27.24 -38.97
C ALA A 127 25.00 26.24 -38.10
N ASN A 128 26.33 26.30 -38.15
CA ASN A 128 27.19 25.31 -37.51
C ASN A 128 28.08 25.94 -36.43
N GLY A 129 27.59 26.97 -35.76
CA GLY A 129 28.28 27.48 -34.61
C GLY A 129 28.10 26.58 -33.40
N ASP A 130 28.87 26.87 -32.36
CA ASP A 130 28.78 26.08 -31.13
C ASP A 130 27.39 26.14 -30.53
N PHE A 131 26.73 27.29 -30.63
CA PHE A 131 25.39 27.43 -30.07
C PHE A 131 24.39 26.52 -30.76
N PHE A 132 24.64 26.10 -32.00
CA PHE A 132 23.70 25.30 -32.78
C PHE A 132 24.07 23.83 -32.78
N LYS A 133 24.76 23.35 -31.75
CA LYS A 133 25.15 21.96 -31.62
C LYS A 133 24.64 21.40 -30.30
N LYS A 134 24.79 20.08 -30.12
CA LYS A 134 24.35 19.43 -28.90
C LYS A 134 25.02 20.04 -27.68
N THR A 135 26.35 19.94 -27.60
CA THR A 135 27.19 20.71 -26.68
C THR A 135 26.68 20.73 -25.25
N LYS A 136 26.67 19.56 -24.59
CA LYS A 136 26.00 19.41 -23.29
C LYS A 136 26.50 20.41 -22.25
N GLY A 137 27.76 20.81 -22.32
CA GLY A 137 28.33 21.66 -21.29
C GLY A 137 28.07 23.13 -21.45
N ARG A 138 27.34 23.53 -22.48
CA ARG A 138 27.07 24.94 -22.77
C ARG A 138 25.64 25.06 -23.25
N PRO A 139 25.04 26.24 -23.15
CA PRO A 139 23.71 26.42 -23.74
C PRO A 139 23.77 26.35 -25.25
N GLY A 140 22.67 25.94 -25.84
CA GLY A 140 22.59 25.81 -27.28
C GLY A 140 21.26 25.22 -27.68
N PHE A 141 21.11 25.01 -28.98
CA PHE A 141 19.90 24.39 -29.51
C PHE A 141 20.27 23.72 -30.82
N TYR A 142 20.37 22.40 -30.81
CA TYR A 142 20.65 21.65 -32.02
C TYR A 142 19.35 21.38 -32.75
N PHE A 143 19.33 21.71 -34.04
CA PHE A 143 18.15 21.53 -34.88
C PHE A 143 18.49 20.99 -36.26
N GLY A 144 19.69 20.48 -36.47
CA GLY A 144 20.12 20.05 -37.79
C GLY A 144 20.78 21.12 -38.62
N GLU A 145 20.91 22.34 -38.10
CA GLU A 145 21.77 23.37 -38.66
C GLU A 145 21.21 23.99 -39.93
N LEU A 146 20.04 23.47 -40.47
CA LEU A 146 19.52 23.94 -41.74
C LEU A 146 18.18 24.65 -41.55
N PRO A 147 17.83 25.58 -42.46
CA PRO A 147 16.53 26.27 -42.31
C PRO A 147 15.34 25.34 -42.33
N LEU A 148 15.35 24.31 -43.19
CA LEU A 148 14.19 23.42 -43.27
C LEU A 148 14.01 22.67 -41.96
N SER A 149 15.10 22.12 -41.43
CA SER A 149 15.01 21.42 -40.16
C SER A 149 14.59 22.38 -39.06
N LEU A 150 15.00 23.65 -39.17
CA LEU A 150 14.61 24.64 -38.17
C LEU A 150 13.10 24.86 -38.17
N ALA A 151 12.54 25.07 -39.35
CA ALA A 151 11.09 25.25 -39.44
C ALA A 151 10.37 24.01 -38.96
N ALA A 152 10.93 22.84 -39.26
CA ALA A 152 10.30 21.60 -38.82
C ALA A 152 10.31 21.49 -37.30
N CYS A 153 11.46 21.71 -36.67
CA CYS A 153 11.58 21.59 -35.23
C CYS A 153 10.77 22.64 -34.49
N THR A 154 10.43 23.76 -35.14
CA THR A 154 9.73 24.84 -34.50
C THR A 154 8.22 24.76 -34.72
N ASN A 155 7.73 23.66 -35.28
CA ASN A 155 6.30 23.47 -35.52
C ASN A 155 5.74 24.57 -36.41
N GLN A 156 6.46 24.91 -37.46
CA GLN A 156 6.02 25.88 -38.46
C GLN A 156 5.84 25.11 -39.76
N LEU A 157 4.64 24.53 -39.93
CA LEU A 157 4.38 23.74 -41.12
C LEU A 157 4.35 24.60 -42.37
N ALA A 158 3.75 25.80 -42.27
CA ALA A 158 3.64 26.68 -43.42
C ALA A 158 5.01 27.04 -43.96
N ILE A 159 5.95 27.32 -43.07
CA ILE A 159 7.29 27.66 -43.52
C ILE A 159 7.95 26.46 -44.17
N VAL A 160 7.72 25.27 -43.64
CA VAL A 160 8.27 24.06 -44.27
C VAL A 160 7.76 23.94 -45.69
N LYS A 161 6.44 24.06 -45.87
CA LYS A 161 5.85 23.90 -47.18
C LYS A 161 6.38 24.96 -48.13
N PHE A 162 6.54 26.19 -47.63
CA PHE A 162 7.09 27.25 -48.47
C PHE A 162 8.54 26.95 -48.85
N LEU A 163 9.36 26.55 -47.88
CA LEU A 163 10.77 26.31 -48.14
C LEU A 163 10.97 25.22 -49.17
N LEU A 164 10.12 24.20 -49.14
CA LEU A 164 10.19 23.16 -50.15
C LEU A 164 9.58 23.62 -51.48
N GLN A 165 8.53 24.43 -51.45
CA GLN A 165 7.70 24.73 -52.61
C GLN A 165 7.61 26.23 -52.88
N ASN A 166 8.72 26.94 -52.76
CA ASN A 166 8.77 28.33 -53.17
C ASN A 166 9.22 28.42 -54.63
N SER A 167 8.94 29.56 -55.26
CA SER A 167 9.33 29.75 -56.65
C SER A 167 10.81 30.05 -56.79
N TRP A 168 11.39 30.75 -55.84
CA TRP A 168 12.72 31.33 -56.03
C TRP A 168 13.84 30.34 -55.77
N GLN A 169 13.71 29.51 -54.74
CA GLN A 169 14.76 28.56 -54.41
C GLN A 169 14.24 27.43 -53.54
N PRO A 170 13.72 26.34 -54.10
CA PRO A 170 13.22 25.26 -53.23
C PRO A 170 14.35 24.59 -52.47
N ALA A 171 14.01 24.11 -51.29
CA ALA A 171 14.99 23.52 -50.40
C ALA A 171 15.24 22.05 -50.75
N ASP A 172 16.45 21.58 -50.48
CA ASP A 172 16.82 20.20 -50.75
C ASP A 172 16.41 19.36 -49.55
N ILE A 173 15.33 18.60 -49.70
CA ILE A 173 14.79 17.83 -48.59
C ILE A 173 15.75 16.76 -48.10
N SER A 174 16.65 16.30 -48.95
CA SER A 174 17.62 15.28 -48.58
C SER A 174 18.89 15.86 -47.99
N ALA A 175 18.95 17.17 -47.77
CA ALA A 175 20.18 17.80 -47.33
C ALA A 175 20.58 17.31 -45.94
N ARG A 176 21.89 17.22 -45.73
CA ARG A 176 22.47 16.70 -44.51
C ARG A 176 23.41 17.73 -43.90
N ASP A 177 23.49 17.72 -42.59
CA ASP A 177 24.35 18.65 -41.86
C ASP A 177 25.75 18.07 -41.72
N SER A 178 26.56 18.71 -40.87
CA SER A 178 27.90 18.22 -40.58
C SER A 178 27.89 16.85 -39.94
N VAL A 179 26.86 16.53 -39.16
CA VAL A 179 26.71 15.20 -38.58
C VAL A 179 26.19 14.19 -39.59
N GLY A 180 25.71 14.64 -40.74
CA GLY A 180 25.01 13.79 -41.68
C GLY A 180 23.52 13.69 -41.43
N ASN A 181 23.00 14.37 -40.42
CA ASN A 181 21.59 14.26 -40.07
C ASN A 181 20.73 15.01 -41.08
N THR A 182 19.64 14.38 -41.48
CA THR A 182 18.62 15.01 -42.30
C THR A 182 17.61 15.70 -41.40
N VAL A 183 16.51 16.14 -42.00
CA VAL A 183 15.40 16.68 -41.21
C VAL A 183 14.88 15.64 -40.25
N LEU A 184 14.70 14.41 -40.74
CA LEU A 184 14.09 13.37 -39.91
C LEU A 184 14.97 13.02 -38.74
N HIS A 185 16.29 12.98 -38.95
CA HIS A 185 17.19 12.77 -37.83
C HIS A 185 17.02 13.89 -36.81
N ALA A 186 16.87 15.12 -37.28
CA ALA A 186 16.66 16.22 -36.35
C ALA A 186 15.35 16.06 -35.59
N LEU A 187 14.29 15.65 -36.28
CA LEU A 187 13.00 15.47 -35.62
C LEU A 187 13.10 14.38 -34.57
N VAL A 188 13.87 13.34 -34.85
CA VAL A 188 14.11 12.33 -33.83
C VAL A 188 14.85 12.95 -32.65
N GLU A 189 15.85 13.79 -32.95
CA GLU A 189 16.66 14.37 -31.88
C GLU A 189 15.84 15.23 -30.96
N VAL A 190 14.99 16.10 -31.51
CA VAL A 190 14.25 17.04 -30.68
C VAL A 190 13.17 16.35 -29.86
N ALA A 191 12.77 15.14 -30.23
CA ALA A 191 11.78 14.42 -29.46
C ALA A 191 12.29 14.16 -28.05
N ASP A 192 11.38 14.21 -27.08
CA ASP A 192 11.70 13.90 -25.69
C ASP A 192 10.64 13.05 -25.02
N ASN A 193 9.72 12.45 -25.78
CA ASN A 193 8.72 11.51 -25.28
C ASN A 193 7.69 12.17 -24.37
N THR A 194 7.61 13.49 -24.35
CA THR A 194 6.52 14.18 -23.66
C THR A 194 5.35 14.35 -24.61
N VAL A 195 4.17 14.59 -24.03
CA VAL A 195 2.92 14.42 -24.77
C VAL A 195 2.82 15.42 -25.91
N ASP A 196 2.94 16.71 -25.61
CA ASP A 196 2.76 17.71 -26.66
C ASP A 196 3.91 17.66 -27.64
N ASN A 197 5.12 17.44 -27.12
CA ASN A 197 6.28 17.30 -27.99
C ASN A 197 6.11 16.14 -28.94
N THR A 198 5.71 14.99 -28.41
CA THR A 198 5.49 13.82 -29.25
C THR A 198 4.39 14.09 -30.27
N LYS A 199 3.29 14.71 -29.85
CA LYS A 199 2.19 15.00 -30.76
C LYS A 199 2.65 15.82 -31.94
N PHE A 200 3.28 16.96 -31.68
CA PHE A 200 3.61 17.84 -32.80
C PHE A 200 4.77 17.30 -33.60
N VAL A 201 5.76 16.68 -32.94
CA VAL A 201 6.88 16.13 -33.69
C VAL A 201 6.40 15.00 -34.59
N THR A 202 5.47 14.19 -34.12
CA THR A 202 4.89 13.16 -34.96
C THR A 202 4.14 13.76 -36.12
N SER A 203 3.33 14.80 -35.87
CA SER A 203 2.58 15.41 -36.95
C SER A 203 3.53 15.98 -38.01
N MET A 204 4.55 16.71 -37.58
CA MET A 204 5.51 17.27 -38.51
C MET A 204 6.25 16.18 -39.26
N TYR A 205 6.56 15.09 -38.58
CA TYR A 205 7.22 13.96 -39.23
C TYR A 205 6.35 13.41 -40.35
N ASN A 206 5.07 13.22 -40.06
CA ASN A 206 4.16 12.72 -41.08
C ASN A 206 4.10 13.69 -42.26
N GLU A 207 3.97 14.99 -41.96
CA GLU A 207 3.85 15.97 -43.02
C GLU A 207 5.07 15.98 -43.92
N ILE A 208 6.26 15.99 -43.31
CA ILE A 208 7.47 16.04 -44.12
C ILE A 208 7.58 14.78 -44.93
N LEU A 209 7.15 13.65 -44.39
CA LEU A 209 7.24 12.42 -45.17
C LEU A 209 6.34 12.49 -46.39
N ILE A 210 5.11 13.00 -46.22
CA ILE A 210 4.20 13.13 -47.34
C ILE A 210 4.77 14.06 -48.40
N LEU A 211 5.31 15.20 -47.97
CA LEU A 211 5.86 16.15 -48.93
C LEU A 211 7.04 15.56 -49.66
N GLY A 212 7.89 14.81 -48.95
CA GLY A 212 9.01 14.18 -49.61
C GLY A 212 8.55 13.19 -50.66
N ALA A 213 7.50 12.43 -50.36
CA ALA A 213 6.98 11.49 -51.34
C ALA A 213 6.45 12.22 -52.57
N LYS A 214 5.68 13.28 -52.36
CA LYS A 214 5.03 13.94 -53.49
C LYS A 214 6.02 14.70 -54.35
N LEU A 215 7.04 15.29 -53.73
CA LEU A 215 8.01 16.02 -54.51
C LEU A 215 8.99 15.08 -55.21
N HIS A 216 9.37 13.99 -54.57
CA HIS A 216 10.41 13.10 -55.07
C HIS A 216 10.01 11.67 -54.80
N PRO A 217 9.15 11.09 -55.64
CA PRO A 217 8.69 9.72 -55.40
C PRO A 217 9.79 8.68 -55.32
N THR A 218 10.89 8.85 -56.05
CA THR A 218 11.97 7.88 -55.98
C THR A 218 12.86 8.03 -54.75
N LEU A 219 12.71 9.13 -54.00
CA LEU A 219 13.57 9.41 -52.86
C LEU A 219 13.03 8.76 -51.60
N LYS A 220 13.90 8.07 -50.88
CA LYS A 220 13.54 7.38 -49.63
C LYS A 220 14.31 8.05 -48.50
N LEU A 221 13.68 9.00 -47.82
CA LEU A 221 14.38 9.77 -46.81
C LEU A 221 14.83 8.87 -45.67
N GLU A 222 13.91 8.05 -45.13
CA GLU A 222 14.23 7.20 -43.98
C GLU A 222 15.45 6.30 -44.21
N GLU A 223 15.76 5.95 -45.45
CA GLU A 223 16.90 5.08 -45.70
C GLU A 223 18.22 5.81 -45.48
N ILE A 224 18.20 7.12 -45.35
CA ILE A 224 19.44 7.89 -45.31
C ILE A 224 20.05 7.74 -43.94
N THR A 225 21.36 7.50 -43.91
CA THR A 225 22.11 7.33 -42.67
C THR A 225 22.99 8.54 -42.43
N ASN A 226 23.16 8.86 -41.16
CA ASN A 226 24.07 9.93 -40.76
C ASN A 226 25.49 9.39 -40.71
N ARG A 227 26.43 10.22 -40.27
CA ARG A 227 27.80 9.78 -40.11
C ARG A 227 27.93 8.66 -39.09
N LYS A 228 26.99 8.55 -38.17
CA LYS A 228 26.95 7.42 -37.26
C LYS A 228 26.34 6.19 -37.90
N GLY A 229 25.93 6.27 -39.17
CA GLY A 229 25.36 5.13 -39.84
C GLY A 229 23.93 4.83 -39.44
N LEU A 230 23.28 5.70 -38.70
CA LEU A 230 21.95 5.44 -38.17
C LEU A 230 20.91 6.06 -39.08
N THR A 231 19.93 5.25 -39.46
CA THR A 231 18.74 5.79 -40.05
C THR A 231 17.91 6.44 -38.95
N PRO A 232 16.94 7.29 -39.31
CA PRO A 232 16.12 7.92 -38.27
C PRO A 232 15.43 6.92 -37.39
N LEU A 233 15.03 5.78 -37.94
CA LEU A 233 14.47 4.73 -37.10
C LEU A 233 15.53 4.20 -36.15
N ALA A 234 16.72 3.91 -36.66
CA ALA A 234 17.79 3.41 -35.80
C ALA A 234 18.16 4.44 -34.75
N LEU A 235 18.21 5.71 -35.14
CA LEU A 235 18.51 6.76 -34.18
C LEU A 235 17.44 6.83 -33.09
N ALA A 236 16.18 6.75 -33.48
CA ALA A 236 15.10 6.79 -32.50
C ALA A 236 15.18 5.63 -31.55
N ALA A 237 15.52 4.44 -32.08
CA ALA A 237 15.64 3.27 -31.24
C ALA A 237 16.78 3.43 -30.24
N SER A 238 17.92 3.93 -30.71
CA SER A 238 19.07 4.05 -29.84
C SER A 238 18.90 5.13 -28.79
N SER A 239 18.22 6.22 -29.15
CA SER A 239 18.09 7.34 -28.24
C SER A 239 16.95 7.20 -27.26
N GLY A 240 16.16 6.13 -27.35
CA GLY A 240 15.10 5.93 -26.40
C GLY A 240 13.86 6.76 -26.65
N LYS A 241 13.69 7.25 -27.87
CA LYS A 241 12.56 8.13 -28.18
C LYS A 241 11.35 7.25 -28.47
N ILE A 242 10.74 6.76 -27.40
CA ILE A 242 9.71 5.74 -27.54
C ILE A 242 8.53 6.22 -28.37
N GLY A 243 8.16 7.48 -28.21
CA GLY A 243 7.01 8.00 -28.95
C GLY A 243 7.22 7.91 -30.45
N VAL A 244 8.42 8.22 -30.90
CA VAL A 244 8.70 8.17 -32.34
C VAL A 244 8.57 6.75 -32.86
N LEU A 245 9.10 5.77 -32.13
CA LEU A 245 8.91 4.38 -32.55
C LEU A 245 7.44 4.02 -32.53
N ALA A 246 6.74 4.46 -31.49
CA ALA A 246 5.31 4.17 -31.36
C ALA A 246 4.55 4.69 -32.56
N TYR A 247 5.01 5.80 -33.14
CA TYR A 247 4.42 6.26 -34.38
C TYR A 247 4.88 5.40 -35.55
N ILE A 248 6.19 5.27 -35.73
CA ILE A 248 6.73 4.74 -36.98
C ILE A 248 6.32 3.29 -37.18
N LEU A 249 6.54 2.46 -36.16
CA LEU A 249 6.41 1.03 -36.34
C LEU A 249 5.00 0.61 -36.72
N GLN A 250 4.01 1.40 -36.37
CA GLN A 250 2.61 1.16 -36.72
C GLN A 250 2.05 2.34 -37.50
N ARG A 251 2.86 2.90 -38.37
CA ARG A 251 2.44 4.00 -39.22
C ARG A 251 1.55 3.49 -40.36
N GLU A 252 0.42 4.15 -40.55
CA GLU A 252 -0.54 3.78 -41.58
C GLU A 252 -1.09 5.05 -42.21
N ILE A 253 -0.99 5.15 -43.52
CA ILE A 253 -1.32 6.38 -44.26
C ILE A 253 -2.47 6.08 -45.20
N HIS A 254 -3.61 6.75 -44.98
CA HIS A 254 -4.84 6.51 -45.74
C HIS A 254 -5.01 7.58 -46.81
N GLU A 255 -4.29 7.42 -47.91
CA GLU A 255 -4.58 8.23 -49.08
C GLU A 255 -3.96 7.56 -50.30
N PRO A 256 -4.42 7.91 -51.51
CA PRO A 256 -3.80 7.35 -52.71
C PRO A 256 -2.36 7.81 -52.84
N GLU A 257 -1.54 6.96 -53.45
CA GLU A 257 -0.16 7.28 -53.79
C GLU A 257 0.70 7.61 -52.58
N CYS A 258 0.24 7.24 -51.38
CA CYS A 258 1.06 7.27 -50.18
C CYS A 258 0.89 5.99 -49.38
N ARG A 259 0.11 5.03 -49.88
CA ARG A 259 -0.06 3.77 -49.17
C ARG A 259 1.27 3.06 -49.01
N HIS A 260 2.13 3.14 -50.03
CA HIS A 260 3.42 2.44 -49.98
C HIS A 260 4.35 3.00 -48.92
N LEU A 261 4.07 4.20 -48.39
CA LEU A 261 4.80 4.70 -47.24
C LEU A 261 4.36 4.06 -45.92
N SER A 262 3.18 3.47 -45.86
CA SER A 262 2.72 2.89 -44.63
C SER A 262 3.56 1.67 -44.28
N ARG A 263 3.72 1.44 -42.98
CA ARG A 263 4.33 0.23 -42.47
C ARG A 263 3.31 -0.70 -41.83
N LYS A 264 2.10 -0.23 -41.61
CA LYS A 264 0.99 -1.05 -41.14
C LYS A 264 -0.06 -1.06 -42.24
N PHE A 265 -0.52 -2.24 -42.61
CA PHE A 265 -1.49 -2.40 -43.68
C PHE A 265 -2.57 -3.36 -43.24
N THR A 266 -3.82 -3.07 -43.58
CA THR A 266 -4.94 -3.93 -43.23
C THR A 266 -5.33 -4.74 -44.45
N GLU A 267 -5.15 -6.06 -44.37
CA GLU A 267 -5.42 -6.88 -45.54
C GLU A 267 -6.91 -7.11 -45.67
N TRP A 268 -7.50 -7.77 -44.68
CA TRP A 268 -8.92 -8.01 -44.63
C TRP A 268 -9.51 -7.58 -43.30
N ALA A 269 -10.79 -7.22 -43.33
CA ALA A 269 -11.56 -6.90 -42.15
C ALA A 269 -12.97 -7.42 -42.36
N TYR A 270 -13.38 -8.40 -41.57
CA TYR A 270 -14.67 -9.02 -41.86
C TYR A 270 -15.79 -8.34 -41.10
N GLY A 271 -15.84 -8.52 -39.78
CA GLY A 271 -16.79 -7.81 -38.94
C GLY A 271 -16.05 -6.86 -38.00
N PRO A 272 -16.14 -7.09 -36.69
CA PRO A 272 -15.24 -6.37 -35.78
C PRO A 272 -13.81 -6.83 -35.89
N VAL A 273 -13.56 -7.96 -36.55
CA VAL A 273 -12.24 -8.57 -36.62
C VAL A 273 -11.57 -8.13 -37.92
N HIS A 274 -10.28 -7.84 -37.83
CA HIS A 274 -9.49 -7.52 -38.99
C HIS A 274 -8.05 -7.93 -38.75
N SER A 275 -7.38 -8.27 -39.84
CA SER A 275 -6.01 -8.77 -39.81
C SER A 275 -5.10 -7.68 -40.33
N SER A 276 -4.27 -7.15 -39.45
CA SER A 276 -3.25 -6.18 -39.81
C SER A 276 -1.94 -6.87 -40.13
N LEU A 277 -1.09 -6.15 -40.84
CA LEU A 277 0.23 -6.62 -41.25
C LEU A 277 1.24 -5.53 -40.91
N TYR A 278 2.23 -5.87 -40.10
CA TYR A 278 3.32 -4.97 -39.76
C TYR A 278 4.53 -5.31 -40.61
N ASP A 279 5.23 -4.28 -41.11
CA ASP A 279 6.29 -4.53 -42.08
C ASP A 279 7.45 -5.29 -41.46
N LEU A 280 8.18 -4.67 -40.53
CA LEU A 280 9.35 -5.21 -39.86
C LEU A 280 10.57 -5.33 -40.75
N SER A 281 10.68 -4.53 -41.80
CA SER A 281 11.98 -4.39 -42.43
C SER A 281 12.92 -3.67 -41.49
N CYS A 282 14.11 -4.21 -41.29
CA CYS A 282 15.13 -3.70 -40.39
C CYS A 282 14.72 -3.72 -38.94
N ILE A 283 13.68 -4.46 -38.58
CA ILE A 283 13.40 -4.82 -37.21
C ILE A 283 13.94 -6.20 -36.92
N ASP A 284 13.53 -7.18 -37.72
CA ASP A 284 14.01 -8.54 -37.54
C ASP A 284 15.50 -8.64 -37.84
N THR A 285 15.90 -8.20 -39.03
CA THR A 285 17.28 -8.34 -39.46
C THR A 285 17.55 -7.37 -40.60
N CYS A 286 18.80 -6.97 -40.71
CA CYS A 286 19.25 -6.05 -41.75
C CYS A 286 20.77 -6.12 -41.75
N GLU A 287 21.40 -5.18 -42.45
CA GLU A 287 22.85 -5.15 -42.49
C GLU A 287 23.42 -4.98 -41.09
N LYS A 288 23.20 -3.82 -40.48
CA LYS A 288 23.84 -3.49 -39.21
C LYS A 288 22.86 -3.25 -38.06
N ASN A 289 22.00 -2.25 -38.22
CA ASN A 289 21.26 -1.68 -37.11
C ASN A 289 19.81 -2.18 -37.08
N SER A 290 19.63 -3.46 -36.81
CA SER A 290 18.29 -3.93 -36.56
C SER A 290 17.79 -3.35 -35.24
N VAL A 291 16.52 -2.96 -35.23
CA VAL A 291 15.97 -2.25 -34.08
C VAL A 291 16.08 -3.10 -32.83
N LEU A 292 15.84 -4.40 -32.96
CA LEU A 292 15.99 -5.27 -31.80
C LEU A 292 17.43 -5.29 -31.32
N GLU A 293 18.38 -5.34 -32.24
CA GLU A 293 19.78 -5.29 -31.82
C GLU A 293 20.08 -3.96 -31.15
N VAL A 294 19.59 -2.87 -31.71
CA VAL A 294 19.89 -1.56 -31.17
C VAL A 294 19.35 -1.41 -29.76
N ILE A 295 18.11 -1.85 -29.54
CA ILE A 295 17.54 -1.75 -28.20
C ILE A 295 18.28 -2.67 -27.25
N ALA A 296 18.45 -3.94 -27.64
CA ALA A 296 18.95 -4.94 -26.71
C ALA A 296 20.37 -4.64 -26.27
N TYR A 297 21.24 -4.26 -27.21
CA TYR A 297 22.63 -3.95 -26.89
C TYR A 297 22.82 -2.48 -26.54
N SER A 298 21.77 -1.83 -26.04
CA SER A 298 21.87 -0.45 -25.63
C SER A 298 22.81 -0.31 -24.45
N SER A 299 23.27 0.91 -24.21
CA SER A 299 24.35 1.18 -23.27
C SER A 299 23.88 1.39 -21.84
N SER A 300 22.63 1.05 -21.53
CA SER A 300 22.04 1.18 -20.19
C SER A 300 21.70 2.62 -19.83
N GLU A 301 22.11 3.58 -20.66
CA GLU A 301 21.85 4.99 -20.45
C GLU A 301 20.70 5.50 -21.30
N THR A 302 20.25 4.70 -22.25
CA THR A 302 19.05 5.03 -22.99
C THR A 302 17.89 5.10 -22.00
N PRO A 303 17.09 6.18 -21.98
CA PRO A 303 16.07 6.29 -20.94
C PRO A 303 15.06 5.15 -20.92
N ASN A 304 14.47 4.81 -22.07
CA ASN A 304 13.33 3.92 -22.13
C ASN A 304 13.67 2.56 -22.72
N ARG A 305 14.91 2.09 -22.54
CA ARG A 305 15.28 0.77 -23.06
C ARG A 305 14.40 -0.33 -22.48
N HIS A 306 13.88 -0.14 -21.28
CA HIS A 306 12.95 -1.11 -20.75
C HIS A 306 11.58 -1.00 -21.41
N ASP A 307 11.13 0.21 -21.69
CA ASP A 307 9.77 0.41 -22.13
C ASP A 307 9.58 0.14 -23.60
N MET A 308 10.62 0.32 -24.41
CA MET A 308 10.43 0.33 -25.85
C MET A 308 9.93 -1.00 -26.39
N LEU A 309 10.31 -2.11 -25.76
CA LEU A 309 9.88 -3.40 -26.26
C LEU A 309 8.40 -3.65 -26.05
N LEU A 310 7.72 -2.81 -25.29
CA LEU A 310 6.29 -2.96 -25.10
C LEU A 310 5.49 -2.56 -26.33
N VAL A 311 6.11 -1.92 -27.32
CA VAL A 311 5.38 -1.55 -28.53
C VAL A 311 5.02 -2.83 -29.28
N GLU A 312 3.74 -3.00 -29.56
CA GLU A 312 3.10 -4.23 -30.00
C GLU A 312 3.87 -5.05 -31.02
N PRO A 313 4.27 -4.50 -32.18
CA PRO A 313 4.96 -5.34 -33.17
C PRO A 313 6.22 -5.99 -32.63
N LEU A 314 7.01 -5.27 -31.84
CA LEU A 314 8.22 -5.88 -31.31
C LEU A 314 7.89 -7.00 -30.34
N ASN A 315 6.95 -6.74 -29.43
CA ASN A 315 6.63 -7.74 -28.43
C ASN A 315 6.09 -9.01 -29.05
N ARG A 316 5.16 -8.86 -30.00
CA ARG A 316 4.64 -10.05 -30.67
C ARG A 316 5.72 -10.75 -31.46
N LEU A 317 6.59 -10.00 -32.12
CA LEU A 317 7.64 -10.62 -32.90
C LEU A 317 8.56 -11.45 -32.02
N LEU A 318 8.94 -10.89 -30.87
CA LEU A 318 9.82 -11.62 -29.96
C LEU A 318 9.12 -12.86 -29.44
N GLN A 319 7.84 -12.75 -29.13
CA GLN A 319 7.12 -13.91 -28.64
C GLN A 319 7.09 -15.01 -29.70
N ASP A 320 6.86 -14.63 -30.95
CA ASP A 320 6.85 -15.62 -32.01
C ASP A 320 8.22 -16.23 -32.19
N LYS A 321 9.27 -15.43 -32.20
CA LYS A 321 10.61 -15.97 -32.37
C LYS A 321 10.91 -16.96 -31.26
N TRP A 322 10.55 -16.61 -30.04
CA TRP A 322 10.74 -17.47 -28.88
C TRP A 322 10.08 -18.80 -29.15
N ASP A 323 8.76 -18.75 -29.33
CA ASP A 323 7.97 -19.98 -29.42
C ASP A 323 8.44 -20.86 -30.57
N ARG A 324 8.82 -20.26 -31.68
CA ARG A 324 9.11 -21.06 -32.86
C ARG A 324 10.49 -21.66 -32.81
N PHE A 325 11.47 -20.92 -32.35
CA PHE A 325 12.85 -21.30 -32.54
C PHE A 325 13.65 -21.44 -31.26
N VAL A 326 13.44 -20.54 -30.30
CA VAL A 326 14.45 -20.32 -29.28
C VAL A 326 14.15 -21.09 -28.00
N LYS A 327 12.87 -21.29 -27.69
CA LYS A 327 12.49 -21.98 -26.48
C LYS A 327 13.20 -23.32 -26.34
N ARG A 328 13.22 -24.09 -27.42
CA ARG A 328 13.83 -25.41 -27.36
C ARG A 328 15.32 -25.30 -27.14
N ILE A 329 15.98 -24.43 -27.89
CA ILE A 329 17.43 -24.32 -27.77
C ILE A 329 17.81 -23.85 -26.38
N PHE A 330 17.03 -22.92 -25.83
CA PHE A 330 17.32 -22.42 -24.49
C PHE A 330 17.16 -23.53 -23.47
N TYR A 331 16.10 -24.31 -23.58
CA TYR A 331 15.92 -25.41 -22.64
C TYR A 331 17.08 -26.40 -22.76
N PHE A 332 17.52 -26.66 -23.98
CA PHE A 332 18.63 -27.56 -24.17
C PHE A 332 19.89 -27.03 -23.52
N ASN A 333 20.15 -25.73 -23.68
CA ASN A 333 21.32 -25.14 -23.06
C ASN A 333 21.26 -25.26 -21.55
N PHE A 334 20.07 -25.00 -20.99
CA PHE A 334 19.90 -25.12 -19.55
C PHE A 334 20.19 -26.54 -19.09
N PHE A 335 19.69 -27.52 -19.84
CA PHE A 335 19.95 -28.91 -19.52
C PHE A 335 21.45 -29.19 -19.53
N VAL A 336 22.13 -28.70 -20.56
CA VAL A 336 23.56 -28.95 -20.65
C VAL A 336 24.28 -28.34 -19.46
N TYR A 337 23.87 -27.14 -19.06
CA TYR A 337 24.52 -26.52 -17.91
C TYR A 337 24.26 -27.31 -16.64
N CYS A 338 23.06 -27.85 -16.49
CA CYS A 338 22.79 -28.70 -15.34
C CYS A 338 23.70 -29.91 -15.33
N LEU A 339 23.90 -30.54 -16.49
CA LEU A 339 24.82 -31.67 -16.56
C LEU A 339 26.22 -31.24 -16.19
N TYR A 340 26.63 -30.07 -16.67
CA TYR A 340 27.96 -29.58 -16.37
C TYR A 340 28.15 -29.43 -14.87
N MET A 341 27.21 -28.77 -14.22
CA MET A 341 27.35 -28.53 -12.79
C MET A 341 27.29 -29.83 -12.01
N ILE A 342 26.49 -30.80 -12.46
CA ILE A 342 26.45 -32.08 -11.77
C ILE A 342 27.79 -32.80 -11.88
N ILE A 343 28.38 -32.78 -13.08
CA ILE A 343 29.69 -33.41 -13.24
C ILE A 343 30.71 -32.72 -12.36
N PHE A 344 30.70 -31.39 -12.35
CA PHE A 344 31.64 -30.66 -11.53
C PHE A 344 31.45 -31.00 -10.05
N THR A 345 30.20 -31.06 -9.62
CA THR A 345 29.90 -31.36 -8.23
C THR A 345 30.40 -32.73 -7.85
N ALA A 346 30.12 -33.73 -8.68
CA ALA A 346 30.57 -35.08 -8.38
C ALA A 346 32.08 -35.15 -8.34
N ALA A 347 32.75 -34.52 -9.31
CA ALA A 347 34.20 -34.57 -9.36
C ALA A 347 34.81 -33.92 -8.13
N ALA A 348 34.25 -32.78 -7.72
CA ALA A 348 34.80 -32.10 -6.55
C ALA A 348 34.54 -32.90 -5.29
N TYR A 349 33.35 -33.48 -5.17
CA TYR A 349 32.99 -34.19 -3.94
C TYR A 349 33.93 -35.34 -3.68
N TYR A 350 34.33 -36.07 -4.72
CA TYR A 350 35.22 -37.21 -4.59
C TYR A 350 36.67 -36.85 -4.84
N ARG A 351 37.08 -35.63 -4.52
CA ARG A 351 38.49 -35.33 -4.60
C ARG A 351 39.24 -36.18 -3.58
N PRO A 352 40.49 -36.56 -3.84
CA PRO A 352 41.27 -37.26 -2.82
C PRO A 352 41.72 -36.30 -1.73
N VAL A 353 42.01 -36.87 -0.57
CA VAL A 353 42.39 -36.10 0.61
C VAL A 353 43.89 -36.13 0.86
N GLU A 354 44.65 -36.80 0.01
CA GLU A 354 46.10 -36.82 0.21
C GLU A 354 46.66 -35.42 0.00
N GLY A 355 47.85 -35.21 0.53
CA GLY A 355 48.53 -33.95 0.32
C GLY A 355 49.18 -33.86 -1.04
N LEU A 356 49.56 -32.64 -1.41
CA LEU A 356 50.46 -32.43 -2.51
C LEU A 356 49.90 -32.94 -3.84
N PRO A 357 48.99 -32.21 -4.48
CA PRO A 357 48.63 -32.53 -5.86
C PRO A 357 49.82 -32.31 -6.78
N PRO A 358 49.76 -32.79 -8.03
CA PRO A 358 48.73 -33.63 -8.63
C PRO A 358 48.82 -35.02 -8.10
N TYR A 359 47.74 -35.78 -8.19
CA TYR A 359 47.67 -37.10 -7.59
C TYR A 359 47.75 -38.17 -8.66
N LYS A 360 48.50 -39.23 -8.35
CA LYS A 360 48.65 -40.34 -9.28
C LYS A 360 47.29 -40.94 -9.59
N LEU A 361 47.04 -41.16 -10.87
CA LEU A 361 45.80 -41.79 -11.28
C LEU A 361 45.86 -43.27 -10.97
N LYS A 362 44.92 -43.75 -10.16
CA LYS A 362 44.85 -45.16 -9.85
C LYS A 362 44.10 -45.88 -10.96
N ASN A 363 44.51 -47.11 -11.23
CA ASN A 363 43.91 -47.92 -12.28
C ASN A 363 42.65 -48.58 -11.75
N THR A 364 41.63 -47.76 -11.53
CA THR A 364 40.33 -48.26 -11.09
C THR A 364 39.22 -47.36 -11.63
N VAL A 365 38.03 -47.95 -11.73
CA VAL A 365 36.92 -47.32 -12.45
C VAL A 365 36.56 -45.98 -11.81
N GLY A 366 36.48 -45.95 -10.48
CA GLY A 366 36.07 -44.73 -9.80
C GLY A 366 37.00 -43.57 -10.12
N ASP A 367 38.31 -43.82 -10.16
CA ASP A 367 39.25 -42.75 -10.43
C ASP A 367 39.25 -42.36 -11.88
N TYR A 368 39.01 -43.31 -12.79
CA TYR A 368 38.92 -42.93 -14.20
C TYR A 368 37.73 -42.00 -14.43
N PHE A 369 36.58 -42.33 -13.83
CA PHE A 369 35.45 -41.40 -13.93
C PHE A 369 35.77 -40.09 -13.26
N ARG A 370 36.47 -40.12 -12.12
CA ARG A 370 36.79 -38.89 -11.42
C ARG A 370 37.62 -37.96 -12.30
N VAL A 371 38.71 -38.48 -12.86
CA VAL A 371 39.56 -37.62 -13.68
C VAL A 371 38.81 -37.19 -14.93
N THR A 372 37.92 -38.04 -15.44
CA THR A 372 37.09 -37.63 -16.57
C THR A 372 36.25 -36.42 -16.22
N GLY A 373 35.56 -36.47 -15.09
CA GLY A 373 34.74 -35.36 -14.69
C GLY A 373 35.55 -34.12 -14.43
N GLU A 374 36.74 -34.29 -13.85
CA GLU A 374 37.62 -33.14 -13.65
C GLU A 374 37.96 -32.48 -14.98
N ILE A 375 38.31 -33.29 -15.98
CA ILE A 375 38.69 -32.73 -17.27
C ILE A 375 37.53 -32.00 -17.89
N LEU A 376 36.34 -32.59 -17.84
CA LEU A 376 35.18 -31.93 -18.42
C LEU A 376 34.87 -30.63 -17.70
N SER A 377 35.03 -30.62 -16.38
CA SER A 377 34.79 -29.40 -15.61
C SER A 377 35.75 -28.30 -16.02
N VAL A 378 37.04 -28.63 -16.15
CA VAL A 378 38.02 -27.64 -16.56
C VAL A 378 37.70 -27.14 -17.96
N SER A 379 37.31 -28.05 -18.86
CA SER A 379 36.99 -27.67 -20.22
C SER A 379 35.84 -26.69 -20.25
N GLY A 380 34.77 -26.97 -19.50
CA GLY A 380 33.65 -26.05 -19.45
C GLY A 380 34.04 -24.71 -18.88
N GLY A 381 34.89 -24.72 -17.86
CA GLY A 381 35.37 -23.46 -17.33
C GLY A 381 36.08 -22.64 -18.39
N VAL A 382 36.91 -23.29 -19.20
CA VAL A 382 37.59 -22.57 -20.28
C VAL A 382 36.59 -22.03 -21.29
N TYR A 383 35.56 -22.83 -21.59
CA TYR A 383 34.54 -22.36 -22.52
C TYR A 383 33.91 -21.07 -22.03
N PHE A 384 33.48 -21.06 -20.78
CA PHE A 384 32.87 -19.84 -20.24
C PHE A 384 33.86 -18.70 -20.20
N PHE A 385 35.13 -19.00 -19.92
CA PHE A 385 36.17 -17.97 -19.93
C PHE A 385 36.23 -17.28 -21.27
N PHE A 386 36.30 -18.07 -22.35
CA PHE A 386 36.41 -17.46 -23.66
C PHE A 386 35.13 -16.79 -24.09
N ARG A 387 33.97 -17.31 -23.68
CA ARG A 387 32.74 -16.59 -23.96
C ARG A 387 32.75 -15.23 -23.29
N GLY A 388 33.26 -15.16 -22.06
CA GLY A 388 33.34 -13.88 -21.39
C GLY A 388 34.24 -12.91 -22.12
N ILE A 389 35.39 -13.40 -22.58
CA ILE A 389 36.27 -12.52 -23.32
C ILE A 389 35.62 -12.06 -24.61
N GLN A 390 34.93 -12.96 -25.30
CA GLN A 390 34.25 -12.59 -26.54
C GLN A 390 33.22 -11.52 -26.28
N TYR A 391 32.46 -11.67 -25.19
CA TYR A 391 31.49 -10.65 -24.84
C TYR A 391 32.16 -9.31 -24.64
N PHE A 392 33.24 -9.31 -23.86
CA PHE A 392 33.93 -8.06 -23.55
C PHE A 392 34.42 -7.38 -24.82
N LEU A 393 35.01 -8.16 -25.72
CA LEU A 393 35.51 -7.57 -26.96
C LEU A 393 34.37 -7.06 -27.82
N GLN A 394 33.28 -7.82 -27.93
CA GLN A 394 32.22 -7.44 -28.85
C GLN A 394 31.50 -6.19 -28.38
N ARG A 395 31.28 -6.06 -27.08
CA ARG A 395 30.56 -4.89 -26.56
C ARG A 395 31.49 -3.75 -26.19
N ARG A 396 32.70 -4.04 -25.76
CA ARG A 396 33.63 -3.01 -25.27
C ARG A 396 32.97 -2.10 -24.22
N PRO A 397 32.54 -2.64 -23.09
CA PRO A 397 32.02 -1.76 -22.03
C PRO A 397 33.10 -0.82 -21.51
N SER A 398 32.71 0.43 -21.26
CA SER A 398 33.66 1.48 -20.89
C SER A 398 33.84 1.60 -19.39
N LEU A 399 34.09 0.49 -18.69
CA LEU A 399 34.53 0.49 -17.30
C LEU A 399 33.51 0.99 -16.29
N LYS A 400 32.32 1.39 -16.74
CA LYS A 400 31.16 1.62 -15.90
C LYS A 400 30.01 0.77 -16.36
N SER A 401 29.78 0.73 -17.67
CA SER A 401 28.91 -0.27 -18.27
C SER A 401 29.40 -1.68 -17.99
N LEU A 402 30.69 -1.83 -17.70
CA LEU A 402 31.22 -3.15 -17.36
C LEU A 402 30.68 -3.66 -16.04
N PHE A 403 30.25 -2.78 -15.15
CA PHE A 403 29.81 -3.16 -13.82
C PHE A 403 28.37 -2.80 -13.53
N VAL A 404 27.90 -1.63 -13.97
CA VAL A 404 26.52 -1.26 -13.67
C VAL A 404 25.52 -2.15 -14.38
N ASP A 405 25.93 -2.88 -15.40
CA ASP A 405 25.02 -3.71 -16.17
C ASP A 405 25.76 -4.94 -16.64
N SER A 406 25.01 -5.89 -17.19
CA SER A 406 25.57 -7.13 -17.70
C SER A 406 26.18 -7.96 -16.57
N TYR A 407 25.43 -8.09 -15.48
CA TYR A 407 25.96 -8.81 -14.33
C TYR A 407 26.15 -10.28 -14.62
N SER A 408 25.29 -10.87 -15.46
CA SER A 408 25.36 -12.31 -15.68
C SER A 408 26.69 -12.71 -16.30
N GLU A 409 27.15 -11.94 -17.28
CA GLU A 409 28.38 -12.28 -17.95
C GLU A 409 29.56 -12.16 -17.00
N ILE A 410 29.54 -11.13 -16.15
CA ILE A 410 30.61 -10.97 -15.18
C ILE A 410 30.62 -12.11 -14.19
N LEU A 411 29.46 -12.54 -13.71
CA LEU A 411 29.42 -13.63 -12.76
C LEU A 411 29.93 -14.92 -13.38
N PHE A 412 29.47 -15.24 -14.59
CA PHE A 412 29.96 -16.46 -15.24
C PHE A 412 31.45 -16.38 -15.49
N PHE A 413 31.94 -15.21 -15.91
CA PHE A 413 33.36 -15.07 -16.16
C PHE A 413 34.15 -15.24 -14.88
N VAL A 414 33.66 -14.67 -13.78
CA VAL A 414 34.37 -14.79 -12.51
C VAL A 414 34.42 -16.24 -12.08
N GLN A 415 33.32 -16.98 -12.27
CA GLN A 415 33.35 -18.40 -11.97
C GLN A 415 34.45 -19.09 -12.78
N SER A 416 34.51 -18.79 -14.07
CA SER A 416 35.52 -19.44 -14.89
C SER A 416 36.92 -19.05 -14.45
N LEU A 417 37.09 -17.80 -14.01
CA LEU A 417 38.40 -17.38 -13.50
C LEU A 417 38.79 -18.21 -12.30
N PHE A 418 37.84 -18.43 -11.40
CA PHE A 418 38.12 -19.25 -10.23
C PHE A 418 38.49 -20.66 -10.64
N MET A 419 37.81 -21.20 -11.65
CA MET A 419 38.17 -22.53 -12.14
C MET A 419 39.61 -22.55 -12.65
N LEU A 420 40.00 -21.54 -13.42
CA LEU A 420 41.35 -21.55 -13.97
C LEU A 420 42.39 -21.40 -12.88
N VAL A 421 42.11 -20.55 -11.89
CA VAL A 421 43.03 -20.43 -10.76
C VAL A 421 43.14 -21.75 -10.03
N SER A 422 42.03 -22.48 -9.93
CA SER A 422 42.08 -23.80 -9.33
C SER A 422 43.01 -24.71 -10.12
N VAL A 423 42.94 -24.65 -11.45
CA VAL A 423 43.82 -25.49 -12.26
C VAL A 423 45.27 -25.16 -12.01
N VAL A 424 45.60 -23.86 -12.03
CA VAL A 424 46.98 -23.43 -11.87
C VAL A 424 47.51 -23.88 -10.52
N LEU A 425 46.74 -23.68 -9.47
CA LEU A 425 47.18 -24.13 -8.15
C LEU A 425 47.32 -25.64 -8.11
N TYR A 426 46.42 -26.36 -8.78
CA TYR A 426 46.46 -27.82 -8.75
C TYR A 426 47.78 -28.33 -9.31
N PHE A 427 48.15 -27.85 -10.50
CA PHE A 427 49.39 -28.32 -11.09
C PHE A 427 50.62 -27.66 -10.50
N SER A 428 50.46 -26.59 -9.74
CA SER A 428 51.57 -25.98 -9.02
C SER A 428 51.87 -26.67 -7.70
N GLN A 429 51.24 -27.80 -7.42
CA GLN A 429 51.49 -28.54 -6.19
C GLN A 429 51.13 -27.71 -4.98
N ARG A 430 50.02 -26.99 -5.07
CA ARG A 430 49.48 -26.22 -3.95
C ARG A 430 48.12 -26.80 -3.59
N LYS A 431 47.92 -27.07 -2.30
CA LYS A 431 46.63 -27.56 -1.84
C LYS A 431 45.55 -26.50 -1.91
N GLU A 432 45.94 -25.22 -2.03
CA GLU A 432 44.97 -24.14 -2.11
C GLU A 432 44.09 -24.23 -3.35
N TYR A 433 44.38 -25.12 -4.29
CA TYR A 433 43.47 -25.35 -5.39
C TYR A 433 42.10 -25.78 -4.89
N VAL A 434 42.02 -26.38 -3.71
CA VAL A 434 40.69 -26.64 -3.15
C VAL A 434 39.95 -25.34 -2.94
N ALA A 435 40.62 -24.35 -2.35
CA ALA A 435 39.97 -23.12 -1.93
C ALA A 435 39.35 -22.41 -3.11
N SER A 436 40.07 -22.35 -4.23
CA SER A 436 39.47 -21.75 -5.43
C SER A 436 38.31 -22.57 -5.92
N MET A 437 38.47 -23.89 -5.97
CA MET A 437 37.50 -24.74 -6.64
C MET A 437 36.12 -24.59 -6.03
N VAL A 438 36.04 -24.64 -4.70
CA VAL A 438 34.74 -24.56 -4.05
C VAL A 438 34.07 -23.24 -4.37
N PHE A 439 34.84 -22.15 -4.42
CA PHE A 439 34.22 -20.88 -4.76
C PHE A 439 33.56 -20.97 -6.11
N SER A 440 34.30 -21.50 -7.09
CA SER A 440 33.73 -21.67 -8.42
C SER A 440 32.49 -22.53 -8.33
N LEU A 441 32.58 -23.65 -7.60
CA LEU A 441 31.45 -24.54 -7.48
C LEU A 441 30.26 -23.80 -6.90
N ALA A 442 30.50 -23.03 -5.83
CA ALA A 442 29.40 -22.30 -5.21
C ALA A 442 28.78 -21.34 -6.21
N MET A 443 29.62 -20.56 -6.89
CA MET A 443 29.07 -19.59 -7.81
C MET A 443 28.33 -20.29 -8.93
N GLY A 444 28.86 -21.43 -9.37
CA GLY A 444 28.22 -22.14 -10.45
C GLY A 444 26.79 -22.47 -10.11
N TRP A 445 26.56 -22.97 -8.90
CA TRP A 445 25.19 -23.35 -8.57
C TRP A 445 24.30 -22.13 -8.51
N THR A 446 24.79 -21.03 -7.95
CA THR A 446 23.96 -19.85 -7.90
C THR A 446 23.74 -19.30 -9.29
N ASN A 447 24.72 -19.45 -10.17
CA ASN A 447 24.53 -18.94 -11.51
C ASN A 447 23.47 -19.71 -12.27
N MET A 448 23.02 -20.84 -11.74
CA MET A 448 21.89 -21.54 -12.32
C MET A 448 20.67 -20.63 -12.43
N LEU A 449 20.54 -19.66 -11.52
CA LEU A 449 19.38 -18.78 -11.58
C LEU A 449 19.36 -17.95 -12.85
N TYR A 450 20.47 -17.85 -13.56
CA TYR A 450 20.48 -17.16 -14.85
C TYR A 450 19.43 -17.74 -15.78
N TYR A 451 19.18 -19.03 -15.68
CA TYR A 451 18.22 -19.65 -16.56
C TYR A 451 16.78 -19.50 -16.11
N THR A 452 16.52 -18.73 -15.06
CA THR A 452 15.13 -18.47 -14.71
C THR A 452 14.44 -17.61 -15.74
N ARG A 453 15.18 -16.83 -16.50
CA ARG A 453 14.59 -16.16 -17.65
C ARG A 453 14.11 -17.22 -18.63
N GLY A 454 13.10 -16.86 -19.41
CA GLY A 454 12.39 -17.82 -20.22
C GLY A 454 11.22 -18.47 -19.52
N PHE A 455 11.14 -18.36 -18.20
CA PHE A 455 9.98 -18.74 -17.43
C PHE A 455 9.42 -17.49 -16.79
N GLN A 456 8.15 -17.21 -17.08
CA GLN A 456 7.56 -15.91 -16.76
C GLN A 456 7.67 -15.60 -15.27
N GLN A 457 7.12 -16.44 -14.40
CA GLN A 457 7.14 -16.09 -12.99
C GLN A 457 8.54 -16.18 -12.42
N MET A 458 9.31 -17.17 -12.83
CA MET A 458 10.59 -17.37 -12.18
C MET A 458 11.60 -16.32 -12.60
N GLY A 459 11.59 -15.89 -13.86
CA GLY A 459 12.50 -14.85 -14.28
C GLY A 459 12.24 -13.55 -13.57
N ILE A 460 10.97 -13.21 -13.38
CA ILE A 460 10.62 -12.04 -12.61
C ILE A 460 11.15 -12.16 -11.20
N TYR A 461 11.00 -13.34 -10.61
CA TYR A 461 11.51 -13.55 -9.26
C TYR A 461 13.02 -13.31 -9.22
N ALA A 462 13.72 -13.79 -10.23
CA ALA A 462 15.17 -13.58 -10.29
C ALA A 462 15.51 -12.11 -10.43
N VAL A 463 14.77 -11.38 -11.25
CA VAL A 463 15.02 -9.96 -11.44
C VAL A 463 14.80 -9.22 -10.13
N MET A 464 13.73 -9.54 -9.41
CA MET A 464 13.51 -8.89 -8.14
C MET A 464 14.62 -9.20 -7.17
N ILE A 465 15.17 -10.42 -7.20
CA ILE A 465 16.30 -10.74 -6.34
C ILE A 465 17.49 -9.86 -6.71
N GLU A 466 17.75 -9.72 -8.02
CA GLU A 466 18.85 -8.88 -8.49
C GLU A 466 18.65 -7.46 -7.94
N LYS A 467 17.47 -6.86 -8.13
CA LYS A 467 17.26 -5.50 -7.68
C LYS A 467 17.38 -5.38 -6.17
N MET A 468 16.86 -6.36 -5.43
CA MET A 468 16.96 -6.32 -3.97
C MET A 468 18.41 -6.33 -3.54
N ILE A 469 19.21 -7.21 -4.12
CA ILE A 469 20.62 -7.28 -3.78
C ILE A 469 21.29 -5.94 -4.07
N LEU A 470 20.98 -5.35 -5.23
CA LEU A 470 21.69 -4.15 -5.61
C LEU A 470 21.32 -2.97 -4.74
N ARG A 471 20.04 -2.79 -4.41
CA ARG A 471 19.67 -1.63 -3.61
C ARG A 471 19.64 -1.93 -2.12
N ASP A 472 18.70 -2.77 -1.71
CA ASP A 472 18.35 -2.80 -0.30
C ASP A 472 19.39 -3.52 0.50
N LEU A 473 19.87 -4.64 -0.02
CA LEU A 473 20.89 -5.37 0.73
C LEU A 473 22.17 -4.56 0.81
N CYS A 474 22.53 -3.84 -0.24
CA CYS A 474 23.76 -3.05 -0.17
C CYS A 474 23.65 -1.97 0.88
N ARG A 475 22.56 -1.21 0.87
CA ARG A 475 22.43 -0.15 1.87
C ARG A 475 22.40 -0.74 3.28
N PHE A 476 21.59 -1.77 3.48
CA PHE A 476 21.48 -2.36 4.81
C PHE A 476 22.81 -2.91 5.27
N MET A 477 23.51 -3.63 4.40
CA MET A 477 24.74 -4.26 4.82
C MET A 477 25.77 -3.22 5.20
N PHE A 478 25.82 -2.11 4.47
CA PHE A 478 26.74 -1.06 4.88
C PHE A 478 26.42 -0.58 6.28
N VAL A 479 25.16 -0.24 6.54
CA VAL A 479 24.83 0.31 7.85
C VAL A 479 25.05 -0.72 8.95
N TYR A 480 24.62 -1.95 8.70
CA TYR A 480 24.77 -3.00 9.69
C TYR A 480 26.23 -3.25 9.99
N LEU A 481 27.08 -3.22 8.98
CA LEU A 481 28.49 -3.43 9.24
C LEU A 481 29.06 -2.29 10.05
N VAL A 482 28.58 -1.07 9.84
CA VAL A 482 29.02 0.03 10.69
C VAL A 482 28.67 -0.26 12.15
N PHE A 483 27.42 -0.66 12.38
CA PHE A 483 27.00 -0.94 13.76
C PHE A 483 27.80 -2.07 14.36
N LEU A 484 27.93 -3.16 13.61
CA LEU A 484 28.63 -4.34 14.10
C LEU A 484 30.05 -3.98 14.46
N PHE A 485 30.72 -3.25 13.58
CA PHE A 485 32.11 -2.95 13.85
C PHE A 485 32.25 -2.03 15.04
N GLY A 486 31.39 -1.02 15.15
CA GLY A 486 31.48 -0.13 16.29
C GLY A 486 31.32 -0.87 17.59
N PHE A 487 30.29 -1.70 17.68
CA PHE A 487 30.06 -2.39 18.95
C PHE A 487 31.09 -3.48 19.19
N SER A 488 31.58 -4.13 18.13
CA SER A 488 32.66 -5.10 18.33
C SER A 488 33.88 -4.42 18.91
N THR A 489 34.23 -3.26 18.40
CA THR A 489 35.40 -2.58 18.92
C THR A 489 35.18 -2.17 20.36
N ALA A 490 33.98 -1.69 20.68
CA ALA A 490 33.71 -1.33 22.06
C ALA A 490 33.83 -2.53 22.98
N VAL A 491 33.23 -3.65 22.62
CA VAL A 491 33.21 -4.78 23.52
C VAL A 491 34.60 -5.38 23.66
N VAL A 492 35.30 -5.57 22.55
CA VAL A 492 36.64 -6.16 22.65
C VAL A 492 37.57 -5.23 23.39
N THR A 493 37.34 -3.92 23.31
CA THR A 493 38.08 -3.04 24.19
C THR A 493 37.75 -3.31 25.65
N LEU A 494 36.48 -3.48 25.97
CA LEU A 494 36.12 -3.75 27.35
C LEU A 494 36.68 -5.09 27.81
N ILE A 495 36.66 -6.11 26.97
CA ILE A 495 37.18 -7.41 27.35
C ILE A 495 38.69 -7.33 27.46
N GLU A 496 39.24 -8.01 28.45
CA GLU A 496 40.68 -8.04 28.69
C GLU A 496 41.11 -9.44 29.12
N ASP A 497 42.10 -9.99 28.41
CA ASP A 497 42.71 -11.28 28.71
C ASP A 497 41.65 -12.36 28.95
N GLY A 498 40.74 -12.49 27.99
CA GLY A 498 39.80 -13.56 27.93
C GLY A 498 40.06 -14.44 26.73
N LYS A 499 39.21 -15.45 26.59
CA LYS A 499 39.30 -16.34 25.43
C LYS A 499 39.05 -15.55 24.15
N TYR A 500 38.09 -14.63 24.20
CA TYR A 500 37.69 -13.94 22.98
C TYR A 500 38.66 -12.81 22.68
N ASN A 501 38.65 -11.77 23.51
CA ASN A 501 39.73 -10.79 23.68
C ASN A 501 40.42 -10.36 22.39
N SER A 502 39.66 -10.37 21.29
CA SER A 502 40.23 -10.20 19.98
C SER A 502 39.10 -9.84 19.04
N LEU A 503 39.43 -9.12 17.98
CA LEU A 503 38.39 -8.54 17.15
C LEU A 503 37.62 -9.61 16.40
N TYR A 504 38.31 -10.63 15.89
CA TYR A 504 37.64 -11.62 15.07
C TYR A 504 36.57 -12.37 15.86
N SER A 505 36.93 -12.91 17.01
CA SER A 505 35.98 -13.68 17.79
C SER A 505 34.82 -12.81 18.25
N THR A 506 35.10 -11.58 18.66
CA THR A 506 34.02 -10.72 19.14
C THR A 506 33.08 -10.35 18.01
N CYS A 507 33.62 -10.03 16.83
CA CYS A 507 32.76 -9.74 15.69
C CYS A 507 31.88 -10.92 15.37
N LEU A 508 32.46 -12.13 15.36
CA LEU A 508 31.66 -13.32 15.09
C LEU A 508 30.59 -13.50 16.14
N GLU A 509 30.95 -13.29 17.40
CA GLU A 509 30.01 -13.57 18.46
C GLU A 509 28.86 -12.58 18.45
N LEU A 510 29.13 -11.32 18.13
CA LEU A 510 28.03 -10.37 17.99
C LEU A 510 27.19 -10.71 16.77
N PHE A 511 27.84 -11.13 15.69
CA PHE A 511 27.08 -11.49 14.49
C PHE A 511 26.11 -12.62 14.77
N LYS A 512 26.47 -13.52 15.69
CA LYS A 512 25.57 -14.61 16.03
C LYS A 512 24.21 -14.12 16.50
N PHE A 513 24.12 -12.90 17.04
CA PHE A 513 22.82 -12.37 17.43
C PHE A 513 21.91 -12.22 16.23
N THR A 514 22.45 -11.81 15.08
CA THR A 514 21.60 -11.58 13.92
C THR A 514 20.91 -12.86 13.48
N ILE A 515 21.58 -13.99 13.60
CA ILE A 515 21.02 -15.28 13.19
C ILE A 515 20.32 -15.95 14.36
N GLY A 516 20.00 -15.20 15.40
CA GLY A 516 19.28 -15.79 16.51
C GLY A 516 20.09 -16.81 17.29
N MET A 517 21.37 -16.55 17.50
CA MET A 517 22.23 -17.47 18.23
C MET A 517 23.19 -16.74 19.18
N GLY A 518 22.90 -15.50 19.51
CA GLY A 518 23.79 -14.76 20.39
C GLY A 518 23.65 -15.20 21.84
N ASP A 519 24.78 -15.45 22.49
CA ASP A 519 24.73 -16.04 23.83
C ASP A 519 24.29 -15.03 24.87
N LEU A 520 24.79 -13.79 24.78
CA LEU A 520 24.46 -12.70 25.70
C LEU A 520 25.14 -12.85 27.06
N GLU A 521 25.85 -13.94 27.31
CA GLU A 521 26.67 -14.10 28.51
C GLU A 521 27.96 -14.81 28.14
N PHE A 522 28.45 -14.55 26.93
CA PHE A 522 29.48 -15.41 26.36
C PHE A 522 30.81 -15.30 27.10
N THR A 523 30.98 -14.32 27.96
CA THR A 523 32.22 -14.20 28.71
C THR A 523 31.95 -13.46 30.01
N GLU A 524 32.84 -13.69 30.97
CA GLU A 524 32.88 -12.90 32.19
C GLU A 524 34.25 -12.29 32.43
N ASN A 525 35.16 -12.41 31.46
CA ASN A 525 36.51 -11.87 31.58
C ASN A 525 36.46 -10.37 31.32
N TYR A 526 36.01 -9.66 32.34
CA TYR A 526 36.01 -8.21 32.27
C TYR A 526 35.82 -7.67 33.67
N ASP A 527 35.82 -6.35 33.77
CA ASP A 527 35.22 -5.63 34.87
C ASP A 527 34.00 -4.92 34.32
N PHE A 528 33.20 -4.36 35.20
CA PHE A 528 32.05 -3.55 34.79
C PHE A 528 31.04 -4.37 33.98
N LYS A 529 30.39 -5.31 34.67
CA LYS A 529 29.37 -6.13 34.04
C LYS A 529 28.25 -5.26 33.48
N ALA A 530 27.89 -4.19 34.20
CA ALA A 530 26.79 -3.35 33.75
C ALA A 530 27.11 -2.70 32.42
N VAL A 531 28.34 -2.24 32.23
CA VAL A 531 28.68 -1.63 30.97
C VAL A 531 28.60 -2.64 29.84
N PHE A 532 29.12 -3.83 30.08
CA PHE A 532 29.12 -4.87 29.06
C PHE A 532 27.70 -5.21 28.64
N ILE A 533 26.83 -5.47 29.62
CA ILE A 533 25.48 -5.86 29.29
C ILE A 533 24.74 -4.72 28.62
N ILE A 534 25.01 -3.49 29.03
CA ILE A 534 24.38 -2.35 28.36
C ILE A 534 24.79 -2.30 26.90
N LEU A 535 26.07 -2.53 26.62
CA LEU A 535 26.52 -2.51 25.24
C LEU A 535 25.83 -3.58 24.44
N LEU A 536 25.74 -4.78 24.98
CA LEU A 536 25.11 -5.86 24.23
C LEU A 536 23.64 -5.58 24.01
N LEU A 537 22.93 -5.09 25.02
CA LEU A 537 21.51 -4.81 24.85
C LEU A 537 21.30 -3.70 23.83
N ALA A 538 22.15 -2.68 23.86
CA ALA A 538 22.05 -1.63 22.87
C ALA A 538 22.26 -2.17 21.47
N TYR A 539 23.27 -3.03 21.30
CA TYR A 539 23.51 -3.62 19.99
C TYR A 539 22.31 -4.45 19.55
N VAL A 540 21.77 -5.26 20.46
CA VAL A 540 20.67 -6.14 20.09
C VAL A 540 19.47 -5.34 19.66
N ILE A 541 19.12 -4.32 20.44
CA ILE A 541 17.96 -3.49 20.10
C ILE A 541 18.20 -2.80 18.76
N LEU A 542 19.37 -2.21 18.58
CA LEU A 542 19.61 -1.43 17.38
C LEU A 542 19.64 -2.31 16.13
N THR A 543 20.25 -3.48 16.22
CA THR A 543 20.39 -4.33 15.04
C THR A 543 19.23 -5.32 14.90
N TYR A 544 19.07 -6.19 15.88
CA TYR A 544 18.07 -7.25 15.72
C TYR A 544 16.67 -6.69 15.65
N ILE A 545 16.33 -5.79 16.55
CA ILE A 545 14.95 -5.29 16.60
C ILE A 545 14.72 -4.24 15.53
N LEU A 546 15.52 -3.19 15.54
CA LEU A 546 15.23 -2.06 14.67
C LEU A 546 15.62 -2.34 13.23
N LEU A 547 16.89 -2.70 13.02
CA LEU A 547 17.38 -2.72 11.65
C LEU A 547 16.74 -3.83 10.81
N LEU A 548 16.61 -5.03 11.35
CA LEU A 548 16.07 -6.10 10.51
C LEU A 548 14.63 -5.84 10.14
N ASN A 549 13.83 -5.40 11.09
CA ASN A 549 12.45 -5.08 10.77
C ASN A 549 12.38 -3.92 9.80
N MET A 550 13.31 -2.98 9.93
CA MET A 550 13.40 -1.90 8.97
C MET A 550 13.70 -2.42 7.58
N LEU A 551 14.64 -3.36 7.48
CA LEU A 551 14.97 -3.93 6.19
C LEU A 551 13.77 -4.59 5.56
N ILE A 552 13.02 -5.34 6.36
CA ILE A 552 11.83 -6.02 5.85
C ILE A 552 10.84 -4.99 5.32
N ALA A 553 10.60 -3.93 6.09
CA ALA A 553 9.67 -2.90 5.67
C ALA A 553 10.11 -2.25 4.36
N LEU A 554 11.40 -1.99 4.23
CA LEU A 554 11.86 -1.35 3.00
C LEU A 554 11.78 -2.29 1.81
N MET A 555 12.06 -3.58 2.01
CA MET A 555 11.86 -4.50 0.91
C MET A 555 10.41 -4.55 0.51
N GLY A 556 9.52 -4.51 1.48
CA GLY A 556 8.10 -4.50 1.17
C GLY A 556 7.70 -3.27 0.38
N GLU A 557 8.27 -2.13 0.73
CA GLU A 557 8.04 -0.93 -0.07
C GLU A 557 8.61 -1.10 -1.47
N THR A 558 9.76 -1.75 -1.58
CA THR A 558 10.43 -1.85 -2.87
C THR A 558 9.61 -2.70 -3.84
N VAL A 559 9.21 -3.90 -3.42
CA VAL A 559 8.43 -4.76 -4.31
C VAL A 559 7.15 -4.09 -4.75
N ASN A 560 6.60 -3.23 -3.90
CA ASN A 560 5.39 -2.51 -4.25
C ASN A 560 5.59 -1.63 -5.46
N LYS A 561 6.82 -1.25 -5.79
CA LYS A 561 7.09 -0.29 -6.83
C LYS A 561 7.77 -0.89 -8.06
N ILE A 562 8.40 -2.05 -7.97
CA ILE A 562 9.23 -2.56 -9.05
C ILE A 562 8.52 -3.67 -9.84
N ALA A 563 7.20 -3.78 -9.73
CA ALA A 563 6.51 -4.84 -10.44
C ALA A 563 6.64 -4.66 -11.95
N GLN A 564 6.18 -3.53 -12.47
CA GLN A 564 6.19 -3.35 -13.91
C GLN A 564 7.60 -3.20 -14.42
N GLU A 565 8.48 -2.59 -13.64
CA GLU A 565 9.89 -2.56 -13.99
C GLU A 565 10.44 -3.97 -14.13
N SER A 566 10.04 -4.85 -13.23
CA SER A 566 10.48 -6.24 -13.33
C SER A 566 9.96 -6.87 -14.60
N LYS A 567 8.70 -6.60 -14.96
CA LYS A 567 8.17 -7.17 -16.19
C LYS A 567 8.96 -6.72 -17.39
N ASN A 568 9.26 -5.43 -17.47
CA ASN A 568 10.02 -4.92 -18.61
C ASN A 568 11.41 -5.54 -18.64
N ILE A 569 12.06 -5.66 -17.48
CA ILE A 569 13.42 -6.18 -17.48
C ILE A 569 13.44 -7.65 -17.87
N TRP A 570 12.46 -8.42 -17.41
CA TRP A 570 12.41 -9.82 -17.83
C TRP A 570 12.21 -9.93 -19.32
N LYS A 571 11.30 -9.13 -19.87
CA LYS A 571 11.10 -9.18 -21.32
C LYS A 571 12.37 -8.82 -22.05
N LEU A 572 13.13 -7.87 -21.52
CA LEU A 572 14.39 -7.50 -22.15
C LEU A 572 15.40 -8.64 -22.07
N GLN A 573 15.47 -9.33 -20.94
CA GLN A 573 16.38 -10.45 -20.82
C GLN A 573 16.02 -11.55 -21.81
N ARG A 574 14.72 -11.79 -21.97
CA ARG A 574 14.29 -12.74 -22.99
C ARG A 574 14.72 -12.28 -24.37
N ALA A 575 14.61 -10.98 -24.63
CA ALA A 575 14.97 -10.47 -25.95
C ALA A 575 16.44 -10.68 -26.24
N ILE A 576 17.31 -10.33 -25.30
CA ILE A 576 18.74 -10.48 -25.54
C ILE A 576 19.10 -11.95 -25.70
N THR A 577 18.43 -12.82 -24.94
CA THR A 577 18.65 -14.25 -25.14
C THR A 577 18.29 -14.66 -26.55
N ILE A 578 17.15 -14.19 -27.04
CA ILE A 578 16.72 -14.53 -28.39
C ILE A 578 17.74 -14.06 -29.42
N LEU A 579 18.21 -12.83 -29.27
CA LEU A 579 19.13 -12.29 -30.25
C LEU A 579 20.45 -13.05 -30.23
N ASP A 580 20.95 -13.39 -29.04
CA ASP A 580 22.19 -14.17 -29.00
C ASP A 580 22.00 -15.52 -29.66
N THR A 581 20.87 -16.18 -29.40
CA THR A 581 20.64 -17.49 -29.99
C THR A 581 20.62 -17.38 -31.51
N GLU A 582 19.86 -16.43 -32.04
CA GLU A 582 19.74 -16.33 -33.48
C GLU A 582 21.04 -15.88 -34.13
N LYS A 583 21.85 -15.12 -33.40
CA LYS A 583 23.11 -14.67 -33.97
C LYS A 583 24.16 -15.75 -33.96
N SER A 584 24.15 -16.62 -32.95
CA SER A 584 25.15 -17.69 -32.91
C SER A 584 24.79 -18.80 -33.88
N PHE A 585 23.72 -19.55 -33.59
CA PHE A 585 22.91 -20.42 -34.43
C PHE A 585 23.62 -21.66 -34.98
N LEU A 586 24.95 -21.67 -35.03
CA LEU A 586 25.80 -22.85 -35.13
C LEU A 586 25.44 -23.82 -36.26
N LYS A 587 24.55 -23.45 -37.21
CA LYS A 587 24.07 -24.38 -38.22
C LYS A 587 23.73 -23.73 -39.56
N CYS A 588 23.99 -22.43 -39.74
CA CYS A 588 23.56 -21.71 -40.94
C CYS A 588 22.06 -21.87 -41.18
N MET A 589 21.27 -21.76 -40.12
CA MET A 589 19.83 -21.88 -40.20
C MET A 589 19.23 -20.54 -40.58
N ARG A 590 18.43 -20.55 -41.66
CA ARG A 590 17.68 -19.37 -42.09
C ARG A 590 16.26 -19.35 -41.58
N LYS A 591 15.76 -20.45 -41.01
CA LYS A 591 14.38 -20.50 -40.57
C LYS A 591 14.09 -19.52 -39.44
N ALA A 592 15.12 -19.00 -38.77
CA ALA A 592 14.91 -17.98 -37.76
C ALA A 592 14.23 -16.74 -38.31
N PHE A 593 14.34 -16.49 -39.61
CA PHE A 593 13.73 -15.32 -40.25
C PHE A 593 12.28 -15.62 -40.55
N ARG A 594 11.38 -14.99 -39.79
CA ARG A 594 9.96 -15.35 -39.80
C ARG A 594 9.12 -14.47 -40.72
N SER A 595 7.81 -14.64 -40.62
CA SER A 595 6.78 -13.70 -41.09
C SER A 595 6.48 -13.76 -42.58
N GLY A 596 7.30 -14.47 -43.35
CA GLY A 596 6.90 -14.79 -44.71
C GLY A 596 6.97 -13.61 -45.65
N LYS A 597 7.54 -13.84 -46.83
CA LYS A 597 7.71 -12.80 -47.85
C LYS A 597 6.35 -12.54 -48.47
N LEU A 598 5.56 -11.72 -47.80
CA LEU A 598 4.22 -11.38 -48.26
C LEU A 598 4.25 -10.08 -49.05
N LEU A 599 3.29 -9.94 -49.96
CA LEU A 599 3.10 -8.70 -50.69
C LEU A 599 2.16 -7.80 -49.88
N GLN A 600 2.61 -6.58 -49.61
CA GLN A 600 1.80 -5.65 -48.82
C GLN A 600 0.79 -4.93 -49.72
N VAL A 601 1.30 -4.17 -50.67
CA VAL A 601 0.50 -3.27 -51.50
C VAL A 601 0.49 -3.71 -52.95
N GLY A 602 1.66 -4.10 -53.47
CA GLY A 602 1.79 -4.41 -54.87
C GLY A 602 1.92 -3.20 -55.77
N PHE A 603 1.98 -2.00 -55.21
CA PHE A 603 2.02 -0.75 -55.99
C PHE A 603 3.05 0.16 -55.34
N THR A 604 4.27 0.10 -55.86
CA THR A 604 5.35 1.00 -55.50
C THR A 604 5.17 2.29 -56.29
N PRO A 605 6.04 3.30 -56.11
CA PRO A 605 5.98 4.48 -57.00
C PRO A 605 6.11 4.13 -58.46
N ASP A 606 6.81 3.05 -58.78
CA ASP A 606 6.85 2.49 -60.11
C ASP A 606 5.83 1.36 -60.17
N GLY A 607 5.77 0.67 -61.31
CA GLY A 607 4.80 -0.39 -61.43
C GLY A 607 5.13 -1.65 -60.68
N LYS A 608 6.30 -1.71 -60.05
CA LYS A 608 6.70 -2.92 -59.36
C LYS A 608 5.85 -3.16 -58.13
N ASP A 609 5.87 -4.40 -57.66
CA ASP A 609 5.18 -4.85 -56.46
C ASP A 609 6.18 -5.03 -55.34
N ASP A 610 5.71 -4.83 -54.12
CA ASP A 610 6.56 -4.79 -52.94
C ASP A 610 6.25 -5.99 -52.05
N TYR A 611 7.29 -6.79 -51.78
CA TYR A 611 7.21 -7.88 -50.83
C TYR A 611 8.06 -7.50 -49.61
N ARG A 612 7.43 -7.48 -48.43
CA ARG A 612 7.97 -6.73 -47.30
C ARG A 612 8.05 -7.52 -46.01
N TRP A 613 7.94 -8.85 -46.06
CA TRP A 613 8.14 -9.70 -44.89
C TRP A 613 7.25 -9.29 -43.73
N CYS A 614 5.96 -9.20 -44.00
CA CYS A 614 5.07 -8.66 -42.99
C CYS A 614 4.71 -9.73 -41.96
N PHE A 615 4.41 -9.27 -40.75
CA PHE A 615 4.00 -10.11 -39.64
C PHE A 615 2.54 -9.84 -39.35
N ARG A 616 1.73 -10.90 -39.31
CA ARG A 616 0.29 -10.77 -39.23
C ARG A 616 -0.16 -10.71 -37.78
N VAL A 617 -1.10 -9.81 -37.51
CA VAL A 617 -1.69 -9.65 -36.19
C VAL A 617 -3.18 -9.45 -36.37
N ASP A 618 -3.98 -10.33 -35.76
CA ASP A 618 -5.43 -10.24 -35.85
C ASP A 618 -6.00 -9.54 -34.62
N GLU A 619 -6.94 -8.63 -34.84
CA GLU A 619 -7.49 -7.82 -33.77
C GLU A 619 -8.99 -7.62 -34.00
N VAL A 620 -9.74 -7.57 -32.90
CA VAL A 620 -11.19 -7.45 -32.93
C VAL A 620 -11.59 -6.19 -32.19
N ASN A 621 -12.48 -5.40 -32.80
CA ASN A 621 -12.96 -4.17 -32.19
C ASN A 621 -14.45 -3.99 -32.48
N TRP A 622 -15.23 -3.76 -31.43
CA TRP A 622 -16.67 -3.64 -31.53
C TRP A 622 -17.14 -2.20 -31.58
N THR A 623 -16.27 -1.28 -31.99
CA THR A 623 -16.63 0.10 -32.28
C THR A 623 -16.10 0.43 -33.66
N THR A 624 -16.59 1.54 -34.22
CA THR A 624 -16.26 1.95 -35.57
C THR A 624 -16.64 0.85 -36.57
N TRP A 625 -17.92 0.55 -36.60
CA TRP A 625 -18.46 -0.43 -37.52
C TRP A 625 -18.36 0.06 -38.97
N TYR B 90 -20.23 -19.58 -52.15
CA TYR B 90 -18.93 -20.21 -52.08
C TYR B 90 -19.06 -21.69 -51.85
N THR B 91 -18.16 -22.46 -52.46
CA THR B 91 -18.12 -23.91 -52.29
C THR B 91 -16.92 -24.39 -51.49
N ASP B 92 -15.85 -23.61 -51.44
CA ASP B 92 -14.65 -24.06 -50.73
C ASP B 92 -14.91 -24.12 -49.23
N SER B 93 -14.17 -25.01 -48.56
CA SER B 93 -14.40 -25.26 -47.15
C SER B 93 -14.10 -24.06 -46.27
N TYR B 94 -13.40 -23.05 -46.79
CA TYR B 94 -13.03 -21.89 -45.99
C TYR B 94 -14.17 -20.88 -45.88
N TYR B 95 -14.82 -20.55 -46.99
CA TYR B 95 -15.97 -19.65 -47.01
C TYR B 95 -17.27 -20.40 -47.27
N LYS B 96 -17.32 -21.72 -47.00
CA LYS B 96 -18.45 -22.55 -47.36
C LYS B 96 -19.77 -22.00 -46.84
N GLY B 97 -20.74 -21.88 -47.73
CA GLY B 97 -22.06 -21.42 -47.38
C GLY B 97 -22.27 -19.92 -47.44
N GLN B 98 -21.20 -19.14 -47.56
CA GLN B 98 -21.36 -17.70 -47.65
C GLN B 98 -22.05 -17.36 -48.96
N THR B 99 -22.97 -16.40 -48.91
CA THR B 99 -23.67 -15.94 -50.10
C THR B 99 -23.74 -14.41 -50.09
N ALA B 100 -24.40 -13.88 -51.11
CA ALA B 100 -24.47 -12.43 -51.28
C ALA B 100 -25.16 -11.77 -50.10
N LEU B 101 -26.14 -12.43 -49.50
CA LEU B 101 -26.87 -11.83 -48.39
C LEU B 101 -25.95 -11.60 -47.20
N HIS B 102 -25.08 -12.56 -46.90
CA HIS B 102 -24.11 -12.38 -45.83
C HIS B 102 -23.23 -11.17 -46.11
N ILE B 103 -22.80 -11.03 -47.36
CA ILE B 103 -21.93 -9.92 -47.73
C ILE B 103 -22.67 -8.61 -47.57
N ALA B 104 -23.93 -8.56 -48.00
CA ALA B 104 -24.71 -7.34 -47.84
C ALA B 104 -24.84 -6.96 -46.37
N ILE B 105 -25.10 -7.95 -45.51
CA ILE B 105 -25.32 -7.66 -44.10
C ILE B 105 -24.04 -7.13 -43.46
N GLU B 106 -22.93 -7.83 -43.68
CA GLU B 106 -21.70 -7.41 -43.02
C GLU B 106 -21.24 -6.05 -43.53
N ARG B 107 -21.55 -5.74 -44.79
CA ARG B 107 -21.27 -4.42 -45.33
C ARG B 107 -22.21 -3.36 -44.80
N ARG B 108 -23.24 -3.75 -44.04
CA ARG B 108 -24.17 -2.80 -43.44
C ARG B 108 -24.91 -2.00 -44.51
N ASN B 109 -25.22 -2.66 -45.61
CA ASN B 109 -25.93 -2.06 -46.75
C ASN B 109 -27.36 -2.58 -46.70
N MET B 110 -28.24 -1.78 -46.12
CA MET B 110 -29.66 -2.14 -46.07
C MET B 110 -30.22 -2.38 -47.46
N THR B 111 -29.77 -1.59 -48.43
CA THR B 111 -30.35 -1.67 -49.77
C THR B 111 -30.07 -3.00 -50.44
N LEU B 112 -28.82 -3.48 -50.36
CA LEU B 112 -28.49 -4.76 -50.96
C LEU B 112 -29.24 -5.89 -50.27
N VAL B 113 -29.38 -5.81 -48.95
CA VAL B 113 -30.13 -6.82 -48.21
C VAL B 113 -31.57 -6.86 -48.71
N THR B 114 -32.19 -5.68 -48.80
CA THR B 114 -33.58 -5.63 -49.23
C THR B 114 -33.73 -6.13 -50.66
N LEU B 115 -32.77 -5.77 -51.51
CA LEU B 115 -32.82 -6.20 -52.91
C LEU B 115 -32.69 -7.71 -53.03
N LEU B 116 -31.71 -8.28 -52.32
CA LEU B 116 -31.48 -9.72 -52.42
C LEU B 116 -32.65 -10.50 -51.85
N VAL B 117 -33.21 -10.05 -50.73
CA VAL B 117 -34.40 -10.70 -50.20
C VAL B 117 -35.56 -10.56 -51.18
N GLU B 118 -35.68 -9.39 -51.81
CA GLU B 118 -36.73 -9.18 -52.80
C GLU B 118 -36.58 -10.14 -53.98
N ASN B 119 -35.34 -10.45 -54.36
CA ASN B 119 -35.09 -11.34 -55.47
C ASN B 119 -35.16 -12.82 -55.09
N GLY B 120 -35.54 -13.14 -53.86
CA GLY B 120 -35.64 -14.52 -53.44
C GLY B 120 -34.35 -15.11 -52.89
N ALA B 121 -33.49 -14.29 -52.31
CA ALA B 121 -32.32 -14.82 -51.60
C ALA B 121 -32.78 -15.68 -50.43
N ASP B 122 -32.00 -16.72 -50.15
CA ASP B 122 -32.34 -17.66 -49.09
C ASP B 122 -31.91 -17.06 -47.75
N VAL B 123 -32.89 -16.61 -46.97
CA VAL B 123 -32.62 -15.99 -45.68
C VAL B 123 -32.09 -17.00 -44.67
N GLN B 124 -32.25 -18.30 -44.94
CA GLN B 124 -31.83 -19.35 -44.03
C GLN B 124 -30.55 -20.03 -44.46
N ALA B 125 -29.84 -19.50 -45.46
CA ALA B 125 -28.61 -20.11 -45.93
C ALA B 125 -27.54 -20.01 -44.84
N ALA B 126 -26.94 -21.14 -44.49
CA ALA B 126 -25.98 -21.21 -43.41
C ALA B 126 -24.57 -21.05 -43.96
N ALA B 127 -23.86 -20.02 -43.48
CA ALA B 127 -22.45 -19.85 -43.80
C ALA B 127 -21.65 -20.65 -42.79
N ASN B 128 -21.26 -21.87 -43.19
CA ASN B 128 -20.65 -22.84 -42.30
C ASN B 128 -19.22 -23.17 -42.71
N GLY B 129 -18.56 -22.27 -43.42
CA GLY B 129 -17.16 -22.46 -43.70
C GLY B 129 -16.32 -22.32 -42.45
N ASP B 130 -15.10 -22.85 -42.53
CA ASP B 130 -14.20 -22.79 -41.38
C ASP B 130 -13.90 -21.35 -40.99
N PHE B 131 -13.91 -20.45 -41.96
CA PHE B 131 -13.74 -19.04 -41.65
C PHE B 131 -14.84 -18.51 -40.75
N PHE B 132 -16.00 -19.17 -40.71
CA PHE B 132 -17.11 -18.73 -39.87
C PHE B 132 -17.27 -19.58 -38.63
N LYS B 133 -16.20 -20.22 -38.17
CA LYS B 133 -16.21 -21.04 -36.97
C LYS B 133 -15.27 -20.45 -35.93
N LYS B 134 -15.35 -20.99 -34.71
CA LYS B 134 -14.56 -20.48 -33.61
C LYS B 134 -13.07 -20.58 -33.90
N THR B 135 -12.54 -21.81 -33.90
CA THR B 135 -11.19 -22.13 -34.37
C THR B 135 -10.11 -21.16 -33.88
N LYS B 136 -9.87 -21.15 -32.56
CA LYS B 136 -9.02 -20.13 -31.93
C LYS B 136 -7.64 -20.02 -32.55
N GLY B 137 -7.11 -21.09 -33.13
CA GLY B 137 -5.82 -21.09 -33.77
C GLY B 137 -5.84 -20.67 -35.23
N ARG B 138 -6.97 -20.22 -35.74
CA ARG B 138 -7.13 -19.80 -37.13
C ARG B 138 -7.89 -18.49 -37.15
N PRO B 139 -7.80 -17.74 -38.24
CA PRO B 139 -8.69 -16.57 -38.38
C PRO B 139 -10.12 -17.01 -38.64
N GLY B 140 -11.05 -16.16 -38.24
CA GLY B 140 -12.44 -16.39 -38.50
C GLY B 140 -13.30 -15.54 -37.59
N PHE B 141 -14.60 -15.68 -37.76
CA PHE B 141 -15.57 -14.96 -36.95
C PHE B 141 -16.82 -15.82 -36.85
N TYR B 142 -17.06 -16.38 -35.67
CA TYR B 142 -18.25 -17.19 -35.45
C TYR B 142 -19.43 -16.30 -35.11
N PHE B 143 -20.51 -16.46 -35.87
CA PHE B 143 -21.71 -15.66 -35.67
C PHE B 143 -22.97 -16.50 -35.72
N GLY B 144 -22.87 -17.82 -35.60
CA GLY B 144 -24.03 -18.68 -35.72
C GLY B 144 -24.38 -19.07 -37.14
N GLU B 145 -23.62 -18.60 -38.12
CA GLU B 145 -23.71 -19.05 -39.51
C GLU B 145 -24.92 -18.53 -40.26
N LEU B 146 -25.83 -17.83 -39.57
CA LEU B 146 -27.09 -17.47 -40.21
C LEU B 146 -27.17 -15.97 -40.48
N PRO B 147 -27.86 -15.53 -41.54
CA PRO B 147 -27.99 -14.08 -41.75
C PRO B 147 -28.66 -13.36 -40.60
N LEU B 148 -29.68 -13.96 -39.99
CA LEU B 148 -30.34 -13.30 -38.87
C LEU B 148 -29.37 -13.15 -37.71
N SER B 149 -28.65 -14.22 -37.40
CA SER B 149 -27.63 -14.14 -36.36
C SER B 149 -26.53 -13.17 -36.76
N LEU B 150 -26.24 -13.07 -38.06
CA LEU B 150 -25.24 -12.11 -38.51
C LEU B 150 -25.68 -10.69 -38.22
N ALA B 151 -26.93 -10.36 -38.56
CA ALA B 151 -27.42 -9.01 -38.33
C ALA B 151 -27.48 -8.71 -36.85
N ALA B 152 -27.95 -9.68 -36.06
CA ALA B 152 -28.07 -9.44 -34.62
C ALA B 152 -26.70 -9.25 -33.99
N CYS B 153 -25.72 -10.06 -34.40
CA CYS B 153 -24.39 -9.95 -33.84
C CYS B 153 -23.72 -8.62 -34.16
N THR B 154 -24.10 -7.96 -35.25
CA THR B 154 -23.44 -6.75 -35.69
C THR B 154 -24.18 -5.49 -35.30
N ASN B 155 -25.14 -5.59 -34.37
CA ASN B 155 -25.86 -4.44 -33.85
C ASN B 155 -26.60 -3.73 -34.97
N GLN B 156 -27.25 -4.51 -35.84
CA GLN B 156 -28.05 -3.99 -36.95
C GLN B 156 -29.48 -4.44 -36.70
N LEU B 157 -30.21 -3.65 -35.93
CA LEU B 157 -31.57 -4.01 -35.56
C LEU B 157 -32.50 -3.97 -36.75
N ALA B 158 -32.31 -2.99 -37.65
CA ALA B 158 -33.22 -2.81 -38.76
C ALA B 158 -33.24 -4.04 -39.66
N ILE B 159 -32.07 -4.60 -39.93
CA ILE B 159 -32.00 -5.78 -40.78
C ILE B 159 -32.63 -6.97 -40.08
N VAL B 160 -32.46 -7.07 -38.76
CA VAL B 160 -33.11 -8.13 -38.01
C VAL B 160 -34.61 -8.05 -38.18
N LYS B 161 -35.17 -6.86 -37.95
CA LYS B 161 -36.61 -6.70 -38.07
C LYS B 161 -37.07 -6.99 -39.48
N PHE B 162 -36.31 -6.55 -40.47
CA PHE B 162 -36.67 -6.81 -41.85
C PHE B 162 -36.69 -8.31 -42.14
N LEU B 163 -35.61 -9.00 -41.79
CA LEU B 163 -35.51 -10.43 -42.08
C LEU B 163 -36.63 -11.21 -41.39
N LEU B 164 -37.02 -10.79 -40.20
CA LEU B 164 -38.13 -11.47 -39.53
C LEU B 164 -39.49 -11.08 -40.11
N GLN B 165 -39.62 -9.87 -40.65
CA GLN B 165 -40.92 -9.31 -41.02
C GLN B 165 -40.90 -8.71 -42.41
N ASN B 166 -40.14 -9.28 -43.34
CA ASN B 166 -40.23 -8.86 -44.73
C ASN B 166 -41.40 -9.59 -45.38
N SER B 167 -41.87 -9.02 -46.49
CA SER B 167 -43.06 -9.56 -47.13
C SER B 167 -42.76 -10.81 -47.93
N TRP B 168 -41.55 -10.94 -48.49
CA TRP B 168 -41.28 -12.01 -49.44
C TRP B 168 -40.98 -13.33 -48.75
N GLN B 169 -40.08 -13.30 -47.77
CA GLN B 169 -39.61 -14.50 -47.11
C GLN B 169 -39.14 -14.15 -45.70
N PRO B 170 -39.99 -14.21 -44.69
CA PRO B 170 -39.49 -13.95 -43.33
C PRO B 170 -38.56 -15.05 -42.86
N ALA B 171 -37.62 -14.66 -42.00
CA ALA B 171 -36.62 -15.60 -41.50
C ALA B 171 -37.15 -16.37 -40.29
N ASP B 172 -36.57 -17.55 -40.07
CA ASP B 172 -36.98 -18.43 -38.98
C ASP B 172 -36.20 -18.03 -37.73
N ILE B 173 -36.91 -17.41 -36.78
CA ILE B 173 -36.26 -16.95 -35.57
C ILE B 173 -35.75 -18.10 -34.73
N SER B 174 -36.34 -19.28 -34.85
CA SER B 174 -35.98 -20.44 -34.05
C SER B 174 -34.98 -21.35 -34.74
N ALA B 175 -34.44 -20.94 -35.87
CA ALA B 175 -33.46 -21.76 -36.56
C ALA B 175 -32.23 -21.98 -35.69
N ARG B 176 -31.53 -23.08 -35.96
CA ARG B 176 -30.36 -23.48 -35.21
C ARG B 176 -29.24 -23.84 -36.18
N ASP B 177 -28.02 -23.44 -35.84
CA ASP B 177 -26.89 -23.64 -36.72
C ASP B 177 -26.51 -25.12 -36.75
N SER B 178 -25.39 -25.43 -37.37
CA SER B 178 -24.87 -26.79 -37.33
C SER B 178 -24.62 -27.25 -35.91
N VAL B 179 -24.17 -26.35 -35.04
CA VAL B 179 -23.89 -26.69 -33.65
C VAL B 179 -25.17 -26.82 -32.82
N GLY B 180 -26.32 -26.43 -33.37
CA GLY B 180 -27.55 -26.33 -32.62
C GLY B 180 -27.74 -24.98 -31.96
N ASN B 181 -26.79 -24.07 -32.09
CA ASN B 181 -26.90 -22.74 -31.51
C ASN B 181 -27.83 -21.89 -32.35
N THR B 182 -28.81 -21.27 -31.70
CA THR B 182 -29.71 -20.34 -32.33
C THR B 182 -29.18 -18.93 -32.13
N VAL B 183 -30.00 -17.93 -32.48
CA VAL B 183 -29.55 -16.54 -32.45
C VAL B 183 -29.16 -16.13 -31.04
N LEU B 184 -29.91 -16.56 -30.04
CA LEU B 184 -29.57 -16.17 -28.67
C LEU B 184 -28.26 -16.79 -28.24
N HIS B 185 -27.99 -18.02 -28.66
CA HIS B 185 -26.71 -18.63 -28.35
C HIS B 185 -25.59 -17.82 -28.95
N ALA B 186 -25.76 -17.35 -30.18
CA ALA B 186 -24.75 -16.50 -30.79
C ALA B 186 -24.59 -15.19 -30.02
N LEU B 187 -25.70 -14.59 -29.60
CA LEU B 187 -25.64 -13.34 -28.86
C LEU B 187 -24.86 -13.53 -27.58
N VAL B 188 -25.08 -14.66 -26.90
CA VAL B 188 -24.29 -14.98 -25.73
C VAL B 188 -22.82 -15.11 -26.11
N GLU B 189 -22.54 -15.78 -27.23
CA GLU B 189 -21.17 -16.04 -27.62
C GLU B 189 -20.40 -14.75 -27.83
N VAL B 190 -21.01 -13.76 -28.47
CA VAL B 190 -20.27 -12.56 -28.81
C VAL B 190 -20.05 -11.64 -27.61
N ALA B 191 -20.66 -11.92 -26.47
CA ALA B 191 -20.41 -11.09 -25.30
C ALA B 191 -18.96 -11.22 -24.84
N ASP B 192 -18.44 -10.15 -24.23
CA ASP B 192 -17.12 -10.17 -23.61
C ASP B 192 -17.07 -9.35 -22.33
N ASN B 193 -18.22 -8.96 -21.77
CA ASN B 193 -18.32 -8.29 -20.48
C ASN B 193 -17.70 -6.89 -20.48
N THR B 194 -17.50 -6.29 -21.64
CA THR B 194 -17.19 -4.87 -21.71
C THR B 194 -18.49 -4.08 -21.72
N VAL B 195 -18.42 -2.82 -21.30
CA VAL B 195 -19.62 -2.04 -21.09
C VAL B 195 -20.37 -1.85 -22.41
N ASP B 196 -19.66 -1.42 -23.44
CA ASP B 196 -20.31 -1.11 -24.70
C ASP B 196 -20.82 -2.38 -25.38
N ASN B 197 -20.01 -3.43 -25.41
CA ASN B 197 -20.42 -4.69 -26.01
C ASN B 197 -21.62 -5.26 -25.29
N THR B 198 -21.55 -5.27 -23.96
CA THR B 198 -22.65 -5.79 -23.15
C THR B 198 -23.92 -5.01 -23.37
N LYS B 199 -23.81 -3.69 -23.46
CA LYS B 199 -24.99 -2.85 -23.61
C LYS B 199 -25.79 -3.24 -24.84
N PHE B 200 -25.14 -3.25 -26.00
CA PHE B 200 -25.89 -3.54 -27.21
C PHE B 200 -26.28 -5.00 -27.29
N VAL B 201 -25.47 -5.92 -26.76
CA VAL B 201 -25.87 -7.32 -26.84
C VAL B 201 -27.10 -7.56 -25.99
N THR B 202 -27.16 -6.96 -24.81
CA THR B 202 -28.36 -7.07 -23.99
C THR B 202 -29.56 -6.43 -24.67
N SER B 203 -29.37 -5.26 -25.28
CA SER B 203 -30.51 -4.63 -25.93
C SER B 203 -31.01 -5.47 -27.10
N MET B 204 -30.09 -6.02 -27.88
CA MET B 204 -30.49 -6.88 -28.99
C MET B 204 -31.19 -8.12 -28.48
N TYR B 205 -30.70 -8.70 -27.39
CA TYR B 205 -31.36 -9.86 -26.80
C TYR B 205 -32.79 -9.51 -26.43
N ASN B 206 -32.96 -8.33 -25.84
CA ASN B 206 -34.29 -7.86 -25.46
C ASN B 206 -35.19 -7.77 -26.68
N GLU B 207 -34.71 -7.14 -27.75
CA GLU B 207 -35.54 -6.95 -28.93
C GLU B 207 -35.89 -8.28 -29.56
N ILE B 208 -34.94 -9.21 -29.61
CA ILE B 208 -35.22 -10.53 -30.18
C ILE B 208 -36.32 -11.21 -29.38
N LEU B 209 -36.27 -11.11 -28.05
CA LEU B 209 -37.32 -11.75 -27.28
C LEU B 209 -38.67 -11.12 -27.55
N ILE B 210 -38.70 -9.80 -27.68
CA ILE B 210 -39.97 -9.13 -27.97
C ILE B 210 -40.52 -9.61 -29.31
N LEU B 211 -39.66 -9.67 -30.33
CA LEU B 211 -40.11 -10.11 -31.64
C LEU B 211 -40.54 -11.57 -31.61
N GLY B 212 -39.82 -12.42 -30.89
CA GLY B 212 -40.23 -13.81 -30.80
C GLY B 212 -41.60 -13.94 -30.17
N ALA B 213 -41.86 -13.14 -29.14
CA ALA B 213 -43.19 -13.16 -28.55
C ALA B 213 -44.24 -12.70 -29.55
N LYS B 214 -43.95 -11.66 -30.31
CA LYS B 214 -44.97 -11.07 -31.15
C LYS B 214 -45.28 -11.97 -32.35
N LEU B 215 -44.26 -12.59 -32.93
CA LEU B 215 -44.48 -13.43 -34.10
C LEU B 215 -44.96 -14.81 -33.71
N HIS B 216 -44.40 -15.37 -32.65
CA HIS B 216 -44.64 -16.77 -32.25
C HIS B 216 -44.90 -16.78 -30.76
N PRO B 217 -46.12 -16.43 -30.34
CA PRO B 217 -46.42 -16.41 -28.90
C PRO B 217 -46.19 -17.74 -28.22
N THR B 218 -46.37 -18.85 -28.93
CA THR B 218 -46.14 -20.17 -28.36
C THR B 218 -44.67 -20.59 -28.37
N LEU B 219 -43.81 -19.82 -29.03
CA LEU B 219 -42.40 -20.19 -29.13
C LEU B 219 -41.65 -19.72 -27.89
N LYS B 220 -40.82 -20.60 -27.34
CA LYS B 220 -39.96 -20.29 -26.20
C LYS B 220 -38.53 -20.53 -26.64
N LEU B 221 -37.88 -19.47 -27.14
CA LEU B 221 -36.51 -19.61 -27.61
C LEU B 221 -35.58 -20.04 -26.49
N GLU B 222 -35.75 -19.45 -25.31
CA GLU B 222 -34.80 -19.62 -24.23
C GLU B 222 -34.69 -21.06 -23.75
N GLU B 223 -35.65 -21.92 -24.08
CA GLU B 223 -35.56 -23.32 -23.74
C GLU B 223 -34.86 -24.14 -24.82
N ILE B 224 -34.50 -23.53 -25.93
CA ILE B 224 -33.84 -24.28 -26.99
C ILE B 224 -32.41 -24.57 -26.54
N THR B 225 -32.02 -25.83 -26.62
CA THR B 225 -30.69 -26.27 -26.23
C THR B 225 -29.85 -26.55 -27.45
N ASN B 226 -28.58 -26.25 -27.35
CA ASN B 226 -27.64 -26.60 -28.41
C ASN B 226 -27.36 -28.10 -28.34
N ARG B 227 -26.39 -28.56 -29.12
CA ARG B 227 -26.02 -29.96 -29.05
C ARG B 227 -25.47 -30.35 -27.68
N LYS B 228 -24.88 -29.43 -26.96
CA LYS B 228 -24.37 -29.70 -25.63
C LYS B 228 -25.45 -29.69 -24.57
N GLY B 229 -26.71 -29.47 -24.95
CA GLY B 229 -27.79 -29.42 -23.99
C GLY B 229 -27.92 -28.11 -23.28
N LEU B 230 -27.25 -27.06 -23.75
CA LEU B 230 -27.18 -25.79 -23.05
C LEU B 230 -28.20 -24.81 -23.60
N THR B 231 -29.03 -24.29 -22.71
CA THR B 231 -29.85 -23.15 -23.04
C THR B 231 -28.97 -21.92 -23.08
N PRO B 232 -29.42 -20.83 -23.71
CA PRO B 232 -28.61 -19.62 -23.71
C PRO B 232 -28.27 -19.12 -22.33
N LEU B 233 -29.17 -19.29 -21.37
CA LEU B 233 -28.82 -18.95 -20.00
C LEU B 233 -27.70 -19.84 -19.50
N ALA B 234 -27.81 -21.15 -19.77
CA ALA B 234 -26.76 -22.06 -19.37
C ALA B 234 -25.45 -21.73 -20.07
N LEU B 235 -25.52 -21.36 -21.35
CA LEU B 235 -24.30 -21.02 -22.06
C LEU B 235 -23.65 -19.78 -21.47
N ALA B 236 -24.43 -18.75 -21.18
CA ALA B 236 -23.88 -17.55 -20.58
C ALA B 236 -23.28 -17.85 -19.23
N ALA B 237 -23.89 -18.76 -18.49
CA ALA B 237 -23.30 -19.18 -17.23
C ALA B 237 -21.96 -19.85 -17.46
N SER B 238 -21.90 -20.78 -18.39
CA SER B 238 -20.70 -21.60 -18.55
C SER B 238 -19.54 -20.79 -19.12
N SER B 239 -19.82 -19.83 -19.97
CA SER B 239 -18.76 -19.01 -20.55
C SER B 239 -18.37 -17.84 -19.65
N GLY B 240 -19.13 -17.56 -18.60
CA GLY B 240 -18.76 -16.49 -17.70
C GLY B 240 -19.17 -15.10 -18.15
N LYS B 241 -20.18 -14.99 -19.02
CA LYS B 241 -20.60 -13.69 -19.53
C LYS B 241 -21.46 -13.02 -18.47
N ILE B 242 -20.78 -12.43 -17.49
CA ILE B 242 -21.46 -11.95 -16.27
C ILE B 242 -22.49 -10.89 -16.58
N GLY B 243 -22.21 -9.99 -17.52
CA GLY B 243 -23.15 -8.93 -17.80
C GLY B 243 -24.45 -9.46 -18.34
N VAL B 244 -24.36 -10.43 -19.24
CA VAL B 244 -25.57 -11.02 -19.82
C VAL B 244 -26.39 -11.68 -18.74
N LEU B 245 -25.75 -12.40 -17.83
CA LEU B 245 -26.48 -13.04 -16.74
C LEU B 245 -27.12 -11.99 -15.86
N ALA B 246 -26.40 -10.91 -15.59
CA ALA B 246 -26.96 -9.84 -14.78
C ALA B 246 -28.20 -9.27 -15.42
N TYR B 247 -28.19 -9.12 -16.73
CA TYR B 247 -29.38 -8.68 -17.44
C TYR B 247 -30.50 -9.70 -17.30
N ILE B 248 -30.21 -10.96 -17.63
CA ILE B 248 -31.26 -11.95 -17.78
C ILE B 248 -31.95 -12.18 -16.45
N LEU B 249 -31.18 -12.47 -15.41
CA LEU B 249 -31.76 -12.87 -14.14
C LEU B 249 -32.58 -11.77 -13.50
N GLN B 250 -32.38 -10.51 -13.90
CA GLN B 250 -33.08 -9.37 -13.35
C GLN B 250 -33.94 -8.70 -14.40
N ARG B 251 -34.46 -9.49 -15.34
CA ARG B 251 -35.17 -8.95 -16.47
C ARG B 251 -36.61 -8.65 -16.10
N GLU B 252 -37.03 -7.41 -16.37
CA GLU B 252 -38.37 -6.94 -16.06
C GLU B 252 -38.85 -6.13 -17.25
N ILE B 253 -39.95 -6.55 -17.86
CA ILE B 253 -40.46 -5.95 -19.07
C ILE B 253 -41.84 -5.39 -18.79
N HIS B 254 -41.97 -4.07 -18.91
CA HIS B 254 -43.20 -3.36 -18.58
C HIS B 254 -43.99 -3.07 -19.85
N GLU B 255 -44.68 -4.09 -20.35
CA GLU B 255 -45.68 -3.83 -21.37
C GLU B 255 -46.62 -5.02 -21.47
N PRO B 256 -47.86 -4.83 -21.89
CA PRO B 256 -48.76 -5.98 -22.06
C PRO B 256 -48.23 -6.91 -23.13
N GLU B 257 -48.52 -8.19 -22.96
CA GLU B 257 -48.10 -9.28 -23.85
C GLU B 257 -46.59 -9.49 -23.86
N CYS B 258 -45.85 -8.84 -22.96
CA CYS B 258 -44.44 -9.14 -22.73
C CYS B 258 -44.12 -9.15 -21.24
N ARG B 259 -45.14 -9.14 -20.38
CA ARG B 259 -44.91 -9.37 -18.97
C ARG B 259 -44.37 -10.77 -18.73
N HIS B 260 -44.87 -11.74 -19.48
CA HIS B 260 -44.49 -13.14 -19.25
C HIS B 260 -43.02 -13.39 -19.50
N LEU B 261 -42.37 -12.57 -20.31
CA LEU B 261 -40.94 -12.71 -20.55
C LEU B 261 -40.10 -12.21 -19.40
N SER B 262 -40.67 -11.44 -18.48
CA SER B 262 -39.88 -10.95 -17.37
C SER B 262 -39.46 -12.10 -16.48
N ARG B 263 -38.29 -11.95 -15.86
CA ARG B 263 -37.84 -12.81 -14.79
C ARG B 263 -37.79 -12.10 -13.46
N LYS B 264 -38.01 -10.79 -13.43
CA LYS B 264 -38.16 -10.02 -12.21
C LYS B 264 -39.52 -9.34 -12.26
N PHE B 265 -40.21 -9.35 -11.13
CA PHE B 265 -41.56 -8.82 -11.03
C PHE B 265 -41.63 -7.96 -9.79
N THR B 266 -42.61 -7.05 -9.76
CA THR B 266 -42.90 -6.26 -8.57
C THR B 266 -44.28 -6.65 -8.09
N GLU B 267 -44.35 -7.25 -6.89
CA GLU B 267 -45.65 -7.68 -6.37
C GLU B 267 -46.38 -6.48 -5.80
N TRP B 268 -45.80 -5.85 -4.78
CA TRP B 268 -46.34 -4.65 -4.18
C TRP B 268 -45.23 -3.62 -4.03
N ALA B 269 -45.63 -2.35 -3.95
CA ALA B 269 -44.70 -1.25 -3.76
C ALA B 269 -45.39 -0.21 -2.88
N TYR B 270 -45.11 -0.30 -1.59
CA TYR B 270 -45.73 0.61 -0.63
C TYR B 270 -45.33 2.06 -0.87
N GLY B 271 -44.10 2.43 -0.52
CA GLY B 271 -43.56 3.73 -0.83
C GLY B 271 -42.14 3.62 -1.40
N PRO B 272 -41.13 3.97 -0.58
CA PRO B 272 -39.76 3.72 -1.00
C PRO B 272 -39.44 2.24 -1.01
N VAL B 273 -40.17 1.47 -0.21
CA VAL B 273 -39.98 0.04 -0.08
C VAL B 273 -40.92 -0.69 -1.02
N HIS B 274 -40.40 -1.73 -1.67
CA HIS B 274 -41.20 -2.59 -2.51
C HIS B 274 -40.60 -3.99 -2.52
N SER B 275 -41.45 -4.97 -2.77
CA SER B 275 -41.10 -6.39 -2.70
C SER B 275 -41.08 -6.97 -4.10
N SER B 276 -39.90 -7.27 -4.60
CA SER B 276 -39.73 -7.84 -5.93
C SER B 276 -39.66 -9.36 -5.84
N LEU B 277 -39.88 -9.99 -6.99
CA LEU B 277 -39.95 -11.43 -7.12
C LEU B 277 -39.01 -11.85 -8.25
N TYR B 278 -38.12 -12.80 -7.97
CA TYR B 278 -37.22 -13.33 -8.98
C TYR B 278 -37.71 -14.71 -9.40
N ASP B 279 -37.52 -15.06 -10.67
CA ASP B 279 -38.22 -16.22 -11.22
C ASP B 279 -37.66 -17.53 -10.70
N LEU B 280 -36.35 -17.74 -10.81
CA LEU B 280 -35.60 -18.90 -10.31
C LEU B 280 -35.83 -20.19 -11.08
N SER B 281 -36.44 -20.14 -12.27
CA SER B 281 -36.49 -21.34 -13.09
C SER B 281 -35.10 -21.65 -13.61
N CYS B 282 -34.69 -22.91 -13.46
CA CYS B 282 -33.40 -23.40 -13.93
C CYS B 282 -32.21 -22.75 -13.24
N ILE B 283 -32.44 -22.11 -12.09
CA ILE B 283 -31.36 -21.71 -11.20
C ILE B 283 -31.20 -22.70 -10.07
N ASP B 284 -32.25 -22.89 -9.29
CA ASP B 284 -32.19 -23.82 -8.18
C ASP B 284 -32.04 -25.25 -8.66
N THR B 285 -32.88 -25.67 -9.60
CA THR B 285 -32.88 -27.06 -10.04
C THR B 285 -33.57 -27.17 -11.39
N CYS B 286 -33.13 -28.11 -12.18
CA CYS B 286 -33.69 -28.39 -13.51
C CYS B 286 -33.17 -29.74 -13.95
N GLU B 287 -33.37 -30.05 -15.23
CA GLU B 287 -32.98 -31.34 -15.76
C GLU B 287 -31.49 -31.56 -15.59
N LYS B 288 -30.68 -30.75 -16.27
CA LYS B 288 -29.24 -30.90 -16.19
C LYS B 288 -28.52 -29.65 -15.68
N ASN B 289 -28.67 -28.55 -16.40
CA ASN B 289 -27.76 -27.41 -16.30
C ASN B 289 -28.39 -26.31 -15.47
N SER B 290 -28.58 -26.57 -14.18
CA SER B 290 -28.94 -25.49 -13.27
C SER B 290 -27.80 -24.49 -13.20
N VAL B 291 -28.16 -23.22 -13.14
CA VAL B 291 -27.14 -22.16 -13.21
C VAL B 291 -26.16 -22.28 -12.07
N LEU B 292 -26.64 -22.61 -10.87
CA LEU B 292 -25.73 -22.83 -9.77
C LEU B 292 -24.79 -23.99 -10.06
N GLU B 293 -25.31 -25.07 -10.63
CA GLU B 293 -24.44 -26.20 -10.94
C GLU B 293 -23.41 -25.80 -11.98
N VAL B 294 -23.83 -25.05 -12.99
CA VAL B 294 -22.92 -24.66 -14.05
C VAL B 294 -21.81 -23.76 -13.51
N ILE B 295 -22.16 -22.80 -12.66
CA ILE B 295 -21.14 -21.92 -12.12
C ILE B 295 -20.23 -22.68 -11.17
N ALA B 296 -20.82 -23.35 -10.18
CA ALA B 296 -20.04 -23.91 -9.09
C ALA B 296 -19.08 -24.97 -9.59
N TYR B 297 -19.53 -25.81 -10.51
CA TYR B 297 -18.67 -26.78 -11.17
C TYR B 297 -18.06 -26.22 -12.43
N SER B 298 -17.82 -24.91 -12.48
CA SER B 298 -17.07 -24.34 -13.59
C SER B 298 -15.65 -24.90 -13.61
N SER B 299 -15.05 -24.86 -14.79
CA SER B 299 -13.77 -25.50 -15.00
C SER B 299 -12.59 -24.67 -14.51
N SER B 300 -12.85 -23.55 -13.82
CA SER B 300 -11.85 -22.66 -13.24
C SER B 300 -11.17 -21.79 -14.29
N GLU B 301 -11.37 -22.04 -15.58
CA GLU B 301 -10.94 -21.13 -16.64
C GLU B 301 -12.02 -20.14 -17.01
N THR B 302 -13.22 -20.27 -16.47
CA THR B 302 -14.22 -19.26 -16.66
C THR B 302 -13.74 -17.97 -16.01
N PRO B 303 -13.69 -16.84 -16.72
CA PRO B 303 -13.04 -15.66 -16.15
C PRO B 303 -13.59 -15.18 -14.83
N ASN B 304 -14.90 -15.19 -14.65
CA ASN B 304 -15.56 -14.46 -13.57
C ASN B 304 -16.32 -15.39 -12.64
N ARG B 305 -15.90 -16.65 -12.52
CA ARG B 305 -16.66 -17.62 -11.73
C ARG B 305 -16.82 -17.15 -10.29
N HIS B 306 -15.82 -16.48 -9.76
CA HIS B 306 -15.93 -15.94 -8.42
C HIS B 306 -16.84 -14.72 -8.37
N ASP B 307 -16.94 -13.98 -9.45
CA ASP B 307 -17.75 -12.77 -9.45
C ASP B 307 -19.21 -13.03 -9.78
N MET B 308 -19.49 -14.05 -10.59
CA MET B 308 -20.85 -14.23 -11.11
C MET B 308 -21.86 -14.41 -9.99
N LEU B 309 -21.44 -15.01 -8.88
CA LEU B 309 -22.37 -15.25 -7.79
C LEU B 309 -22.73 -13.99 -7.04
N LEU B 310 -22.15 -12.85 -7.40
CA LEU B 310 -22.58 -11.59 -6.84
C LEU B 310 -23.91 -11.11 -7.40
N VAL B 311 -24.39 -11.69 -8.51
CA VAL B 311 -25.64 -11.26 -9.10
C VAL B 311 -26.78 -11.55 -8.13
N GLU B 312 -27.57 -10.52 -7.83
CA GLU B 312 -28.44 -10.41 -6.67
C GLU B 312 -29.25 -11.66 -6.33
N PRO B 313 -30.08 -12.18 -7.24
CA PRO B 313 -30.89 -13.35 -6.86
C PRO B 313 -30.05 -14.55 -6.48
N LEU B 314 -28.89 -14.75 -7.12
CA LEU B 314 -28.06 -15.87 -6.73
C LEU B 314 -27.50 -15.69 -5.34
N ASN B 315 -26.98 -14.50 -5.03
CA ASN B 315 -26.40 -14.28 -3.72
C ASN B 315 -27.44 -14.47 -2.62
N ARG B 316 -28.62 -13.89 -2.80
CA ARG B 316 -29.63 -14.05 -1.77
C ARG B 316 -30.14 -15.47 -1.69
N LEU B 317 -30.24 -16.16 -2.83
CA LEU B 317 -30.69 -17.55 -2.79
C LEU B 317 -29.69 -18.40 -2.04
N LEU B 318 -28.40 -18.21 -2.29
CA LEU B 318 -27.40 -19.00 -1.60
C LEU B 318 -27.43 -18.73 -0.11
N GLN B 319 -27.58 -17.46 0.27
CA GLN B 319 -27.63 -17.13 1.68
C GLN B 319 -28.83 -17.79 2.36
N ASP B 320 -29.98 -17.74 1.69
CA ASP B 320 -31.17 -18.35 2.26
C ASP B 320 -31.01 -19.85 2.39
N LYS B 321 -30.49 -20.48 1.34
CA LYS B 321 -30.25 -21.92 1.41
C LYS B 321 -29.36 -22.25 2.59
N TRP B 322 -28.31 -21.47 2.78
CA TRP B 322 -27.37 -21.66 3.86
C TRP B 322 -28.11 -21.68 5.18
N ASP B 323 -28.71 -20.54 5.51
CA ASP B 323 -29.31 -20.38 6.84
C ASP B 323 -30.43 -21.37 7.06
N ARG B 324 -31.25 -21.63 6.04
CA ARG B 324 -32.43 -22.43 6.24
C ARG B 324 -32.11 -23.91 6.38
N PHE B 325 -31.21 -24.40 5.57
CA PHE B 325 -31.08 -25.83 5.37
C PHE B 325 -29.70 -26.36 5.68
N VAL B 326 -28.65 -25.61 5.34
CA VAL B 326 -27.34 -26.20 5.15
C VAL B 326 -26.44 -25.93 6.34
N LYS B 327 -26.67 -24.82 7.03
CA LYS B 327 -25.78 -24.45 8.13
C LYS B 327 -25.69 -25.53 9.17
N ARG B 328 -26.84 -26.05 9.59
CA ARG B 328 -26.83 -27.07 10.64
C ARG B 328 -26.12 -28.32 10.15
N ILE B 329 -26.40 -28.75 8.92
CA ILE B 329 -25.81 -29.97 8.41
C ILE B 329 -24.31 -29.79 8.26
N PHE B 330 -23.86 -28.61 7.84
CA PHE B 330 -22.43 -28.36 7.73
C PHE B 330 -21.77 -28.45 9.08
N TYR B 331 -22.38 -27.83 10.09
CA TYR B 331 -21.83 -27.96 11.44
C TYR B 331 -21.79 -29.41 11.86
N PHE B 332 -22.82 -30.17 11.52
CA PHE B 332 -22.87 -31.57 11.92
C PHE B 332 -21.75 -32.36 11.25
N ASN B 333 -21.55 -32.15 9.95
CA ASN B 333 -20.49 -32.87 9.27
C ASN B 333 -19.13 -32.51 9.84
N PHE B 334 -18.94 -31.23 10.15
CA PHE B 334 -17.68 -30.80 10.75
C PHE B 334 -17.48 -31.47 12.11
N PHE B 335 -18.53 -31.54 12.92
CA PHE B 335 -18.45 -32.19 14.21
C PHE B 335 -18.13 -33.68 14.05
N VAL B 336 -18.77 -34.33 13.08
CA VAL B 336 -18.50 -35.74 12.84
C VAL B 336 -17.06 -35.94 12.44
N TYR B 337 -16.55 -35.08 11.57
CA TYR B 337 -15.16 -35.18 11.16
C TYR B 337 -14.24 -35.00 12.35
N CYS B 338 -14.57 -34.07 13.24
CA CYS B 338 -13.77 -33.89 14.44
C CYS B 338 -13.71 -35.17 15.25
N LEU B 339 -14.87 -35.80 15.45
CA LEU B 339 -14.88 -37.04 16.21
C LEU B 339 -14.07 -38.12 15.50
N TYR B 340 -14.20 -38.19 14.18
CA TYR B 340 -13.44 -39.18 13.42
C TYR B 340 -11.96 -38.99 13.62
N MET B 341 -11.50 -37.75 13.53
CA MET B 341 -10.07 -37.52 13.66
C MET B 341 -9.60 -37.77 15.07
N ILE B 342 -10.43 -37.48 16.08
CA ILE B 342 -10.06 -37.81 17.45
C ILE B 342 -9.92 -39.31 17.60
N ILE B 343 -10.85 -40.06 17.04
CA ILE B 343 -10.77 -41.52 17.12
C ILE B 343 -9.53 -42.03 16.40
N PHE B 344 -9.26 -41.48 15.22
CA PHE B 344 -8.06 -41.91 14.48
C PHE B 344 -6.82 -41.62 15.29
N THR B 345 -6.77 -40.45 15.91
CA THR B 345 -5.64 -40.09 16.76
C THR B 345 -5.49 -41.07 17.91
N ALA B 346 -6.59 -41.36 18.60
CA ALA B 346 -6.52 -42.24 19.75
C ALA B 346 -6.07 -43.63 19.35
N ALA B 347 -6.60 -44.14 18.24
CA ALA B 347 -6.18 -45.46 17.78
C ALA B 347 -4.70 -45.47 17.43
N ALA B 348 -4.22 -44.42 16.79
CA ALA B 348 -2.80 -44.40 16.45
C ALA B 348 -1.93 -44.32 17.69
N TYR B 349 -2.34 -43.51 18.67
CA TYR B 349 -1.51 -43.25 19.83
C TYR B 349 -1.23 -44.52 20.61
N TYR B 350 -2.25 -45.37 20.79
CA TYR B 350 -2.12 -46.61 21.54
C TYR B 350 -1.83 -47.80 20.65
N ARG B 351 -1.11 -47.62 19.56
CA ARG B 351 -0.76 -48.76 18.74
C ARG B 351 0.14 -49.69 19.54
N PRO B 352 0.15 -50.99 19.25
CA PRO B 352 1.10 -51.88 19.91
C PRO B 352 2.50 -51.66 19.36
N VAL B 353 3.48 -52.08 20.14
CA VAL B 353 4.88 -51.91 19.80
C VAL B 353 5.53 -53.20 19.32
N GLU B 354 4.83 -54.33 19.40
CA GLU B 354 5.39 -55.59 18.96
C GLU B 354 5.44 -55.66 17.45
N GLY B 355 6.37 -56.45 16.94
CA GLY B 355 6.61 -56.49 15.51
C GLY B 355 5.64 -57.37 14.75
N LEU B 356 5.73 -57.29 13.42
CA LEU B 356 5.04 -58.21 12.52
C LEU B 356 3.53 -58.19 12.71
N PRO B 357 2.82 -57.16 12.24
CA PRO B 357 1.37 -57.21 12.26
C PRO B 357 0.85 -58.34 11.39
N PRO B 358 -0.44 -58.70 11.51
CA PRO B 358 -1.46 -58.20 12.43
C PRO B 358 -1.21 -58.76 13.81
N TYR B 359 -1.80 -58.11 14.82
CA TYR B 359 -1.56 -58.46 16.21
C TYR B 359 -2.80 -59.10 16.81
N LYS B 360 -2.60 -60.14 17.61
CA LYS B 360 -3.72 -60.81 18.25
C LYS B 360 -4.43 -59.85 19.17
N LEU B 361 -5.75 -59.81 19.05
CA LEU B 361 -6.54 -59.01 19.96
C LEU B 361 -6.59 -59.70 21.31
N LYS B 362 -6.22 -58.97 22.36
CA LYS B 362 -6.32 -59.49 23.71
C LYS B 362 -7.73 -59.24 24.24
N ASN B 363 -8.17 -60.13 25.13
CA ASN B 363 -9.50 -60.00 25.71
C ASN B 363 -9.44 -59.01 26.87
N THR B 364 -9.26 -57.75 26.50
CA THR B 364 -9.25 -56.66 27.48
C THR B 364 -9.88 -55.42 26.87
N VAL B 365 -10.43 -54.58 27.76
CA VAL B 365 -11.29 -53.48 27.34
C VAL B 365 -10.53 -52.50 26.46
N GLY B 366 -9.32 -52.14 26.87
CA GLY B 366 -8.54 -51.19 26.12
C GLY B 366 -8.30 -51.65 24.69
N ASP B 367 -8.03 -52.94 24.52
CA ASP B 367 -7.78 -53.46 23.19
C ASP B 367 -9.06 -53.54 22.36
N TYR B 368 -10.19 -53.79 23.00
CA TYR B 368 -11.45 -53.74 22.26
C TYR B 368 -11.71 -52.34 21.74
N PHE B 369 -11.54 -51.33 22.59
CA PHE B 369 -11.70 -49.96 22.11
C PHE B 369 -10.71 -49.65 21.00
N ARG B 370 -9.48 -50.14 21.15
CA ARG B 370 -8.44 -49.85 20.16
C ARG B 370 -8.82 -50.41 18.80
N VAL B 371 -9.16 -51.69 18.74
CA VAL B 371 -9.49 -52.28 17.45
C VAL B 371 -10.76 -51.65 16.91
N THR B 372 -11.67 -51.25 17.79
CA THR B 372 -12.85 -50.52 17.33
C THR B 372 -12.45 -49.24 16.62
N GLY B 373 -11.56 -48.48 17.24
CA GLY B 373 -11.12 -47.23 16.64
C GLY B 373 -10.42 -47.47 15.33
N GLU B 374 -9.61 -48.53 15.26
CA GLU B 374 -8.93 -48.84 14.01
C GLU B 374 -9.94 -49.17 12.91
N ILE B 375 -10.98 -49.94 13.25
CA ILE B 375 -12.00 -50.27 12.27
C ILE B 375 -12.68 -49.01 11.77
N LEU B 376 -13.05 -48.12 12.69
CA LEU B 376 -13.72 -46.89 12.29
C LEU B 376 -12.81 -46.03 11.43
N SER B 377 -11.54 -45.96 11.78
CA SER B 377 -10.60 -45.13 11.02
C SER B 377 -10.49 -45.64 9.59
N VAL B 378 -10.33 -46.96 9.42
CA VAL B 378 -10.25 -47.49 8.07
C VAL B 378 -11.56 -47.26 7.33
N SER B 379 -12.68 -47.38 8.04
CA SER B 379 -13.98 -47.13 7.42
C SER B 379 -14.06 -45.73 6.85
N GLY B 380 -13.64 -44.75 7.65
CA GLY B 380 -13.67 -43.38 7.17
C GLY B 380 -12.73 -43.17 6.00
N GLY B 381 -11.58 -43.83 6.02
CA GLY B 381 -10.67 -43.74 4.89
C GLY B 381 -11.30 -44.25 3.62
N VAL B 382 -12.00 -45.39 3.71
CA VAL B 382 -12.73 -45.91 2.56
C VAL B 382 -13.78 -44.90 2.09
N TYR B 383 -14.49 -44.31 3.05
CA TYR B 383 -15.55 -43.37 2.71
C TYR B 383 -15.00 -42.21 1.90
N PHE B 384 -13.93 -41.61 2.38
CA PHE B 384 -13.34 -40.50 1.65
C PHE B 384 -12.75 -40.94 0.32
N PHE B 385 -12.22 -42.17 0.26
CA PHE B 385 -11.73 -42.70 -1.00
C PHE B 385 -12.83 -42.71 -2.05
N PHE B 386 -13.99 -43.23 -1.68
CA PHE B 386 -15.08 -43.32 -2.64
C PHE B 386 -15.65 -41.95 -2.97
N ARG B 387 -15.69 -41.03 -2.01
CA ARG B 387 -16.10 -39.68 -2.36
C ARG B 387 -15.17 -39.08 -3.38
N GLY B 388 -13.87 -39.32 -3.23
CA GLY B 388 -12.92 -38.81 -4.20
C GLY B 388 -13.14 -39.40 -5.59
N ILE B 389 -13.40 -40.69 -5.65
CA ILE B 389 -13.68 -41.29 -6.96
C ILE B 389 -14.94 -40.70 -7.55
N GLN B 390 -15.97 -40.55 -6.74
CA GLN B 390 -17.22 -39.98 -7.25
C GLN B 390 -16.96 -38.59 -7.80
N TYR B 391 -16.15 -37.81 -7.09
CA TYR B 391 -15.80 -36.48 -7.58
C TYR B 391 -15.17 -36.57 -8.96
N PHE B 392 -14.12 -37.39 -9.08
CA PHE B 392 -13.36 -37.43 -10.32
C PHE B 392 -14.25 -37.85 -11.48
N LEU B 393 -15.06 -38.87 -11.26
CA LEU B 393 -15.90 -39.38 -12.33
C LEU B 393 -16.99 -38.39 -12.71
N GLN B 394 -17.60 -37.73 -11.71
CA GLN B 394 -18.68 -36.80 -12.04
C GLN B 394 -18.16 -35.57 -12.76
N ARG B 395 -16.99 -35.09 -12.36
CA ARG B 395 -16.47 -33.86 -12.93
C ARG B 395 -15.64 -34.06 -14.18
N ARG B 396 -15.03 -35.23 -14.33
CA ARG B 396 -14.11 -35.52 -15.42
C ARG B 396 -13.15 -34.36 -15.72
N PRO B 397 -12.33 -33.95 -14.74
CA PRO B 397 -11.32 -32.94 -15.06
C PRO B 397 -10.38 -33.45 -16.15
N SER B 398 -10.02 -32.55 -17.05
CA SER B 398 -9.18 -32.91 -18.19
C SER B 398 -7.70 -32.78 -17.86
N LEU B 399 -7.28 -33.36 -16.72
CA LEU B 399 -5.87 -33.62 -16.42
C LEU B 399 -5.03 -32.36 -16.18
N LYS B 400 -5.63 -31.18 -16.30
CA LYS B 400 -5.02 -29.91 -15.94
C LYS B 400 -5.92 -29.16 -14.97
N SER B 401 -7.21 -29.12 -15.27
CA SER B 401 -8.20 -28.80 -14.27
C SER B 401 -8.15 -29.74 -13.08
N LEU B 402 -7.66 -30.97 -13.29
CA LEU B 402 -7.64 -31.98 -12.23
C LEU B 402 -6.82 -31.56 -11.02
N PHE B 403 -5.90 -30.63 -11.18
CA PHE B 403 -4.93 -30.28 -10.15
C PHE B 403 -4.91 -28.78 -9.85
N VAL B 404 -5.10 -27.94 -10.86
CA VAL B 404 -5.04 -26.49 -10.65
C VAL B 404 -6.12 -25.99 -9.71
N ASP B 405 -7.23 -26.72 -9.62
CA ASP B 405 -8.27 -26.40 -8.67
C ASP B 405 -8.79 -27.72 -8.11
N SER B 406 -9.75 -27.62 -7.21
CA SER B 406 -10.17 -28.76 -6.40
C SER B 406 -9.02 -29.26 -5.55
N TYR B 407 -8.38 -28.31 -4.88
CA TYR B 407 -7.29 -28.63 -3.98
C TYR B 407 -7.76 -29.56 -2.87
N SER B 408 -8.92 -29.25 -2.29
CA SER B 408 -9.37 -29.98 -1.12
C SER B 408 -9.71 -31.41 -1.46
N GLU B 409 -10.38 -31.62 -2.59
CA GLU B 409 -10.75 -32.97 -2.99
C GLU B 409 -9.50 -33.81 -3.16
N ILE B 410 -8.48 -33.24 -3.78
CA ILE B 410 -7.23 -33.95 -3.96
C ILE B 410 -6.62 -34.33 -2.62
N LEU B 411 -6.62 -33.39 -1.68
CA LEU B 411 -5.99 -33.69 -0.40
C LEU B 411 -6.75 -34.77 0.36
N PHE B 412 -8.07 -34.70 0.36
CA PHE B 412 -8.82 -35.76 1.03
C PHE B 412 -8.56 -37.09 0.37
N PHE B 413 -8.46 -37.09 -0.96
CA PHE B 413 -8.19 -38.34 -1.64
C PHE B 413 -6.83 -38.88 -1.27
N VAL B 414 -5.83 -38.01 -1.19
CA VAL B 414 -4.48 -38.47 -0.86
C VAL B 414 -4.45 -39.02 0.55
N GLN B 415 -5.15 -38.38 1.48
CA GLN B 415 -5.27 -38.95 2.82
C GLN B 415 -5.84 -40.35 2.76
N SER B 416 -6.91 -40.51 1.99
CA SER B 416 -7.54 -41.83 1.96
C SER B 416 -6.62 -42.85 1.31
N LEU B 417 -5.83 -42.44 0.32
CA LEU B 417 -4.87 -43.34 -0.28
C LEU B 417 -3.86 -43.80 0.76
N PHE B 418 -3.37 -42.87 1.58
CA PHE B 418 -2.40 -43.25 2.59
C PHE B 418 -3.02 -44.19 3.61
N MET B 419 -4.26 -43.95 3.99
CA MET B 419 -4.94 -44.88 4.90
C MET B 419 -4.98 -46.28 4.29
N LEU B 420 -5.35 -46.37 3.01
CA LEU B 420 -5.48 -47.70 2.41
C LEU B 420 -4.13 -48.38 2.30
N VAL B 421 -3.08 -47.64 1.95
CA VAL B 421 -1.76 -48.26 1.88
C VAL B 421 -1.33 -48.73 3.26
N SER B 422 -1.68 -47.96 4.30
CA SER B 422 -1.44 -48.42 5.65
C SER B 422 -2.13 -49.75 5.92
N VAL B 423 -3.38 -49.88 5.48
CA VAL B 423 -4.10 -51.12 5.69
C VAL B 423 -3.41 -52.28 4.98
N VAL B 424 -3.03 -52.06 3.73
CA VAL B 424 -2.40 -53.12 2.94
C VAL B 424 -1.11 -53.58 3.62
N LEU B 425 -0.29 -52.63 4.06
CA LEU B 425 0.95 -53.01 4.74
C LEU B 425 0.66 -53.70 6.06
N TYR B 426 -0.39 -53.28 6.76
CA TYR B 426 -0.73 -53.92 8.02
C TYR B 426 -1.03 -55.38 7.81
N PHE B 427 -1.80 -55.70 6.76
CA PHE B 427 -2.05 -57.10 6.45
C PHE B 427 -0.95 -57.72 5.62
N SER B 428 -0.01 -56.94 5.11
CA SER B 428 1.16 -57.52 4.45
C SER B 428 2.23 -57.94 5.44
N GLN B 429 1.99 -57.81 6.74
CA GLN B 429 2.97 -58.20 7.76
C GLN B 429 4.26 -57.40 7.60
N ARG B 430 4.12 -56.10 7.43
CA ARG B 430 5.25 -55.18 7.29
C ARG B 430 5.09 -54.06 8.29
N LYS B 431 6.20 -53.65 8.91
CA LYS B 431 6.14 -52.58 9.88
C LYS B 431 5.88 -51.22 9.23
N GLU B 432 6.12 -51.09 7.93
CA GLU B 432 5.98 -49.79 7.28
C GLU B 432 4.56 -49.26 7.29
N TYR B 433 3.58 -50.06 7.73
CA TYR B 433 2.24 -49.52 7.91
C TYR B 433 2.24 -48.34 8.86
N VAL B 434 3.21 -48.28 9.77
CA VAL B 434 3.29 -47.12 10.63
C VAL B 434 3.57 -45.88 9.79
N ALA B 435 4.52 -45.99 8.86
CA ALA B 435 4.99 -44.81 8.14
C ALA B 435 3.87 -44.16 7.34
N SER B 436 3.08 -44.95 6.64
CA SER B 436 1.96 -44.37 5.93
C SER B 436 0.93 -43.80 6.90
N MET B 437 0.67 -44.54 7.99
CA MET B 437 -0.43 -44.18 8.88
C MET B 437 -0.23 -42.78 9.43
N VAL B 438 0.97 -42.49 9.92
CA VAL B 438 1.22 -41.17 10.49
C VAL B 438 1.01 -40.09 9.46
N PHE B 439 1.43 -40.32 8.21
CA PHE B 439 1.22 -39.31 7.18
C PHE B 439 -0.25 -39.03 7.05
N SER B 440 -1.05 -40.09 6.97
CA SER B 440 -2.49 -39.90 6.86
C SER B 440 -3.00 -39.13 8.05
N LEU B 441 -2.54 -39.51 9.24
CA LEU B 441 -2.98 -38.82 10.45
C LEU B 441 -2.66 -37.35 10.35
N ALA B 442 -1.43 -37.02 9.95
CA ALA B 442 -1.05 -35.62 9.83
C ALA B 442 -1.97 -34.91 8.86
N MET B 443 -2.20 -35.52 7.70
CA MET B 443 -2.99 -34.85 6.69
C MET B 443 -4.41 -34.64 7.18
N GLY B 444 -4.92 -35.61 7.94
CA GLY B 444 -6.27 -35.49 8.41
C GLY B 444 -6.44 -34.22 9.22
N TRP B 445 -5.50 -33.96 10.12
CA TRP B 445 -5.64 -32.77 10.94
C TRP B 445 -5.52 -31.51 10.11
N THR B 446 -4.60 -31.50 9.15
CA THR B 446 -4.49 -30.30 8.33
C THR B 446 -5.70 -30.14 7.45
N ASN B 447 -6.31 -31.25 7.03
CA ASN B 447 -7.49 -31.08 6.21
C ASN B 447 -8.67 -30.56 7.02
N MET B 448 -8.54 -30.49 8.34
CA MET B 448 -9.52 -29.78 9.14
C MET B 448 -9.73 -28.37 8.63
N LEU B 449 -8.68 -27.75 8.07
CA LEU B 449 -8.83 -26.39 7.59
C LEU B 449 -9.83 -26.27 6.45
N TYR B 450 -10.15 -27.37 5.78
CA TYR B 450 -11.21 -27.35 4.79
C TYR B 450 -12.47 -26.77 5.39
N TYR B 451 -12.78 -27.12 6.61
CA TYR B 451 -14.00 -26.63 7.21
C TYR B 451 -13.93 -25.18 7.67
N THR B 452 -12.89 -24.44 7.31
CA THR B 452 -12.91 -23.00 7.54
C THR B 452 -13.78 -22.27 6.53
N ARG B 453 -14.04 -22.88 5.38
CA ARG B 453 -14.93 -22.25 4.42
C ARG B 453 -16.30 -22.09 5.05
N GLY B 454 -17.04 -21.01 4.73
CA GLY B 454 -18.27 -20.69 5.38
C GLY B 454 -18.08 -19.91 6.66
N PHE B 455 -16.85 -19.64 7.04
CA PHE B 455 -16.56 -18.61 8.02
C PHE B 455 -15.89 -17.48 7.26
N GLN B 456 -16.52 -16.30 7.30
CA GLN B 456 -16.03 -15.16 6.53
C GLN B 456 -14.60 -14.81 6.94
N GLN B 457 -14.24 -15.10 8.19
CA GLN B 457 -12.95 -14.69 8.71
C GLN B 457 -11.88 -15.75 8.53
N MET B 458 -12.17 -17.00 8.90
CA MET B 458 -11.14 -18.03 8.80
C MET B 458 -10.96 -18.53 7.37
N GLY B 459 -12.05 -18.59 6.61
CA GLY B 459 -11.96 -19.12 5.27
C GLY B 459 -11.04 -18.31 4.38
N ILE B 460 -11.10 -16.99 4.51
CA ILE B 460 -10.21 -16.14 3.73
C ILE B 460 -8.77 -16.46 4.06
N TYR B 461 -8.49 -16.72 5.34
CA TYR B 461 -7.16 -17.16 5.73
C TYR B 461 -6.75 -18.42 4.98
N ALA B 462 -7.63 -19.42 4.98
CA ALA B 462 -7.28 -20.68 4.32
C ALA B 462 -7.07 -20.49 2.82
N VAL B 463 -7.89 -19.65 2.20
CA VAL B 463 -7.71 -19.37 0.78
C VAL B 463 -6.34 -18.77 0.54
N MET B 464 -5.94 -17.84 1.39
CA MET B 464 -4.61 -17.27 1.25
C MET B 464 -3.54 -18.33 1.38
N ILE B 465 -3.73 -19.29 2.29
CA ILE B 465 -2.73 -20.34 2.45
C ILE B 465 -2.57 -21.13 1.15
N GLU B 466 -3.69 -21.51 0.55
CA GLU B 466 -3.62 -22.29 -0.68
C GLU B 466 -2.91 -21.52 -1.79
N LYS B 467 -3.30 -20.27 -2.02
CA LYS B 467 -2.70 -19.52 -3.10
C LYS B 467 -1.22 -19.28 -2.85
N MET B 468 -0.84 -18.98 -1.61
CA MET B 468 0.57 -18.75 -1.31
C MET B 468 1.37 -20.01 -1.58
N ILE B 469 0.87 -21.16 -1.16
CA ILE B 469 1.58 -22.41 -1.40
C ILE B 469 1.78 -22.62 -2.88
N LEU B 470 0.75 -22.37 -3.67
CA LEU B 470 0.86 -22.66 -5.09
C LEU B 470 1.87 -21.73 -5.78
N ARG B 471 1.87 -20.44 -5.46
CA ARG B 471 2.75 -19.53 -6.18
C ARG B 471 4.08 -19.31 -5.46
N ASP B 472 4.01 -18.65 -4.31
CA ASP B 472 5.21 -18.02 -3.78
C ASP B 472 6.10 -19.03 -3.12
N LEU B 473 5.52 -19.96 -2.38
CA LEU B 473 6.35 -20.95 -1.71
C LEU B 473 7.02 -21.86 -2.73
N CYS B 474 6.35 -22.19 -3.83
CA CYS B 474 7.01 -23.00 -4.85
C CYS B 474 8.20 -22.27 -5.44
N ARG B 475 8.02 -21.02 -5.84
CA ARG B 475 9.15 -20.30 -6.43
C ARG B 475 10.29 -20.15 -5.42
N PHE B 476 9.95 -19.77 -4.20
CA PHE B 476 10.97 -19.57 -3.18
C PHE B 476 11.72 -20.86 -2.92
N MET B 477 10.99 -21.96 -2.79
CA MET B 477 11.66 -23.21 -2.48
C MET B 477 12.59 -23.62 -3.60
N PHE B 478 12.22 -23.35 -4.85
CA PHE B 478 13.17 -23.60 -5.93
C PHE B 478 14.47 -22.84 -5.71
N VAL B 479 14.37 -21.52 -5.56
CA VAL B 479 15.60 -20.73 -5.48
C VAL B 479 16.39 -21.07 -4.23
N TYR B 480 15.71 -21.19 -3.11
CA TYR B 480 16.38 -21.51 -1.86
C TYR B 480 17.05 -22.85 -1.94
N LEU B 481 16.42 -23.83 -2.58
CA LEU B 481 17.04 -25.13 -2.67
C LEU B 481 18.27 -25.09 -3.57
N VAL B 482 18.25 -24.28 -4.62
CA VAL B 482 19.47 -24.15 -5.41
C VAL B 482 20.59 -23.58 -4.57
N PHE B 483 20.30 -22.52 -3.81
CA PHE B 483 21.34 -21.92 -2.98
C PHE B 483 21.83 -22.90 -1.93
N LEU B 484 20.90 -23.55 -1.24
CA LEU B 484 21.27 -24.50 -0.20
C LEU B 484 22.14 -25.59 -0.76
N PHE B 485 21.71 -26.17 -1.88
CA PHE B 485 22.47 -27.28 -2.44
C PHE B 485 23.85 -26.81 -2.88
N GLY B 486 23.92 -25.64 -3.52
CA GLY B 486 25.21 -25.17 -4.00
C GLY B 486 26.19 -24.96 -2.87
N PHE B 487 25.76 -24.26 -1.82
CA PHE B 487 26.68 -24.01 -0.74
C PHE B 487 26.95 -25.27 0.07
N SER B 488 25.98 -26.17 0.16
CA SER B 488 26.24 -27.44 0.82
C SER B 488 27.33 -28.21 0.08
N THR B 489 27.26 -28.22 -1.24
CA THR B 489 28.28 -28.91 -2.01
C THR B 489 29.64 -28.26 -1.81
N ALA B 490 29.68 -26.93 -1.81
CA ALA B 490 30.96 -26.26 -1.60
C ALA B 490 31.54 -26.59 -0.24
N VAL B 491 30.71 -26.53 0.80
CA VAL B 491 31.23 -26.73 2.15
C VAL B 491 31.64 -28.17 2.36
N VAL B 492 30.81 -29.12 1.92
CA VAL B 492 31.17 -30.51 2.13
C VAL B 492 32.39 -30.88 1.31
N THR B 493 32.59 -30.24 0.16
CA THR B 493 33.85 -30.44 -0.53
C THR B 493 35.00 -29.92 0.31
N LEU B 494 34.84 -28.75 0.91
CA LEU B 494 35.93 -28.17 1.68
C LEU B 494 36.27 -29.03 2.88
N ILE B 495 35.27 -29.57 3.56
CA ILE B 495 35.52 -30.45 4.69
C ILE B 495 36.12 -31.74 4.18
N GLU B 496 37.10 -32.27 4.91
CA GLU B 496 37.76 -33.51 4.56
C GLU B 496 37.93 -34.37 5.80
N ASP B 497 37.50 -35.63 5.69
CA ASP B 497 37.67 -36.63 6.75
C ASP B 497 37.18 -36.10 8.10
N GLY B 498 36.00 -35.50 8.08
CA GLY B 498 35.40 -34.96 9.28
C GLY B 498 34.23 -35.77 9.75
N LYS B 499 33.61 -35.31 10.84
CA LYS B 499 32.38 -35.96 11.32
C LYS B 499 31.29 -35.83 10.26
N TYR B 500 31.21 -34.68 9.62
CA TYR B 500 30.12 -34.44 8.68
C TYR B 500 30.43 -35.06 7.32
N ASN B 501 31.39 -34.47 6.59
CA ASN B 501 32.01 -35.02 5.39
C ASN B 501 31.04 -35.73 4.45
N SER B 502 29.80 -35.26 4.42
CA SER B 502 28.76 -36.01 3.75
C SER B 502 27.63 -35.04 3.47
N LEU B 503 27.03 -35.21 2.30
CA LEU B 503 26.10 -34.20 1.80
C LEU B 503 24.90 -34.06 2.72
N TYR B 504 24.44 -35.16 3.31
CA TYR B 504 23.24 -35.10 4.12
C TYR B 504 23.43 -34.25 5.38
N SER B 505 24.47 -34.56 6.15
CA SER B 505 24.67 -33.85 7.40
C SER B 505 24.97 -32.38 7.14
N THR B 506 25.78 -32.09 6.12
CA THR B 506 26.04 -30.70 5.79
C THR B 506 24.78 -29.98 5.35
N CYS B 507 23.94 -30.65 4.56
CA CYS B 507 22.69 -30.03 4.14
C CYS B 507 21.83 -29.68 5.34
N LEU B 508 21.69 -30.59 6.28
CA LEU B 508 20.91 -30.28 7.47
C LEU B 508 21.56 -29.15 8.25
N GLU B 509 22.88 -29.17 8.35
CA GLU B 509 23.58 -28.19 9.15
C GLU B 509 23.40 -26.79 8.59
N LEU B 510 23.46 -26.66 7.26
CA LEU B 510 23.19 -25.36 6.66
C LEU B 510 21.72 -25.01 6.76
N PHE B 511 20.85 -26.01 6.67
CA PHE B 511 19.42 -25.75 6.81
C PHE B 511 19.11 -25.14 8.16
N LYS B 512 19.82 -25.58 9.19
CA LYS B 512 19.56 -25.10 10.54
C LYS B 512 19.69 -23.59 10.65
N PHE B 513 20.47 -22.97 9.78
CA PHE B 513 20.55 -21.51 9.79
C PHE B 513 19.19 -20.91 9.50
N THR B 514 18.42 -21.52 8.61
CA THR B 514 17.14 -20.95 8.22
C THR B 514 16.18 -20.91 9.39
N ILE B 515 16.28 -21.86 10.32
CA ILE B 515 15.46 -21.86 11.51
C ILE B 515 16.14 -21.14 12.68
N GLY B 516 17.19 -20.37 12.43
CA GLY B 516 17.82 -19.67 13.52
C GLY B 516 18.52 -20.59 14.48
N MET B 517 19.10 -21.66 13.99
CA MET B 517 19.85 -22.61 14.83
C MET B 517 21.20 -22.93 14.24
N GLY B 518 21.68 -22.17 13.27
CA GLY B 518 22.94 -22.48 12.63
C GLY B 518 24.08 -22.33 13.62
N ASP B 519 24.89 -23.37 13.73
CA ASP B 519 25.96 -23.37 14.71
C ASP B 519 27.07 -22.40 14.32
N LEU B 520 27.47 -22.40 13.05
CA LEU B 520 28.47 -21.50 12.47
C LEU B 520 29.90 -21.85 12.88
N GLU B 521 30.09 -22.83 13.76
CA GLU B 521 31.42 -23.33 14.08
C GLU B 521 31.36 -24.83 14.27
N PHE B 522 30.53 -25.49 13.47
CA PHE B 522 30.21 -26.89 13.75
C PHE B 522 31.35 -27.83 13.46
N THR B 523 32.44 -27.37 12.86
CA THR B 523 33.56 -28.26 12.60
C THR B 523 34.84 -27.48 12.47
N GLU B 524 35.95 -28.20 12.65
CA GLU B 524 37.28 -27.68 12.36
C GLU B 524 38.07 -28.64 11.47
N ASN B 525 37.42 -29.65 10.89
CA ASN B 525 38.10 -30.67 10.11
C ASN B 525 38.24 -30.19 8.67
N TYR B 526 39.06 -29.17 8.51
CA TYR B 526 39.36 -28.61 7.20
C TYR B 526 40.70 -27.90 7.29
N ASP B 527 41.14 -27.41 6.15
CA ASP B 527 42.11 -26.34 6.12
C ASP B 527 41.39 -25.11 5.59
N PHE B 528 42.07 -23.98 5.57
CA PHE B 528 41.52 -22.74 5.01
C PHE B 528 40.24 -22.32 5.72
N LYS B 529 40.40 -21.95 6.99
CA LYS B 529 39.28 -21.50 7.81
C LYS B 529 38.57 -20.33 7.17
N ALA B 530 39.33 -19.42 6.55
CA ALA B 530 38.73 -18.23 5.96
C ALA B 530 37.75 -18.61 4.86
N VAL B 531 38.10 -19.61 4.06
CA VAL B 531 37.19 -20.03 3.01
C VAL B 531 35.90 -20.55 3.60
N PHE B 532 36.02 -21.37 4.64
CA PHE B 532 34.84 -21.95 5.27
C PHE B 532 33.91 -20.87 5.81
N ILE B 533 34.47 -19.95 6.59
CA ILE B 533 33.63 -18.94 7.21
C ILE B 533 33.06 -18.01 6.15
N ILE B 534 33.83 -17.73 5.10
CA ILE B 534 33.32 -16.86 4.05
C ILE B 534 32.14 -17.51 3.34
N LEU B 535 32.24 -18.82 3.07
CA LEU B 535 31.13 -19.50 2.44
C LEU B 535 29.90 -19.45 3.31
N LEU B 536 30.06 -19.71 4.61
CA LEU B 536 28.90 -19.69 5.47
C LEU B 536 28.29 -18.31 5.55
N LEU B 537 29.13 -17.28 5.62
CA LEU B 537 28.61 -15.92 5.69
C LEU B 537 27.85 -15.56 4.43
N ALA B 538 28.39 -15.94 3.28
CA ALA B 538 27.70 -15.65 2.03
C ALA B 538 26.36 -16.37 1.99
N TYR B 539 26.35 -17.63 2.41
CA TYR B 539 25.10 -18.38 2.43
C TYR B 539 24.09 -17.72 3.35
N VAL B 540 24.52 -17.31 4.53
CA VAL B 540 23.62 -16.70 5.49
C VAL B 540 23.03 -15.42 4.92
N ILE B 541 23.88 -14.58 4.34
CA ILE B 541 23.42 -13.31 3.81
C ILE B 541 22.45 -13.54 2.66
N LEU B 542 22.79 -14.46 1.75
CA LEU B 542 21.94 -14.67 0.59
C LEU B 542 20.61 -15.30 0.98
N THR B 543 20.62 -16.31 1.84
CA THR B 543 19.38 -16.99 2.18
C THR B 543 18.69 -16.35 3.37
N TYR B 544 19.36 -16.34 4.52
CA TYR B 544 18.69 -15.91 5.73
C TYR B 544 18.31 -14.43 5.66
N ILE B 545 19.27 -13.58 5.28
CA ILE B 545 18.99 -12.15 5.33
C ILE B 545 18.17 -11.71 4.13
N LEU B 546 18.60 -12.09 2.93
CA LEU B 546 17.93 -11.61 1.73
C LEU B 546 16.68 -12.42 1.43
N LEU B 547 16.82 -13.73 1.23
CA LEU B 547 15.73 -14.48 0.62
C LEU B 547 14.51 -14.56 1.53
N LEU B 548 14.71 -14.78 2.83
CA LEU B 548 13.56 -14.88 3.71
C LEU B 548 12.81 -13.56 3.81
N ASN B 549 13.54 -12.46 3.96
CA ASN B 549 12.87 -11.18 4.08
C ASN B 549 12.22 -10.80 2.76
N MET B 550 12.84 -11.21 1.66
CA MET B 550 12.20 -11.02 0.38
C MET B 550 10.92 -11.82 0.30
N LEU B 551 10.91 -13.04 0.83
CA LEU B 551 9.69 -13.82 0.84
C LEU B 551 8.61 -13.11 1.62
N ILE B 552 8.97 -12.52 2.75
CA ILE B 552 7.98 -11.80 3.53
C ILE B 552 7.42 -10.63 2.72
N ALA B 553 8.30 -9.89 2.05
CA ALA B 553 7.83 -8.76 1.25
C ALA B 553 6.89 -9.21 0.14
N LEU B 554 7.24 -10.30 -0.53
CA LEU B 554 6.41 -10.77 -1.63
C LEU B 554 5.08 -11.26 -1.11
N MET B 555 5.07 -11.97 0.01
CA MET B 555 3.81 -12.38 0.59
C MET B 555 2.98 -11.18 0.99
N GLY B 556 3.62 -10.11 1.45
CA GLY B 556 2.89 -8.89 1.71
C GLY B 556 2.20 -8.38 0.46
N GLU B 557 2.93 -8.34 -0.65
CA GLU B 557 2.30 -7.88 -1.88
C GLU B 557 1.15 -8.78 -2.29
N THR B 558 1.36 -10.09 -2.20
CA THR B 558 0.34 -11.01 -2.65
C THR B 558 -0.93 -10.85 -1.84
N VAL B 559 -0.81 -10.86 -0.51
CA VAL B 559 -2.01 -10.73 0.31
C VAL B 559 -2.64 -9.38 0.08
N ASN B 560 -1.85 -8.34 -0.19
CA ASN B 560 -2.46 -7.08 -0.54
C ASN B 560 -3.24 -7.17 -1.84
N LYS B 561 -2.91 -8.11 -2.72
CA LYS B 561 -3.58 -8.20 -4.01
C LYS B 561 -4.69 -9.25 -4.09
N ILE B 562 -4.73 -10.21 -3.16
CA ILE B 562 -5.75 -11.25 -3.20
C ILE B 562 -6.79 -11.09 -2.10
N ALA B 563 -6.98 -9.87 -1.60
CA ALA B 563 -8.03 -9.68 -0.61
C ALA B 563 -9.41 -9.85 -1.25
N GLN B 564 -9.65 -9.15 -2.34
CA GLN B 564 -11.01 -9.07 -2.89
C GLN B 564 -11.36 -10.37 -3.62
N GLU B 565 -10.41 -10.86 -4.40
CA GLU B 565 -10.54 -12.18 -5.02
C GLU B 565 -10.85 -13.22 -3.96
N SER B 566 -10.25 -13.10 -2.78
CA SER B 566 -10.58 -14.00 -1.69
C SER B 566 -11.99 -13.78 -1.17
N LYS B 567 -12.43 -12.53 -1.07
CA LYS B 567 -13.79 -12.28 -0.57
C LYS B 567 -14.81 -12.96 -1.46
N ASN B 568 -14.54 -13.01 -2.76
CA ASN B 568 -15.45 -13.69 -3.67
C ASN B 568 -15.26 -15.21 -3.64
N ILE B 569 -14.02 -15.69 -3.53
CA ILE B 569 -13.78 -17.13 -3.47
C ILE B 569 -14.46 -17.74 -2.26
N TRP B 570 -14.53 -16.98 -1.16
CA TRP B 570 -15.24 -17.47 0.01
C TRP B 570 -16.66 -17.87 -0.34
N LYS B 571 -17.40 -16.96 -0.97
CA LYS B 571 -18.77 -17.27 -1.37
C LYS B 571 -18.79 -18.43 -2.34
N LEU B 572 -17.83 -18.48 -3.27
CA LEU B 572 -17.87 -19.51 -4.31
C LEU B 572 -17.80 -20.89 -3.67
N GLN B 573 -16.83 -21.08 -2.79
CA GLN B 573 -16.69 -22.38 -2.16
C GLN B 573 -17.83 -22.66 -1.20
N ARG B 574 -18.37 -21.64 -0.54
CA ARG B 574 -19.56 -21.87 0.26
C ARG B 574 -20.70 -22.37 -0.60
N ALA B 575 -20.80 -21.86 -1.82
CA ALA B 575 -21.84 -22.32 -2.73
C ALA B 575 -21.60 -23.75 -3.16
N ILE B 576 -20.35 -24.13 -3.38
CA ILE B 576 -20.06 -25.52 -3.70
C ILE B 576 -20.52 -26.41 -2.57
N THR B 577 -20.26 -25.98 -1.34
CA THR B 577 -20.70 -26.75 -0.18
C THR B 577 -22.20 -26.89 -0.16
N ILE B 578 -22.91 -25.80 -0.47
CA ILE B 578 -24.37 -25.83 -0.49
C ILE B 578 -24.88 -26.84 -1.49
N LEU B 579 -24.32 -26.80 -2.70
CA LEU B 579 -24.80 -27.73 -3.73
C LEU B 579 -24.52 -29.17 -3.35
N ASP B 580 -23.35 -29.43 -2.76
CA ASP B 580 -23.05 -30.80 -2.40
C ASP B 580 -24.01 -31.30 -1.34
N THR B 581 -24.31 -30.45 -0.37
CA THR B 581 -25.25 -30.86 0.68
C THR B 581 -26.63 -31.15 0.11
N GLU B 582 -27.12 -30.27 -0.75
CA GLU B 582 -28.46 -30.47 -1.27
C GLU B 582 -28.53 -31.63 -2.26
N LYS B 583 -27.43 -31.93 -2.94
CA LYS B 583 -27.44 -33.05 -3.87
C LYS B 583 -27.33 -34.38 -3.17
N SER B 584 -26.57 -34.45 -2.07
CA SER B 584 -26.46 -35.72 -1.36
C SER B 584 -27.69 -36.01 -0.53
N PHE B 585 -27.88 -35.26 0.56
CA PHE B 585 -29.08 -35.04 1.38
C PHE B 585 -29.62 -36.26 2.12
N LEU B 586 -29.30 -37.48 1.70
CA LEU B 586 -29.43 -38.75 2.44
C LEU B 586 -30.79 -38.96 3.14
N LYS B 587 -31.82 -38.13 2.87
CA LYS B 587 -33.06 -38.17 3.64
C LYS B 587 -34.30 -37.80 2.83
N CYS B 588 -34.19 -37.66 1.51
CA CYS B 588 -35.31 -37.30 0.64
C CYS B 588 -36.04 -36.06 1.13
N MET B 589 -35.27 -35.03 1.52
CA MET B 589 -35.85 -33.80 2.06
C MET B 589 -36.15 -32.81 0.94
N ARG B 590 -37.43 -32.49 0.79
CA ARG B 590 -37.88 -31.60 -0.27
C ARG B 590 -37.86 -30.14 0.13
N LYS B 591 -37.61 -29.82 1.39
CA LYS B 591 -37.52 -28.42 1.80
C LYS B 591 -36.35 -27.71 1.14
N ALA B 592 -35.39 -28.45 0.58
CA ALA B 592 -34.27 -27.81 -0.10
C ALA B 592 -34.74 -26.96 -1.27
N PHE B 593 -35.89 -27.27 -1.83
CA PHE B 593 -36.47 -26.49 -2.92
C PHE B 593 -37.23 -25.31 -2.32
N ARG B 594 -36.70 -24.11 -2.53
CA ARG B 594 -37.17 -22.94 -1.80
C ARG B 594 -38.21 -22.14 -2.56
N SER B 595 -38.56 -20.98 -2.00
CA SER B 595 -39.18 -19.85 -2.68
C SER B 595 -40.68 -19.97 -2.94
N GLY B 596 -41.26 -21.14 -2.75
CA GLY B 596 -42.70 -21.24 -2.73
C GLY B 596 -43.34 -21.08 -4.10
N LYS B 597 -44.38 -21.88 -4.36
CA LYS B 597 -45.03 -21.89 -5.66
C LYS B 597 -45.95 -20.67 -5.76
N LEU B 598 -45.43 -19.61 -6.36
CA LEU B 598 -46.14 -18.35 -6.49
C LEU B 598 -46.53 -18.11 -7.94
N LEU B 599 -47.65 -17.41 -8.11
CA LEU B 599 -48.14 -17.05 -9.43
C LEU B 599 -47.62 -15.67 -9.81
N GLN B 600 -46.93 -15.58 -10.94
CA GLN B 600 -46.37 -14.32 -11.40
C GLN B 600 -47.45 -13.46 -12.06
N VAL B 601 -48.00 -13.97 -13.17
CA VAL B 601 -48.91 -13.23 -14.02
C VAL B 601 -50.30 -13.84 -14.01
N GLY B 602 -50.37 -15.16 -14.08
CA GLY B 602 -51.63 -15.84 -14.24
C GLY B 602 -52.17 -15.85 -15.65
N PHE B 603 -51.44 -15.27 -16.60
CA PHE B 603 -51.91 -15.12 -17.98
C PHE B 603 -50.71 -15.34 -18.90
N THR B 604 -50.58 -16.55 -19.38
CA THR B 604 -49.60 -16.90 -20.39
C THR B 604 -50.16 -16.44 -21.74
N PRO B 605 -49.46 -16.71 -22.84
CA PRO B 605 -50.06 -16.43 -24.16
C PRO B 605 -51.38 -17.14 -24.40
N ASP B 606 -51.59 -18.29 -23.76
CA ASP B 606 -52.90 -18.91 -23.68
C ASP B 606 -53.56 -18.51 -22.36
N GLY B 607 -54.72 -19.07 -22.08
CA GLY B 607 -55.48 -18.69 -20.91
C GLY B 607 -54.98 -19.28 -19.60
N LYS B 608 -53.90 -20.03 -19.63
CA LYS B 608 -53.41 -20.67 -18.42
C LYS B 608 -52.75 -19.67 -17.48
N ASP B 609 -52.56 -20.10 -16.25
CA ASP B 609 -51.87 -19.34 -15.22
C ASP B 609 -50.49 -19.95 -14.95
N ASP B 610 -49.53 -19.09 -14.65
CA ASP B 610 -48.13 -19.46 -14.51
C ASP B 610 -47.75 -19.41 -13.04
N TYR B 611 -47.32 -20.55 -12.51
CA TYR B 611 -46.66 -20.63 -11.21
C TYR B 611 -45.20 -20.96 -11.46
N ARG B 612 -44.30 -20.11 -10.98
CA ARG B 612 -42.90 -20.17 -11.36
C ARG B 612 -41.93 -20.05 -10.18
N TRP B 613 -42.38 -20.34 -8.97
CA TRP B 613 -41.49 -20.55 -7.82
C TRP B 613 -40.59 -19.36 -7.56
N CYS B 614 -41.21 -18.21 -7.37
CA CYS B 614 -40.41 -17.01 -7.29
C CYS B 614 -39.86 -16.80 -5.89
N PHE B 615 -38.71 -16.13 -5.83
CA PHE B 615 -38.01 -15.85 -4.58
C PHE B 615 -38.20 -14.38 -4.27
N ARG B 616 -38.68 -14.10 -3.07
CA ARG B 616 -39.07 -12.76 -2.67
C ARG B 616 -37.84 -12.02 -2.18
N VAL B 617 -37.72 -10.75 -2.56
CA VAL B 617 -36.66 -9.88 -2.05
C VAL B 617 -37.26 -8.50 -1.80
N ASP B 618 -37.16 -8.03 -0.57
CA ASP B 618 -37.61 -6.69 -0.21
C ASP B 618 -36.48 -5.69 -0.40
N GLU B 619 -36.79 -4.53 -0.98
CA GLU B 619 -35.80 -3.51 -1.24
C GLU B 619 -36.40 -2.15 -0.90
N VAL B 620 -35.54 -1.22 -0.53
CA VAL B 620 -35.92 0.15 -0.21
C VAL B 620 -35.12 1.08 -1.10
N ASN B 621 -35.79 2.07 -1.67
CA ASN B 621 -35.13 3.12 -2.43
C ASN B 621 -35.75 4.45 -2.10
N TRP B 622 -34.90 5.44 -1.85
CA TRP B 622 -35.32 6.75 -1.38
C TRP B 622 -35.46 7.76 -2.49
N THR B 623 -35.25 7.36 -3.74
CA THR B 623 -35.36 8.24 -4.88
C THR B 623 -36.45 7.67 -5.77
N THR B 624 -36.85 8.45 -6.77
CA THR B 624 -37.89 8.02 -7.69
C THR B 624 -39.19 7.74 -6.93
N TRP B 625 -39.69 8.79 -6.29
CA TRP B 625 -40.93 8.69 -5.54
C TRP B 625 -42.11 8.48 -6.46
N TYR C 90 -12.13 54.36 20.28
CA TYR C 90 -12.14 53.60 21.53
C TYR C 90 -10.92 53.91 22.37
N THR C 91 -11.15 54.03 23.68
CA THR C 91 -10.10 54.28 24.64
C THR C 91 -9.77 53.07 25.50
N ASP C 92 -10.68 52.12 25.63
CA ASP C 92 -10.40 50.96 26.47
C ASP C 92 -9.31 50.10 25.84
N SER C 93 -8.61 49.35 26.70
CA SER C 93 -7.42 48.62 26.28
C SER C 93 -7.71 47.52 25.27
N TYR C 94 -8.94 47.04 25.21
CA TYR C 94 -9.28 45.93 24.32
C TYR C 94 -9.46 46.38 22.89
N TYR C 95 -10.15 47.51 22.68
CA TYR C 95 -10.40 48.07 21.36
C TYR C 95 -9.60 49.35 21.10
N LYS C 96 -8.54 49.59 21.87
CA LYS C 96 -7.83 50.86 21.85
C LYS C 96 -7.39 51.25 20.45
N GLY C 97 -7.65 52.51 20.09
CA GLY C 97 -7.19 53.07 18.84
C GLY C 97 -8.13 52.90 17.67
N GLN C 98 -9.13 52.05 17.79
CA GLN C 98 -10.07 51.84 16.71
C GLN C 98 -10.85 53.13 16.47
N THR C 99 -10.94 53.54 15.21
CA THR C 99 -11.66 54.75 14.83
C THR C 99 -12.63 54.43 13.71
N ALA C 100 -13.40 55.45 13.32
CA ALA C 100 -14.47 55.24 12.35
C ALA C 100 -13.94 54.74 11.01
N LEU C 101 -12.73 55.15 10.65
CA LEU C 101 -12.17 54.74 9.36
C LEU C 101 -11.95 53.23 9.31
N HIS C 102 -11.41 52.67 10.39
CA HIS C 102 -11.26 51.21 10.46
C HIS C 102 -12.61 50.53 10.29
N ILE C 103 -13.63 51.09 10.92
CA ILE C 103 -14.97 50.50 10.84
C ILE C 103 -15.49 50.57 9.41
N ALA C 104 -15.29 51.70 8.75
CA ALA C 104 -15.74 51.84 7.37
C ALA C 104 -15.05 50.82 6.48
N ILE C 105 -13.76 50.62 6.68
CA ILE C 105 -13.02 49.70 5.82
C ILE C 105 -13.46 48.26 6.08
N GLU C 106 -13.49 47.86 7.35
CA GLU C 106 -13.81 46.47 7.66
C GLU C 106 -15.23 46.11 7.26
N ARG C 107 -16.13 47.10 7.29
CA ARG C 107 -17.48 46.92 6.76
C ARG C 107 -17.55 47.08 5.25
N ARG C 108 -16.41 47.31 4.58
CA ARG C 108 -16.33 47.28 3.13
C ARG C 108 -17.25 48.34 2.49
N ASN C 109 -17.36 49.49 3.14
CA ASN C 109 -18.21 50.59 2.68
C ASN C 109 -17.32 51.66 2.07
N MET C 110 -17.22 51.63 0.73
CA MET C 110 -16.43 52.64 0.03
C MET C 110 -16.94 54.04 0.31
N THR C 111 -18.26 54.20 0.41
CA THR C 111 -18.83 55.54 0.56
C THR C 111 -18.42 56.16 1.88
N LEU C 112 -18.57 55.41 2.98
CA LEU C 112 -18.18 55.93 4.29
C LEU C 112 -16.69 56.21 4.34
N VAL C 113 -15.89 55.37 3.72
CA VAL C 113 -14.45 55.61 3.68
C VAL C 113 -14.17 56.93 2.97
N THR C 114 -14.81 57.14 1.82
CA THR C 114 -14.57 58.35 1.05
C THR C 114 -14.93 59.58 1.87
N LEU C 115 -16.08 59.52 2.53
CA LEU C 115 -16.53 60.66 3.31
C LEU C 115 -15.61 60.92 4.50
N LEU C 116 -15.21 59.86 5.20
CA LEU C 116 -14.35 60.03 6.37
C LEU C 116 -13.00 60.59 5.99
N VAL C 117 -12.43 60.10 4.89
CA VAL C 117 -11.19 60.68 4.40
C VAL C 117 -11.40 62.15 4.04
N GLU C 118 -12.49 62.45 3.35
CA GLU C 118 -12.78 63.83 3.00
C GLU C 118 -12.93 64.70 4.23
N ASN C 119 -13.55 64.18 5.28
CA ASN C 119 -13.87 64.95 6.47
C ASN C 119 -12.70 65.09 7.42
N GLY C 120 -11.50 64.69 7.02
CA GLY C 120 -10.33 64.86 7.86
C GLY C 120 -10.03 63.70 8.77
N ALA C 121 -10.46 62.50 8.43
CA ALA C 121 -10.05 61.32 9.18
C ALA C 121 -8.54 61.16 9.06
N ASP C 122 -7.93 60.63 10.13
CA ASP C 122 -6.50 60.36 10.14
C ASP C 122 -6.25 58.98 9.53
N VAL C 123 -5.61 58.94 8.36
CA VAL C 123 -5.36 57.69 7.65
C VAL C 123 -4.21 56.90 8.29
N GLN C 124 -3.54 57.48 9.28
CA GLN C 124 -2.42 56.81 9.95
C GLN C 124 -2.75 56.43 11.40
N ALA C 125 -4.01 56.52 11.80
CA ALA C 125 -4.37 56.17 13.17
C ALA C 125 -4.20 54.67 13.39
N ALA C 126 -3.42 54.32 14.40
CA ALA C 126 -3.10 52.91 14.65
C ALA C 126 -4.09 52.32 15.64
N ALA C 127 -4.72 51.22 15.26
CA ALA C 127 -5.62 50.48 16.15
C ALA C 127 -4.78 49.45 16.89
N ASN C 128 -4.42 49.76 18.14
CA ASN C 128 -3.43 48.99 18.88
C ASN C 128 -4.00 48.36 20.15
N GLY C 129 -5.30 48.07 20.16
CA GLY C 129 -5.88 47.34 21.27
C GLY C 129 -5.46 45.89 21.27
N ASP C 130 -5.75 45.21 22.38
CA ASP C 130 -5.47 43.78 22.46
C ASP C 130 -6.20 43.02 21.37
N PHE C 131 -7.40 43.46 21.02
CA PHE C 131 -8.18 42.78 20.01
C PHE C 131 -7.50 42.77 18.64
N PHE C 132 -6.63 43.74 18.37
CA PHE C 132 -5.98 43.87 17.08
C PHE C 132 -4.55 43.35 17.06
N LYS C 133 -4.21 42.46 17.99
CA LYS C 133 -2.88 41.87 18.08
C LYS C 133 -2.99 40.37 17.90
N LYS C 134 -1.83 39.72 17.72
CA LYS C 134 -1.81 38.30 17.44
C LYS C 134 -2.45 37.49 18.56
N THR C 135 -1.80 37.46 19.73
CA THR C 135 -2.37 36.98 20.99
C THR C 135 -3.17 35.70 20.86
N LYS C 136 -2.50 34.60 20.51
CA LYS C 136 -3.17 33.35 20.16
C LYS C 136 -4.12 32.84 21.23
N GLY C 137 -3.87 33.17 22.50
CA GLY C 137 -4.72 32.70 23.57
C GLY C 137 -5.99 33.50 23.79
N ARG C 138 -6.23 34.52 22.99
CA ARG C 138 -7.40 35.39 23.10
C ARG C 138 -7.95 35.63 21.71
N PRO C 139 -9.23 36.01 21.59
CA PRO C 139 -9.74 36.40 20.28
C PRO C 139 -9.07 37.67 19.78
N GLY C 140 -8.93 37.76 18.47
CA GLY C 140 -8.36 38.94 17.86
C GLY C 140 -7.98 38.68 16.42
N PHE C 141 -7.51 39.73 15.78
CA PHE C 141 -7.19 39.70 14.35
C PHE C 141 -6.12 40.75 14.10
N TYR C 142 -4.88 40.31 13.92
CA TYR C 142 -3.79 41.24 13.69
C TYR C 142 -3.72 41.60 12.22
N PHE C 143 -3.60 42.90 11.95
CA PHE C 143 -3.52 43.39 10.59
C PHE C 143 -2.51 44.52 10.44
N GLY C 144 -1.62 44.72 11.41
CA GLY C 144 -0.69 45.83 11.36
C GLY C 144 -1.24 47.14 11.87
N GLU C 145 -2.48 47.16 12.37
CA GLU C 145 -3.03 48.28 13.13
C GLU C 145 -3.38 49.48 12.26
N LEU C 146 -3.04 49.47 10.91
CA LEU C 146 -3.19 50.67 10.10
C LEU C 146 -4.31 50.50 9.08
N PRO C 147 -4.98 51.59 8.68
CA PRO C 147 -6.03 51.45 7.65
C PRO C 147 -5.54 50.87 6.34
N LEU C 148 -4.34 51.25 5.90
CA LEU C 148 -3.83 50.73 4.65
C LEU C 148 -3.62 49.23 4.73
N SER C 149 -3.00 48.76 5.82
CA SER C 149 -2.82 47.33 5.99
C SER C 149 -4.15 46.63 6.17
N LEU C 150 -5.13 47.30 6.77
CA LEU C 150 -6.44 46.69 6.93
C LEU C 150 -7.09 46.47 5.57
N ALA C 151 -7.04 47.48 4.71
CA ALA C 151 -7.62 47.33 3.38
C ALA C 151 -6.87 46.28 2.58
N ALA C 152 -5.55 46.25 2.71
CA ALA C 152 -4.76 45.28 1.96
C ALA C 152 -5.07 43.86 2.41
N CYS C 153 -5.13 43.64 3.72
CA CYS C 153 -5.39 42.32 4.25
C CYS C 153 -6.78 41.82 3.89
N THR C 154 -7.70 42.70 3.58
CA THR C 154 -9.10 42.32 3.34
C THR C 154 -9.43 42.26 1.87
N ASN C 155 -8.42 42.28 0.99
CA ASN C 155 -8.62 42.13 -0.44
C ASN C 155 -9.53 43.23 -0.99
N GLN C 156 -9.31 44.45 -0.51
CA GLN C 156 -10.05 45.63 -0.97
C GLN C 156 -9.04 46.53 -1.65
N LEU C 157 -8.79 46.25 -2.94
CA LEU C 157 -7.77 46.98 -3.67
C LEU C 157 -8.18 48.42 -3.90
N ALA C 158 -9.46 48.65 -4.19
CA ALA C 158 -9.93 49.99 -4.47
C ALA C 158 -9.65 50.91 -3.30
N ILE C 159 -9.88 50.42 -2.08
CA ILE C 159 -9.64 51.25 -0.90
C ILE C 159 -8.15 51.49 -0.73
N VAL C 160 -7.32 50.49 -1.02
CA VAL C 160 -5.88 50.69 -0.92
C VAL C 160 -5.45 51.81 -1.86
N LYS C 161 -5.92 51.75 -3.10
CA LYS C 161 -5.58 52.80 -4.05
C LYS C 161 -6.08 54.13 -3.57
N PHE C 162 -7.32 54.17 -3.08
CA PHE C 162 -7.92 55.42 -2.65
C PHE C 162 -7.11 56.03 -1.51
N LEU C 163 -6.79 55.24 -0.50
CA LEU C 163 -6.01 55.73 0.63
C LEU C 163 -4.64 56.22 0.19
N LEU C 164 -4.01 55.48 -0.72
CA LEU C 164 -2.67 55.87 -1.13
C LEU C 164 -2.69 57.18 -1.91
N GLN C 165 -3.66 57.34 -2.81
CA GLN C 165 -3.70 58.46 -3.73
C GLN C 165 -5.08 59.11 -3.73
N ASN C 166 -5.60 59.42 -2.55
CA ASN C 166 -6.72 60.34 -2.45
C ASN C 166 -6.21 61.78 -2.53
N SER C 167 -7.14 62.70 -2.74
CA SER C 167 -6.78 64.11 -2.85
C SER C 167 -6.48 64.75 -1.51
N TRP C 168 -7.18 64.33 -0.46
CA TRP C 168 -7.20 65.08 0.80
C TRP C 168 -6.06 64.70 1.73
N GLN C 169 -5.77 63.41 1.85
CA GLN C 169 -4.80 62.92 2.82
C GLN C 169 -4.25 61.57 2.37
N PRO C 170 -3.21 61.53 1.55
CA PRO C 170 -2.68 60.24 1.10
C PRO C 170 -1.98 59.49 2.21
N ALA C 171 -2.00 58.17 2.09
CA ALA C 171 -1.41 57.30 3.11
C ALA C 171 0.08 57.09 2.84
N ASP C 172 0.84 56.93 3.93
CA ASP C 172 2.28 56.69 3.84
C ASP C 172 2.52 55.20 3.61
N ILE C 173 2.84 54.85 2.37
CA ILE C 173 3.02 53.47 1.99
C ILE C 173 4.16 52.80 2.74
N SER C 174 5.11 53.58 3.25
CA SER C 174 6.21 53.07 4.04
C SER C 174 5.92 53.07 5.53
N ALA C 175 4.67 53.31 5.92
CA ALA C 175 4.33 53.43 7.32
C ALA C 175 4.60 52.11 8.06
N ARG C 176 5.08 52.23 9.29
CA ARG C 176 5.38 51.09 10.14
C ARG C 176 4.47 51.11 11.35
N ASP C 177 3.99 49.94 11.72
CA ASP C 177 3.10 49.81 12.87
C ASP C 177 3.93 49.84 14.14
N SER C 178 3.30 49.51 15.27
CA SER C 178 4.04 49.38 16.51
C SER C 178 5.11 48.31 16.44
N VAL C 179 4.83 47.21 15.74
CA VAL C 179 5.81 46.11 15.63
C VAL C 179 6.93 46.45 14.68
N GLY C 180 6.80 47.51 13.88
CA GLY C 180 7.69 47.76 12.78
C GLY C 180 7.28 47.13 11.48
N ASN C 181 6.15 46.42 11.46
CA ASN C 181 5.66 45.80 10.24
C ASN C 181 4.99 46.85 9.35
N THR C 182 5.40 46.88 8.09
CA THR C 182 4.72 47.67 7.07
C THR C 182 3.60 46.84 6.48
N VAL C 183 2.97 47.38 5.43
CA VAL C 183 1.88 46.66 4.78
C VAL C 183 2.37 45.34 4.23
N LEU C 184 3.59 45.29 3.72
CA LEU C 184 4.08 44.04 3.17
C LEU C 184 4.31 43.02 4.27
N HIS C 185 4.80 43.44 5.43
CA HIS C 185 4.94 42.52 6.54
C HIS C 185 3.58 41.98 6.94
N ALA C 186 2.56 42.84 6.93
CA ALA C 186 1.22 42.37 7.25
C ALA C 186 0.74 41.36 6.21
N LEU C 187 0.98 41.62 4.94
CA LEU C 187 0.56 40.68 3.91
C LEU C 187 1.26 39.35 4.08
N VAL C 188 2.52 39.37 4.48
CA VAL C 188 3.21 38.13 4.80
C VAL C 188 2.51 37.45 5.97
N GLU C 189 2.13 38.21 6.98
CA GLU C 189 1.51 37.62 8.16
C GLU C 189 0.22 36.91 7.84
N VAL C 190 -0.65 37.57 7.06
CA VAL C 190 -1.98 37.03 6.86
C VAL C 190 -1.99 35.80 5.97
N ALA C 191 -0.93 35.58 5.20
CA ALA C 191 -0.85 34.36 4.41
C ALA C 191 -0.85 33.14 5.31
N ASP C 192 -1.48 32.07 4.85
CA ASP C 192 -1.50 30.79 5.55
C ASP C 192 -1.37 29.61 4.59
N ASN C 193 -0.92 29.85 3.37
CA ASN C 193 -0.60 28.80 2.41
C ASN C 193 -1.81 28.00 1.97
N THR C 194 -2.99 28.57 2.06
CA THR C 194 -4.15 28.05 1.34
C THR C 194 -4.26 28.76 -0.01
N VAL C 195 -4.82 28.04 -0.99
CA VAL C 195 -4.75 28.50 -2.37
C VAL C 195 -5.51 29.81 -2.54
N ASP C 196 -6.72 29.88 -2.00
CA ASP C 196 -7.52 31.09 -2.15
C ASP C 196 -6.89 32.26 -1.41
N ASN C 197 -6.40 32.02 -0.19
CA ASN C 197 -5.73 33.06 0.55
C ASN C 197 -4.47 33.52 -0.17
N THR C 198 -3.68 32.54 -0.64
CA THR C 198 -2.43 32.85 -1.29
C THR C 198 -2.63 33.67 -2.55
N LYS C 199 -3.67 33.33 -3.32
CA LYS C 199 -3.91 34.02 -4.58
C LYS C 199 -4.05 35.52 -4.39
N PHE C 200 -4.97 35.92 -3.51
CA PHE C 200 -5.15 37.35 -3.33
C PHE C 200 -3.98 37.95 -2.59
N VAL C 201 -3.30 37.21 -1.71
CA VAL C 201 -2.20 37.83 -0.99
C VAL C 201 -1.08 38.18 -1.96
N THR C 202 -0.75 37.27 -2.86
CA THR C 202 0.25 37.58 -3.86
C THR C 202 -0.21 38.70 -4.78
N SER C 203 -1.48 38.69 -5.18
CA SER C 203 -1.95 39.73 -6.07
C SER C 203 -1.87 41.10 -5.42
N MET C 204 -2.31 41.20 -4.17
CA MET C 204 -2.26 42.46 -3.45
C MET C 204 -0.82 42.90 -3.27
N TYR C 205 0.08 41.96 -2.98
CA TYR C 205 1.48 42.29 -2.83
C TYR C 205 2.03 42.89 -4.12
N ASN C 206 1.71 42.26 -5.24
CA ASN C 206 2.15 42.76 -6.53
C ASN C 206 1.64 44.17 -6.76
N GLU C 207 0.34 44.38 -6.50
CA GLU C 207 -0.25 45.69 -6.77
C GLU C 207 0.38 46.77 -5.90
N ILE C 208 0.62 46.46 -4.63
CA ILE C 208 1.25 47.44 -3.75
C ILE C 208 2.63 47.78 -4.27
N LEU C 209 3.37 46.80 -4.76
CA LEU C 209 4.71 47.12 -5.25
C LEU C 209 4.64 48.00 -6.48
N ILE C 210 3.67 47.74 -7.37
CA ILE C 210 3.53 48.59 -8.55
C ILE C 210 3.25 50.03 -8.11
N LEU C 211 2.33 50.17 -7.16
CA LEU C 211 1.97 51.51 -6.70
C LEU C 211 3.14 52.18 -6.02
N GLY C 212 3.91 51.44 -5.23
CA GLY C 212 5.07 52.02 -4.59
C GLY C 212 6.08 52.53 -5.59
N ALA C 213 6.29 51.76 -6.66
CA ALA C 213 7.18 52.22 -7.71
C ALA C 213 6.65 53.47 -8.38
N LYS C 214 5.35 53.50 -8.68
CA LYS C 214 4.82 54.61 -9.45
C LYS C 214 4.77 55.89 -8.63
N LEU C 215 4.49 55.77 -7.33
CA LEU C 215 4.34 56.93 -6.46
C LEU C 215 5.66 57.33 -5.83
N HIS C 216 6.52 56.38 -5.52
CA HIS C 216 7.82 56.63 -4.90
C HIS C 216 8.86 55.78 -5.60
N PRO C 217 9.29 56.19 -6.80
CA PRO C 217 10.30 55.41 -7.52
C PRO C 217 11.60 55.22 -6.75
N THR C 218 11.93 56.15 -5.86
CA THR C 218 13.15 56.05 -5.07
C THR C 218 13.00 55.15 -3.84
N LEU C 219 11.78 54.80 -3.46
CA LEU C 219 11.54 54.06 -2.24
C LEU C 219 11.67 52.56 -2.49
N LYS C 220 12.38 51.88 -1.59
CA LYS C 220 12.57 50.43 -1.65
C LYS C 220 11.83 49.82 -0.46
N LEU C 221 10.57 49.43 -0.70
CA LEU C 221 9.74 48.93 0.38
C LEU C 221 10.31 47.64 0.97
N GLU C 222 10.71 46.71 0.11
CA GLU C 222 11.04 45.39 0.60
C GLU C 222 12.28 45.36 1.46
N GLU C 223 13.07 46.43 1.48
CA GLU C 223 14.23 46.50 2.34
C GLU C 223 13.91 47.04 3.72
N ILE C 224 12.68 47.46 3.97
CA ILE C 224 12.31 47.95 5.29
C ILE C 224 12.21 46.75 6.23
N THR C 225 12.84 46.86 7.39
CA THR C 225 12.86 45.79 8.38
C THR C 225 12.01 46.17 9.57
N ASN C 226 11.40 45.15 10.17
CA ASN C 226 10.62 45.34 11.38
C ASN C 226 11.56 45.40 12.58
N ARG C 227 11.00 45.34 13.78
CA ARG C 227 11.81 45.36 14.99
C ARG C 227 12.76 44.18 15.08
N LYS C 228 12.41 43.05 14.47
CA LYS C 228 13.27 41.88 14.49
C LYS C 228 14.34 41.90 13.43
N GLY C 229 14.39 42.94 12.60
CA GLY C 229 15.35 42.95 11.52
C GLY C 229 14.97 42.10 10.34
N LEU C 230 13.69 41.76 10.20
CA LEU C 230 13.22 40.88 9.15
C LEU C 230 12.61 41.71 8.03
N THR C 231 13.06 41.48 6.81
CA THR C 231 12.35 41.98 5.66
C THR C 231 11.14 41.10 5.41
N PRO C 232 10.19 41.57 4.60
CA PRO C 232 9.04 40.70 4.29
C PRO C 232 9.45 39.38 3.69
N LEU C 233 10.50 39.36 2.89
CA LEU C 233 11.03 38.10 2.40
C LEU C 233 11.54 37.25 3.56
N ALA C 234 12.34 37.84 4.43
CA ALA C 234 12.86 37.11 5.58
C ALA C 234 11.73 36.63 6.45
N LEU C 235 10.70 37.47 6.62
CA LEU C 235 9.56 37.07 7.43
C LEU C 235 8.83 35.89 6.81
N ALA C 236 8.66 35.90 5.50
CA ALA C 236 8.03 34.78 4.83
C ALA C 236 8.86 33.52 5.01
N ALA C 237 10.18 33.65 4.90
CA ALA C 237 11.03 32.49 5.05
C ALA C 237 10.93 31.92 6.45
N SER C 238 11.02 32.78 7.46
CA SER C 238 10.99 32.29 8.83
C SER C 238 9.63 31.71 9.18
N SER C 239 8.56 32.29 8.67
CA SER C 239 7.22 31.86 9.01
C SER C 239 6.74 30.67 8.20
N GLY C 240 7.47 30.27 7.17
CA GLY C 240 7.06 29.13 6.39
C GLY C 240 5.97 29.39 5.40
N LYS C 241 5.72 30.65 5.06
CA LYS C 241 4.64 30.98 4.12
C LYS C 241 5.15 30.67 2.72
N ILE C 242 5.11 29.38 2.39
CA ILE C 242 5.76 28.90 1.17
C ILE C 242 5.14 29.54 -0.07
N GLY C 243 3.85 29.81 -0.05
CA GLY C 243 3.23 30.42 -1.22
C GLY C 243 3.81 31.79 -1.52
N VAL C 244 4.04 32.58 -0.50
CA VAL C 244 4.56 33.92 -0.71
C VAL C 244 5.96 33.86 -1.29
N LEU C 245 6.80 32.95 -0.78
CA LEU C 245 8.13 32.78 -1.38
C LEU C 245 8.01 32.32 -2.82
N ALA C 246 7.09 31.41 -3.07
CA ALA C 246 6.87 30.93 -4.42
C ALA C 246 6.53 32.08 -5.35
N TYR C 247 5.82 33.07 -4.83
CA TYR C 247 5.54 34.27 -5.61
C TYR C 247 6.79 35.13 -5.76
N ILE C 248 7.47 35.43 -4.66
CA ILE C 248 8.53 36.43 -4.67
C ILE C 248 9.71 35.97 -5.50
N LEU C 249 10.22 34.77 -5.20
CA LEU C 249 11.53 34.37 -5.71
C LEU C 249 11.56 34.24 -7.22
N GLN C 250 10.40 34.22 -7.88
CA GLN C 250 10.31 34.14 -9.33
C GLN C 250 9.40 35.25 -9.85
N ARG C 251 9.52 36.43 -9.26
CA ARG C 251 8.66 37.56 -9.64
C ARG C 251 9.23 38.26 -10.87
N GLU C 252 8.38 38.42 -11.88
CA GLU C 252 8.76 38.98 -13.17
C GLU C 252 7.64 39.90 -13.64
N ILE C 253 7.97 41.17 -13.87
CA ILE C 253 6.99 42.20 -14.19
C ILE C 253 7.36 42.82 -15.53
N HIS C 254 6.47 42.69 -16.51
CA HIS C 254 6.69 43.17 -17.87
C HIS C 254 5.99 44.50 -18.11
N GLU C 255 6.56 45.58 -17.61
CA GLU C 255 6.08 46.89 -18.02
C GLU C 255 7.13 47.94 -17.72
N PRO C 256 7.09 49.10 -18.38
CA PRO C 256 8.05 50.16 -18.07
C PRO C 256 7.90 50.63 -16.63
N GLU C 257 9.02 51.02 -16.05
CA GLU C 257 9.10 51.54 -14.69
C GLU C 257 8.68 50.51 -13.64
N CYS C 258 8.62 49.23 -14.00
CA CYS C 258 8.38 48.17 -13.03
C CYS C 258 9.22 46.92 -13.31
N ARG C 259 10.05 46.92 -14.35
CA ARG C 259 10.92 45.77 -14.56
C ARG C 259 11.91 45.64 -13.42
N HIS C 260 12.39 46.77 -12.92
CA HIS C 260 13.38 46.76 -11.84
C HIS C 260 12.87 46.07 -10.59
N LEU C 261 11.56 46.05 -10.37
CA LEU C 261 11.00 45.27 -9.28
C LEU C 261 11.15 43.78 -9.49
N SER C 262 11.41 43.34 -10.71
CA SER C 262 11.44 41.92 -10.99
C SER C 262 12.66 41.29 -10.34
N ARG C 263 12.49 40.06 -9.87
CA ARG C 263 13.59 39.22 -9.41
C ARG C 263 13.93 38.12 -10.40
N LYS C 264 13.05 37.85 -11.35
CA LYS C 264 13.32 36.91 -12.44
C LYS C 264 13.30 37.70 -13.72
N PHE C 265 14.37 37.59 -14.50
CA PHE C 265 14.54 38.33 -15.73
C PHE C 265 14.83 37.33 -16.84
N THR C 266 14.32 37.59 -18.04
CA THR C 266 14.55 36.71 -19.17
C THR C 266 15.67 37.31 -20.02
N GLU C 267 16.80 36.61 -20.11
CA GLU C 267 17.91 37.19 -20.86
C GLU C 267 17.74 36.96 -22.35
N TRP C 268 17.76 35.71 -22.79
CA TRP C 268 17.49 35.36 -24.17
C TRP C 268 16.58 34.15 -24.28
N ALA C 269 15.88 34.07 -25.40
CA ALA C 269 14.98 32.95 -25.68
C ALA C 269 15.07 32.64 -27.16
N TYR C 270 15.73 31.54 -27.51
CA TYR C 270 15.98 31.29 -28.93
C TYR C 270 14.76 30.65 -29.60
N GLY C 271 14.46 29.40 -29.27
CA GLY C 271 13.21 28.78 -29.67
C GLY C 271 12.39 28.39 -28.47
N PRO C 272 12.30 27.08 -28.16
CA PRO C 272 11.65 26.66 -26.92
C PRO C 272 12.52 26.92 -25.71
N VAL C 273 13.81 27.14 -25.93
CA VAL C 273 14.80 27.30 -24.88
C VAL C 273 14.89 28.77 -24.52
N HIS C 274 15.08 29.07 -23.23
CA HIS C 274 15.35 30.42 -22.81
C HIS C 274 16.05 30.40 -21.46
N SER C 275 16.86 31.42 -21.24
CA SER C 275 17.69 31.53 -20.03
C SER C 275 17.14 32.62 -19.14
N SER C 276 16.63 32.23 -17.98
CA SER C 276 16.18 33.18 -16.98
C SER C 276 17.29 33.43 -15.95
N LEU C 277 17.21 34.58 -15.31
CA LEU C 277 18.17 35.04 -14.33
C LEU C 277 17.40 35.36 -13.06
N TYR C 278 17.76 34.70 -11.96
CA TYR C 278 17.13 34.95 -10.67
C TYR C 278 18.00 35.89 -9.87
N ASP C 279 17.39 36.80 -9.13
CA ASP C 279 18.11 37.93 -8.57
C ASP C 279 19.13 37.49 -7.52
N LEU C 280 18.68 36.70 -6.54
CA LEU C 280 19.48 36.11 -5.46
C LEU C 280 19.94 37.09 -4.39
N SER C 281 19.49 38.34 -4.40
CA SER C 281 19.86 39.21 -3.30
C SER C 281 19.18 38.72 -2.03
N CYS C 282 19.95 38.64 -0.95
CA CYS C 282 19.50 38.17 0.36
C CYS C 282 19.09 36.70 0.36
N ILE C 283 19.48 35.95 -0.67
CA ILE C 283 19.30 34.50 -0.65
C ILE C 283 20.64 33.91 -0.29
N ASP C 284 21.64 34.16 -1.12
CA ASP C 284 22.97 33.61 -0.88
C ASP C 284 23.57 34.23 0.37
N THR C 285 23.56 35.55 0.46
CA THR C 285 24.18 36.21 1.58
C THR C 285 23.62 37.61 1.72
N CYS C 286 23.69 38.13 2.93
CA CYS C 286 23.29 39.49 3.27
C CYS C 286 23.82 39.76 4.67
N GLU C 287 23.37 40.86 5.26
CA GLU C 287 23.84 41.21 6.59
C GLU C 287 23.47 40.15 7.60
N LYS C 288 22.17 39.92 7.80
CA LYS C 288 21.71 39.02 8.84
C LYS C 288 20.88 37.86 8.33
N ASN C 289 19.75 38.17 7.70
CA ASN C 289 18.70 37.19 7.45
C ASN C 289 18.72 36.74 6.00
N SER C 290 19.77 36.03 5.61
CA SER C 290 19.75 35.39 4.31
C SER C 290 18.70 34.29 4.32
N VAL C 291 17.98 34.18 3.20
CA VAL C 291 16.83 33.27 3.14
C VAL C 291 17.27 31.84 3.44
N LEU C 292 18.42 31.44 2.91
CA LEU C 292 18.91 30.10 3.19
C LEU C 292 19.18 29.93 4.67
N GLU C 293 19.77 30.93 5.32
CA GLU C 293 20.03 30.81 6.74
C GLU C 293 18.73 30.69 7.51
N VAL C 294 17.73 31.48 7.14
CA VAL C 294 16.47 31.45 7.85
C VAL C 294 15.79 30.10 7.69
N ILE C 295 15.77 29.58 6.47
CA ILE C 295 15.11 28.29 6.23
C ILE C 295 15.86 27.17 6.93
N ALA C 296 17.16 27.09 6.70
CA ALA C 296 17.95 25.97 7.18
C ALA C 296 17.97 25.93 8.70
N TYR C 297 18.11 27.09 9.34
CA TYR C 297 18.10 27.19 10.79
C TYR C 297 16.71 27.49 11.33
N SER C 298 15.68 26.98 10.67
CA SER C 298 14.33 27.11 11.18
C SER C 298 14.20 26.39 12.51
N SER C 299 13.14 26.70 13.24
CA SER C 299 12.91 26.18 14.57
C SER C 299 12.16 24.86 14.58
N SER C 300 12.05 24.19 13.43
CA SER C 300 11.42 22.87 13.30
C SER C 300 9.89 22.91 13.42
N GLU C 301 9.33 24.04 13.84
CA GLU C 301 7.90 24.24 13.93
C GLU C 301 7.35 25.02 12.76
N THR C 302 8.22 25.61 11.96
CA THR C 302 7.79 26.27 10.76
C THR C 302 7.08 25.25 9.87
N PRO C 303 5.89 25.54 9.34
CA PRO C 303 5.11 24.49 8.68
C PRO C 303 5.82 23.79 7.53
N ASN C 304 6.41 24.56 6.64
CA ASN C 304 6.84 24.08 5.33
C ASN C 304 8.35 24.03 5.20
N ARG C 305 9.07 23.96 6.32
CA ARG C 305 10.52 23.98 6.31
C ARG C 305 11.09 22.87 5.45
N HIS C 306 10.40 21.74 5.35
CA HIS C 306 10.82 20.72 4.40
C HIS C 306 10.53 21.12 2.98
N ASP C 307 9.48 21.92 2.77
CA ASP C 307 9.01 22.19 1.42
C ASP C 307 9.68 23.40 0.80
N MET C 308 10.07 24.39 1.60
CA MET C 308 10.47 25.68 1.06
C MET C 308 11.67 25.58 0.14
N LEU C 309 12.55 24.61 0.38
CA LEU C 309 13.74 24.50 -0.46
C LEU C 309 13.46 23.80 -1.77
N LEU C 310 12.24 23.35 -2.00
CA LEU C 310 11.86 22.86 -3.31
C LEU C 310 11.66 23.98 -4.32
N VAL C 311 11.60 25.24 -3.87
CA VAL C 311 11.35 26.34 -4.80
C VAL C 311 12.56 26.51 -5.70
N GLU C 312 12.30 26.48 -7.02
CA GLU C 312 13.26 26.27 -8.11
C GLU C 312 14.63 26.93 -7.92
N PRO C 313 14.69 28.25 -7.74
CA PRO C 313 16.02 28.87 -7.57
C PRO C 313 16.78 28.34 -6.37
N LEU C 314 16.11 28.05 -5.27
CA LEU C 314 16.84 27.58 -4.10
C LEU C 314 17.41 26.20 -4.32
N ASN C 315 16.60 25.28 -4.85
CA ASN C 315 17.08 23.93 -5.07
C ASN C 315 18.23 23.91 -6.06
N ARG C 316 18.10 24.65 -7.15
CA ARG C 316 19.19 24.67 -8.11
C ARG C 316 20.44 25.31 -7.53
N LEU C 317 20.27 26.38 -6.74
CA LEU C 317 21.42 27.04 -6.16
C LEU C 317 22.14 26.11 -5.20
N LEU C 318 21.39 25.37 -4.39
CA LEU C 318 22.03 24.46 -3.46
C LEU C 318 22.77 23.38 -4.20
N GLN C 319 22.17 22.85 -5.26
CA GLN C 319 22.85 21.82 -6.05
C GLN C 319 24.16 22.37 -6.62
N ASP C 320 24.12 23.60 -7.12
CA ASP C 320 25.32 24.19 -7.69
C ASP C 320 26.39 24.38 -6.64
N LYS C 321 26.01 24.91 -5.47
CA LYS C 321 26.99 25.10 -4.41
C LYS C 321 27.62 23.77 -4.04
N TRP C 322 26.79 22.72 -3.93
CA TRP C 322 27.29 21.39 -3.65
C TRP C 322 28.36 20.99 -4.65
N ASP C 323 27.97 20.90 -5.92
CA ASP C 323 28.87 20.41 -6.95
C ASP C 323 30.13 21.25 -7.06
N ARG C 324 29.99 22.57 -7.03
CA ARG C 324 31.15 23.41 -7.31
C ARG C 324 32.12 23.45 -6.15
N PHE C 325 31.61 23.52 -4.93
CA PHE C 325 32.41 23.93 -3.82
C PHE C 325 32.47 22.92 -2.70
N VAL C 326 31.36 22.24 -2.41
CA VAL C 326 31.18 21.62 -1.11
C VAL C 326 31.35 20.13 -1.19
N LYS C 327 31.07 19.54 -2.36
CA LYS C 327 31.15 18.09 -2.47
C LYS C 327 32.52 17.57 -2.09
N ARG C 328 33.57 18.18 -2.64
CA ARG C 328 34.91 17.70 -2.32
C ARG C 328 35.23 17.92 -0.85
N ILE C 329 34.85 19.08 -0.32
CA ILE C 329 35.17 19.37 1.07
C ILE C 329 34.46 18.40 1.99
N PHE C 330 33.20 18.08 1.70
CA PHE C 330 32.47 17.14 2.51
C PHE C 330 33.11 15.76 2.45
N TYR C 331 33.49 15.32 1.25
CA TYR C 331 34.15 14.03 1.14
C TYR C 331 35.44 14.03 1.94
N PHE C 332 36.18 15.13 1.91
CA PHE C 332 37.40 15.21 2.69
C PHE C 332 37.09 15.14 4.18
N ASN C 333 36.05 15.84 4.62
CA ASN C 333 35.69 15.77 6.04
C ASN C 333 35.35 14.35 6.44
N PHE C 334 34.60 13.67 5.59
CA PHE C 334 34.22 12.30 5.88
C PHE C 334 35.45 11.42 5.96
N PHE C 335 36.39 11.61 5.04
CA PHE C 335 37.63 10.86 5.07
C PHE C 335 38.40 11.13 6.36
N VAL C 336 38.49 12.39 6.77
CA VAL C 336 39.24 12.72 7.96
C VAL C 336 38.58 12.11 9.19
N TYR C 337 37.26 12.17 9.25
CA TYR C 337 36.57 11.52 10.35
C TYR C 337 36.85 10.03 10.37
N CYS C 338 36.89 9.41 9.19
CA CYS C 338 37.20 8.00 9.12
C CYS C 338 38.57 7.72 9.72
N LEU C 339 39.56 8.52 9.35
CA LEU C 339 40.90 8.33 9.91
C LEU C 339 40.90 8.54 11.40
N TYR C 340 40.14 9.53 11.87
CA TYR C 340 40.06 9.78 13.29
C TYR C 340 39.51 8.57 14.02
N MET C 341 38.44 8.00 13.50
CA MET C 341 37.83 6.87 14.19
C MET C 341 38.72 5.65 14.15
N ILE C 342 39.44 5.44 13.05
CA ILE C 342 40.40 4.35 13.01
C ILE C 342 41.47 4.56 14.06
N ILE C 343 41.96 5.78 14.20
CA ILE C 343 42.99 6.07 15.19
C ILE C 343 42.45 5.82 16.60
N PHE C 344 41.24 6.30 16.86
CA PHE C 344 40.66 6.09 18.19
C PHE C 344 40.53 4.62 18.48
N THR C 345 40.06 3.86 17.49
CA THR C 345 39.91 2.43 17.67
C THR C 345 41.24 1.77 17.97
N ALA C 346 42.26 2.13 17.20
CA ALA C 346 43.56 1.51 17.38
C ALA C 346 44.13 1.84 18.75
N ALA C 347 43.98 3.08 19.19
CA ALA C 347 44.46 3.45 20.51
C ALA C 347 43.73 2.67 21.59
N ALA C 348 42.42 2.55 21.47
CA ALA C 348 41.67 1.88 22.53
C ALA C 348 41.99 0.39 22.56
N TYR C 349 42.10 -0.23 21.39
CA TYR C 349 42.26 -1.67 21.30
C TYR C 349 43.52 -2.13 22.00
N TYR C 350 44.62 -1.39 21.84
CA TYR C 350 45.89 -1.72 22.45
C TYR C 350 46.09 -1.05 23.80
N ARG C 351 45.01 -0.80 24.54
CA ARG C 351 45.16 -0.12 25.81
C ARG C 351 46.00 -0.99 26.77
N PRO C 352 46.71 -0.38 27.71
CA PRO C 352 47.39 -1.19 28.72
C PRO C 352 46.41 -1.78 29.72
N VAL C 353 46.81 -2.92 30.27
CA VAL C 353 45.96 -3.71 31.16
C VAL C 353 46.40 -3.59 32.61
N GLU C 354 47.44 -2.84 32.90
CA GLU C 354 47.94 -2.71 34.26
C GLU C 354 47.01 -1.80 35.07
N GLY C 355 47.07 -1.93 36.38
CA GLY C 355 46.12 -1.24 37.22
C GLY C 355 46.46 0.22 37.43
N LEU C 356 45.46 0.97 37.92
CA LEU C 356 45.65 2.31 38.47
C LEU C 356 46.25 3.28 37.48
N PRO C 357 45.50 3.80 36.52
CA PRO C 357 46.04 4.80 35.59
C PRO C 357 46.48 6.05 36.34
N PRO C 358 47.23 6.95 35.70
CA PRO C 358 47.83 6.88 34.36
C PRO C 358 48.99 5.92 34.37
N TYR C 359 49.41 5.48 33.19
CA TYR C 359 50.44 4.47 33.05
C TYR C 359 51.70 5.09 32.46
N LYS C 360 52.84 4.78 33.06
CA LYS C 360 54.10 5.34 32.60
C LYS C 360 54.38 4.85 31.19
N LEU C 361 54.78 5.78 30.33
CA LEU C 361 55.13 5.42 28.97
C LEU C 361 56.42 4.62 28.96
N LYS C 362 56.41 3.48 28.28
CA LYS C 362 57.62 2.72 28.04
C LYS C 362 58.29 3.21 26.78
N ASN C 363 59.62 3.09 26.76
CA ASN C 363 60.43 3.62 25.66
C ASN C 363 60.46 2.59 24.52
N THR C 364 59.31 2.43 23.87
CA THR C 364 59.17 1.45 22.80
C THR C 364 58.23 1.97 21.73
N VAL C 365 58.42 1.45 20.52
CA VAL C 365 57.76 1.99 19.33
C VAL C 365 56.25 1.92 19.45
N GLY C 366 55.74 0.74 19.80
CA GLY C 366 54.29 0.56 19.85
C GLY C 366 53.65 1.50 20.84
N ASP C 367 54.29 1.73 21.98
CA ASP C 367 53.72 2.64 22.97
C ASP C 367 53.82 4.08 22.54
N TYR C 368 54.84 4.43 21.77
CA TYR C 368 54.88 5.78 21.21
C TYR C 368 53.71 6.00 20.27
N PHE C 369 53.43 5.02 19.39
CA PHE C 369 52.25 5.15 18.54
C PHE C 369 50.98 5.21 19.35
N ARG C 370 50.90 4.41 20.41
CA ARG C 370 49.69 4.37 21.24
C ARG C 370 49.42 5.72 21.88
N VAL C 371 50.44 6.28 22.54
CA VAL C 371 50.22 7.57 23.19
C VAL C 371 49.95 8.64 22.15
N THR C 372 50.55 8.53 20.97
CA THR C 372 50.22 9.44 19.88
C THR C 372 48.74 9.37 19.54
N GLY C 373 48.23 8.16 19.37
CA GLY C 373 46.82 8.01 19.04
C GLY C 373 45.91 8.51 20.15
N GLU C 374 46.30 8.28 21.40
CA GLU C 374 45.49 8.75 22.52
C GLU C 374 45.40 10.27 22.52
N ILE C 375 46.52 10.93 22.27
CA ILE C 375 46.52 12.39 22.24
C ILE C 375 45.63 12.90 21.11
N LEU C 376 45.76 12.28 19.93
CA LEU C 376 44.94 12.70 18.80
C LEU C 376 43.46 12.50 19.11
N SER C 377 43.12 11.37 19.72
CA SER C 377 41.72 11.08 20.04
C SER C 377 41.16 12.11 21.00
N VAL C 378 41.91 12.42 22.05
CA VAL C 378 41.41 13.40 23.02
C VAL C 378 41.26 14.76 22.38
N SER C 379 42.20 15.13 21.51
CA SER C 379 42.08 16.40 20.80
C SER C 379 40.81 16.43 19.96
N GLY C 380 40.50 15.33 19.29
CA GLY C 380 39.28 15.27 18.52
C GLY C 380 38.06 15.45 19.40
N GLY C 381 38.07 14.83 20.57
CA GLY C 381 36.97 15.01 21.49
C GLY C 381 36.80 16.46 21.89
N VAL C 382 37.91 17.14 22.14
CA VAL C 382 37.85 18.56 22.49
C VAL C 382 37.25 19.36 21.35
N TYR C 383 37.69 19.06 20.12
CA TYR C 383 37.17 19.77 18.96
C TYR C 383 35.66 19.63 18.87
N PHE C 384 35.17 18.39 18.94
CA PHE C 384 33.73 18.19 18.82
C PHE C 384 32.98 18.83 19.97
N PHE C 385 33.56 18.82 21.16
CA PHE C 385 32.95 19.49 22.30
C PHE C 385 32.72 20.97 22.00
N PHE C 386 33.76 21.66 21.54
CA PHE C 386 33.60 23.08 21.31
C PHE C 386 32.70 23.35 20.11
N ARG C 387 32.71 22.47 19.11
CA ARG C 387 31.76 22.63 18.03
C ARG C 387 30.34 22.57 18.55
N GLY C 388 30.07 21.64 19.47
CA GLY C 388 28.75 21.54 20.02
C GLY C 388 28.35 22.78 20.80
N ILE C 389 29.28 23.32 21.57
CA ILE C 389 28.95 24.55 22.29
C ILE C 389 28.68 25.69 21.32
N GLN C 390 29.50 25.80 20.26
CA GLN C 390 29.26 26.83 19.27
C GLN C 390 27.88 26.70 18.69
N TYR C 391 27.48 25.47 18.37
CA TYR C 391 26.15 25.23 17.82
C TYR C 391 25.08 25.74 18.78
N PHE C 392 25.14 25.28 20.04
CA PHE C 392 24.10 25.62 20.99
C PHE C 392 24.00 27.12 21.20
N LEU C 393 25.15 27.77 21.39
CA LEU C 393 25.13 29.20 21.66
C LEU C 393 24.63 29.98 20.46
N GLN C 394 25.02 29.59 19.24
CA GLN C 394 24.56 30.30 18.06
C GLN C 394 23.06 30.14 17.88
N ARG C 395 22.53 28.96 18.16
CA ARG C 395 21.12 28.72 17.89
C ARG C 395 20.21 29.08 19.05
N ARG C 396 20.66 28.88 20.28
CA ARG C 396 19.82 29.03 21.46
C ARG C 396 18.47 28.32 21.32
N PRO C 397 18.46 26.99 21.17
CA PRO C 397 17.17 26.29 21.18
C PRO C 397 16.49 26.43 22.53
N SER C 398 15.17 26.48 22.50
CA SER C 398 14.37 26.68 23.71
C SER C 398 13.96 25.38 24.38
N LEU C 399 14.91 24.45 24.59
CA LEU C 399 14.73 23.31 25.48
C LEU C 399 13.69 22.29 25.02
N LYS C 400 13.03 22.52 23.89
CA LYS C 400 12.30 21.51 23.14
C LYS C 400 12.85 21.44 21.72
N SER C 401 13.08 22.59 21.11
CA SER C 401 13.88 22.67 19.91
C SER C 401 15.31 22.19 20.16
N LEU C 402 15.74 22.15 21.42
CA LEU C 402 17.05 21.60 21.75
C LEU C 402 17.14 20.10 21.50
N PHE C 403 16.00 19.41 21.44
CA PHE C 403 15.98 17.95 21.35
C PHE C 403 15.26 17.42 20.13
N VAL C 404 14.12 18.00 19.76
CA VAL C 404 13.31 17.43 18.69
C VAL C 404 14.00 17.50 17.35
N ASP C 405 14.97 18.39 17.20
CA ASP C 405 15.75 18.50 15.98
C ASP C 405 17.20 18.70 16.36
N SER C 406 18.08 18.60 15.38
CA SER C 406 19.52 18.58 15.63
C SER C 406 19.88 17.34 16.44
N TYR C 407 19.31 16.22 16.04
CA TYR C 407 19.63 14.94 16.62
C TYR C 407 21.12 14.64 16.47
N SER C 408 21.67 14.94 15.30
CA SER C 408 23.06 14.61 15.03
C SER C 408 24.01 15.41 15.90
N GLU C 409 23.77 16.71 16.05
CA GLU C 409 24.67 17.52 16.85
C GLU C 409 24.65 17.04 18.29
N ILE C 410 23.49 16.65 18.79
CA ILE C 410 23.40 16.14 20.14
C ILE C 410 24.26 14.90 20.29
N LEU C 411 24.18 14.00 19.31
CA LEU C 411 24.99 12.78 19.42
C LEU C 411 26.47 13.08 19.37
N PHE C 412 26.91 13.97 18.47
CA PHE C 412 28.32 14.29 18.42
C PHE C 412 28.77 14.91 19.73
N PHE C 413 27.94 15.77 20.29
CA PHE C 413 28.29 16.39 21.56
C PHE C 413 28.42 15.34 22.65
N VAL C 414 27.50 14.38 22.68
CA VAL C 414 27.56 13.36 23.72
C VAL C 414 28.80 12.51 23.57
N GLN C 415 29.19 12.21 22.33
CA GLN C 415 30.43 11.50 22.12
C GLN C 415 31.58 12.28 22.73
N SER C 416 31.62 13.57 22.46
CA SER C 416 32.72 14.37 22.98
C SER C 416 32.68 14.40 24.50
N LEU C 417 31.49 14.43 25.08
CA LEU C 417 31.37 14.39 26.53
C LEU C 417 31.95 13.11 27.09
N PHE C 418 31.61 11.98 26.48
CA PHE C 418 32.14 10.73 27.00
C PHE C 418 33.65 10.69 26.86
N MET C 419 34.18 11.22 25.77
CA MET C 419 35.63 11.28 25.64
C MET C 419 36.24 12.08 26.77
N LEU C 420 35.68 13.26 27.05
CA LEU C 420 36.26 14.10 28.09
C LEU C 420 36.15 13.45 29.46
N VAL C 421 35.01 12.85 29.76
CA VAL C 421 34.84 12.17 31.04
C VAL C 421 35.84 11.03 31.16
N SER C 422 36.07 10.31 30.06
CA SER C 422 37.10 9.29 30.05
C SER C 422 38.45 9.87 30.39
N VAL C 423 38.76 11.05 29.86
CA VAL C 423 40.04 11.69 30.17
C VAL C 423 40.13 12.03 31.66
N VAL C 424 39.08 12.63 32.19
CA VAL C 424 39.09 13.06 33.59
C VAL C 424 39.29 11.86 34.50
N LEU C 425 38.56 10.77 34.23
CA LEU C 425 38.75 9.57 35.02
C LEU C 425 40.13 8.97 34.79
N TYR C 426 40.69 9.13 33.60
CA TYR C 426 42.02 8.60 33.35
C TYR C 426 43.05 9.26 34.23
N PHE C 427 43.05 10.59 34.28
CA PHE C 427 44.00 11.27 35.14
C PHE C 427 43.52 11.36 36.59
N SER C 428 42.29 10.96 36.88
CA SER C 428 41.83 10.85 38.26
C SER C 428 42.25 9.55 38.92
N GLN C 429 43.05 8.73 38.26
CA GLN C 429 43.51 7.46 38.79
C GLN C 429 42.35 6.52 39.11
N ARG C 430 41.38 6.48 38.21
CA ARG C 430 40.22 5.62 38.34
C ARG C 430 40.15 4.72 37.13
N LYS C 431 39.88 3.44 37.35
CA LYS C 431 39.76 2.50 36.23
C LYS C 431 38.41 2.57 35.55
N GLU C 432 37.47 3.41 36.02
CA GLU C 432 36.23 3.58 35.29
C GLU C 432 36.41 4.29 33.95
N TYR C 433 37.59 4.84 33.68
CA TYR C 433 37.80 5.53 32.40
C TYR C 433 37.54 4.60 31.23
N VAL C 434 37.73 3.30 31.42
CA VAL C 434 37.44 2.36 30.34
C VAL C 434 35.96 2.44 29.99
N ALA C 435 35.10 2.45 30.99
CA ALA C 435 33.66 2.42 30.76
C ALA C 435 33.21 3.60 29.93
N SER C 436 33.68 4.80 30.25
CA SER C 436 33.34 5.93 29.41
C SER C 436 33.93 5.77 28.03
N MET C 437 35.19 5.33 27.95
CA MET C 437 35.92 5.35 26.70
C MET C 437 35.21 4.53 25.65
N VAL C 438 34.85 3.29 26.00
CA VAL C 438 34.20 2.42 25.04
C VAL C 438 32.89 3.03 24.57
N PHE C 439 32.13 3.67 25.47
CA PHE C 439 30.89 4.28 25.02
C PHE C 439 31.18 5.31 23.95
N SER C 440 32.17 6.15 24.20
CA SER C 440 32.55 7.14 23.21
C SER C 440 32.92 6.45 21.91
N LEU C 441 33.72 5.39 22.01
CA LEU C 441 34.13 4.66 20.82
C LEU C 441 32.91 4.15 20.08
N ALA C 442 31.99 3.53 20.82
CA ALA C 442 30.77 3.02 20.18
C ALA C 442 30.03 4.16 19.52
N MET C 443 29.86 5.26 20.24
CA MET C 443 29.09 6.38 19.72
C MET C 443 29.75 6.88 18.46
N GLY C 444 31.08 6.94 18.48
CA GLY C 444 31.80 7.47 17.34
C GLY C 444 31.49 6.69 16.09
N TRP C 445 31.54 5.37 16.17
CA TRP C 445 31.33 4.60 14.96
C TRP C 445 29.90 4.76 14.47
N THR C 446 28.96 4.84 15.40
CA THR C 446 27.57 5.00 15.01
C THR C 446 27.40 6.33 14.33
N ASN C 447 28.08 7.36 14.82
CA ASN C 447 27.88 8.66 14.22
C ASN C 447 28.42 8.73 12.81
N MET C 448 29.14 7.70 12.35
CA MET C 448 29.51 7.64 10.95
C MET C 448 28.29 7.78 10.05
N LEU C 449 27.14 7.30 10.50
CA LEU C 449 25.96 7.37 9.65
C LEU C 449 25.53 8.79 9.38
N TYR C 450 25.98 9.75 10.18
CA TYR C 450 25.74 11.15 9.89
C TYR C 450 26.17 11.48 8.48
N TYR C 451 27.30 10.94 8.05
CA TYR C 451 27.81 11.28 6.75
C TYR C 451 27.13 10.54 5.62
N THR C 452 26.16 9.67 5.90
CA THR C 452 25.38 9.11 4.80
C THR C 452 24.59 10.17 4.09
N ARG C 453 24.26 11.24 4.79
CA ARG C 453 23.61 12.38 4.16
C ARG C 453 24.55 12.99 3.14
N GLY C 454 23.98 13.57 2.09
CA GLY C 454 24.76 13.88 0.93
C GLY C 454 24.84 12.75 -0.06
N PHE C 455 24.26 11.61 0.27
CA PHE C 455 23.98 10.55 -0.69
C PHE C 455 22.47 10.35 -0.71
N GLN C 456 21.87 10.46 -1.89
CA GLN C 456 20.42 10.37 -2.02
C GLN C 456 19.91 9.04 -1.50
N GLN C 457 20.62 7.94 -1.78
CA GLN C 457 20.12 6.62 -1.40
C GLN C 457 20.32 6.36 0.08
N MET C 458 21.55 6.54 0.58
CA MET C 458 21.84 6.19 1.96
C MET C 458 21.20 7.17 2.94
N GLY C 459 21.16 8.45 2.56
CA GLY C 459 20.67 9.46 3.49
C GLY C 459 19.21 9.26 3.84
N ILE C 460 18.40 8.86 2.86
CA ILE C 460 17.01 8.54 3.13
C ILE C 460 16.92 7.40 4.12
N TYR C 461 17.77 6.39 3.96
CA TYR C 461 17.79 5.28 4.89
C TYR C 461 18.10 5.76 6.31
N ALA C 462 19.10 6.62 6.45
CA ALA C 462 19.45 7.13 7.76
C ALA C 462 18.32 7.99 8.36
N VAL C 463 17.67 8.79 7.52
CA VAL C 463 16.54 9.58 7.98
C VAL C 463 15.45 8.67 8.52
N MET C 464 15.17 7.59 7.81
CA MET C 464 14.15 6.67 8.28
C MET C 464 14.58 6.01 9.58
N ILE C 465 15.88 5.79 9.79
CA ILE C 465 16.32 5.26 11.08
C ILE C 465 15.95 6.25 12.18
N GLU C 466 16.21 7.52 11.93
CA GLU C 466 15.90 8.53 12.94
C GLU C 466 14.41 8.55 13.26
N LYS C 467 13.57 8.57 12.23
CA LYS C 467 12.13 8.60 12.47
C LYS C 467 11.67 7.35 13.19
N MET C 468 12.20 6.19 12.81
CA MET C 468 11.81 4.96 13.48
C MET C 468 12.16 5.00 14.96
N ILE C 469 13.37 5.44 15.28
CA ILE C 469 13.80 5.51 16.67
C ILE C 469 12.87 6.41 17.45
N LEU C 470 12.51 7.55 16.87
CA LEU C 470 11.68 8.49 17.61
C LEU C 470 10.27 7.95 17.82
N ARG C 471 9.66 7.35 16.80
CA ARG C 471 8.27 6.90 16.94
C ARG C 471 8.14 5.44 17.31
N ASP C 472 8.51 4.56 16.39
CA ASP C 472 8.08 3.18 16.51
C ASP C 472 8.88 2.44 17.55
N LEU C 473 10.20 2.62 17.56
CA LEU C 473 11.00 1.91 18.53
C LEU C 473 10.67 2.36 19.93
N CYS C 474 10.47 3.66 20.14
CA CYS C 474 10.14 4.12 21.49
C CYS C 474 8.82 3.55 21.96
N ARG C 475 7.79 3.59 21.11
CA ARG C 475 6.50 3.04 21.52
C ARG C 475 6.63 1.56 21.82
N PHE C 476 7.28 0.82 20.92
CA PHE C 476 7.39 -0.61 21.09
C PHE C 476 8.16 -0.93 22.36
N MET C 477 9.24 -0.21 22.62
CA MET C 477 10.02 -0.52 23.80
C MET C 477 9.24 -0.24 25.06
N PHE C 478 8.42 0.81 25.08
CA PHE C 478 7.59 1.02 26.25
C PHE C 478 6.66 -0.16 26.47
N VAL C 479 5.93 -0.56 25.44
CA VAL C 479 4.96 -1.64 25.62
C VAL C 479 5.69 -2.93 25.97
N TYR C 480 6.74 -3.24 25.24
CA TYR C 480 7.46 -4.48 25.46
C TYR C 480 8.03 -4.53 26.86
N LEU C 481 8.55 -3.41 27.35
CA LEU C 481 9.09 -3.43 28.70
C LEU C 481 8.00 -3.59 29.72
N VAL C 482 6.80 -3.06 29.45
CA VAL C 482 5.68 -3.35 30.35
C VAL C 482 5.44 -4.84 30.42
N PHE C 483 5.36 -5.48 29.26
CA PHE C 483 5.08 -6.92 29.25
C PHE C 483 6.20 -7.70 29.91
N LEU C 484 7.44 -7.37 29.57
CA LEU C 484 8.58 -8.08 30.10
C LEU C 484 8.62 -7.96 31.61
N PHE C 485 8.38 -6.75 32.12
CA PHE C 485 8.43 -6.59 33.55
C PHE C 485 7.31 -7.33 34.23
N GLY C 486 6.10 -7.27 33.67
CA GLY C 486 4.99 -7.99 34.28
C GLY C 486 5.26 -9.48 34.38
N PHE C 487 5.72 -10.07 33.28
CA PHE C 487 5.95 -11.50 33.30
C PHE C 487 7.18 -11.87 34.12
N SER C 488 8.22 -11.04 34.11
CA SER C 488 9.37 -11.30 34.96
C SER C 488 8.96 -11.32 36.42
N THR C 489 8.13 -10.37 36.82
CA THR C 489 7.72 -10.34 38.22
C THR C 489 6.88 -11.56 38.55
N ALA C 490 5.97 -11.94 37.65
CA ALA C 490 5.16 -13.12 37.94
C ALA C 490 6.03 -14.36 38.08
N VAL C 491 6.97 -14.54 37.16
CA VAL C 491 7.76 -15.76 37.19
C VAL C 491 8.70 -15.77 38.38
N VAL C 492 9.37 -14.65 38.65
CA VAL C 492 10.30 -14.63 39.77
C VAL C 492 9.54 -14.79 41.08
N THR C 493 8.29 -14.34 41.14
CA THR C 493 7.51 -14.65 42.32
C THR C 493 7.24 -16.13 42.42
N LEU C 494 6.82 -16.75 41.32
CA LEU C 494 6.49 -18.17 41.38
C LEU C 494 7.72 -19.00 41.72
N ILE C 495 8.88 -18.63 41.18
CA ILE C 495 10.10 -19.33 41.54
C ILE C 495 10.47 -19.00 42.96
N GLU C 496 10.95 -20.00 43.69
CA GLU C 496 11.43 -19.82 45.05
C GLU C 496 12.69 -20.63 45.24
N ASP C 497 13.70 -20.01 45.86
CA ASP C 497 14.93 -20.67 46.28
C ASP C 497 15.56 -21.46 45.14
N GLY C 498 15.59 -20.83 43.97
CA GLY C 498 16.16 -21.45 42.78
C GLY C 498 17.45 -20.76 42.39
N LYS C 499 18.08 -21.24 41.31
CA LYS C 499 19.26 -20.57 40.82
C LYS C 499 18.95 -19.15 40.39
N TYR C 500 17.77 -18.95 39.82
CA TYR C 500 17.44 -17.63 39.28
C TYR C 500 16.95 -16.70 40.38
N ASN C 501 15.75 -16.97 40.90
CA ASN C 501 15.19 -16.37 42.11
C ASN C 501 15.48 -14.89 42.28
N SER C 502 15.58 -14.17 41.18
CA SER C 502 15.97 -12.77 41.25
C SER C 502 15.52 -12.12 39.97
N LEU C 503 15.10 -10.87 40.10
CA LEU C 503 14.43 -10.21 38.99
C LEU C 503 15.36 -10.05 37.81
N TYR C 504 16.64 -9.84 38.06
CA TYR C 504 17.57 -9.59 36.96
C TYR C 504 17.75 -10.84 36.10
N SER C 505 18.05 -11.98 36.72
CA SER C 505 18.29 -13.19 35.95
C SER C 505 17.03 -13.58 35.19
N THR C 506 15.88 -13.47 35.84
CA THR C 506 14.63 -13.80 35.17
C THR C 506 14.36 -12.85 34.01
N CYS C 507 14.65 -11.57 34.19
CA CYS C 507 14.46 -10.62 33.10
C CYS C 507 15.31 -10.98 31.91
N LEU C 508 16.59 -11.28 32.13
CA LEU C 508 17.42 -11.70 31.02
C LEU C 508 16.88 -12.95 30.37
N GLU C 509 16.42 -13.89 31.18
CA GLU C 509 16.00 -15.17 30.64
C GLU C 509 14.76 -15.01 29.79
N LEU C 510 13.81 -14.18 30.21
CA LEU C 510 12.65 -13.92 29.37
C LEU C 510 13.04 -13.11 28.15
N PHE C 511 14.00 -12.22 28.30
CA PHE C 511 14.48 -11.45 27.17
C PHE C 511 15.03 -12.35 26.09
N LYS C 512 15.72 -13.42 26.48
CA LYS C 512 16.34 -14.32 25.51
C LYS C 512 15.33 -14.89 24.53
N PHE C 513 14.07 -14.99 24.92
CA PHE C 513 13.05 -15.45 23.98
C PHE C 513 12.95 -14.51 22.80
N THR C 514 13.11 -13.21 23.03
CA THR C 514 12.94 -12.25 21.96
C THR C 514 14.03 -12.39 20.90
N ILE C 515 15.24 -12.77 21.31
CA ILE C 515 16.32 -13.00 20.36
C ILE C 515 16.40 -14.45 19.93
N GLY C 516 15.32 -15.21 20.10
CA GLY C 516 15.35 -16.58 19.62
C GLY C 516 16.30 -17.45 20.37
N MET C 517 16.40 -17.26 21.69
CA MET C 517 17.26 -18.09 22.53
C MET C 517 16.55 -18.57 23.78
N GLY C 518 15.22 -18.54 23.80
CA GLY C 518 14.50 -18.88 25.01
C GLY C 518 14.63 -20.34 25.34
N ASP C 519 14.98 -20.63 26.59
CA ASP C 519 15.17 -22.01 27.01
C ASP C 519 13.84 -22.73 27.10
N LEU C 520 12.85 -22.11 27.75
CA LEU C 520 11.50 -22.64 27.95
C LEU C 520 11.44 -23.75 28.99
N GLU C 521 12.57 -24.19 29.53
CA GLU C 521 12.60 -25.13 30.64
C GLU C 521 13.79 -24.81 31.54
N PHE C 522 14.04 -23.54 31.78
CA PHE C 522 15.30 -23.16 32.41
C PHE C 522 15.35 -23.47 33.90
N THR C 523 14.26 -23.93 34.50
CA THR C 523 14.32 -24.32 35.90
C THR C 523 13.18 -25.27 36.24
N GLU C 524 13.37 -26.04 37.30
CA GLU C 524 12.31 -26.81 37.93
C GLU C 524 12.12 -26.40 39.39
N ASN C 525 12.73 -25.29 39.81
CA ASN C 525 12.67 -24.84 41.20
C ASN C 525 11.37 -24.10 41.44
N TYR C 526 10.29 -24.87 41.48
CA TYR C 526 8.98 -24.31 41.75
C TYR C 526 8.05 -25.44 42.10
N ASP C 527 6.83 -25.07 42.43
CA ASP C 527 5.68 -25.95 42.33
C ASP C 527 4.80 -25.40 41.23
N PHE C 528 3.79 -26.16 40.86
CA PHE C 528 2.83 -25.73 39.84
C PHE C 528 3.51 -25.51 38.49
N LYS C 529 3.98 -26.62 37.92
CA LYS C 529 4.57 -26.57 36.60
C LYS C 529 3.59 -26.01 35.58
N ALA C 530 2.31 -26.33 35.75
CA ALA C 530 1.30 -25.84 34.82
C ALA C 530 1.24 -24.32 34.82
N VAL C 531 1.28 -23.70 35.99
CA VAL C 531 1.25 -22.24 36.03
C VAL C 531 2.47 -21.67 35.36
N PHE C 532 3.64 -22.24 35.65
CA PHE C 532 4.88 -21.73 35.07
C PHE C 532 4.85 -21.79 33.55
N ILE C 533 4.46 -22.94 33.01
CA ILE C 533 4.48 -23.10 31.57
C ILE C 533 3.42 -22.23 30.93
N ILE C 534 2.27 -22.07 31.58
CA ILE C 534 1.25 -21.19 31.04
C ILE C 534 1.77 -19.77 30.96
N LEU C 535 2.47 -19.33 32.01
CA LEU C 535 3.02 -17.98 31.99
C LEU C 535 4.02 -17.82 30.86
N LEU C 536 4.93 -18.78 30.70
CA LEU C 536 5.92 -18.62 29.65
C LEU C 536 5.26 -18.62 28.28
N LEU C 537 4.29 -19.49 28.05
CA LEU C 537 3.63 -19.50 26.76
C LEU C 537 2.89 -18.19 26.51
N ALA C 538 2.23 -17.67 27.54
CA ALA C 538 1.52 -16.41 27.37
C ALA C 538 2.49 -15.30 27.03
N TYR C 539 3.63 -15.26 27.71
CA TYR C 539 4.63 -14.27 27.38
C TYR C 539 5.10 -14.43 25.95
N VAL C 540 5.38 -15.66 25.55
CA VAL C 540 5.94 -15.90 24.23
C VAL C 540 4.97 -15.45 23.16
N ILE C 541 3.71 -15.84 23.30
CA ILE C 541 2.71 -15.45 22.32
C ILE C 541 2.58 -13.94 22.28
N LEU C 542 2.52 -13.29 23.44
CA LEU C 542 2.25 -11.87 23.44
C LEU C 542 3.43 -11.08 22.89
N THR C 543 4.64 -11.40 23.30
CA THR C 543 5.80 -10.62 22.88
C THR C 543 6.40 -11.16 21.60
N TYR C 544 6.82 -12.42 21.59
CA TYR C 544 7.55 -12.93 20.44
C TYR C 544 6.65 -13.00 19.21
N ILE C 545 5.44 -13.54 19.36
CA ILE C 545 4.60 -13.72 18.19
C ILE C 545 3.86 -12.45 17.86
N LEU C 546 3.08 -11.92 18.81
CA LEU C 546 2.23 -10.80 18.47
C LEU C 546 3.04 -9.52 18.31
N LEU C 547 3.73 -9.10 19.36
CA LEU C 547 4.27 -7.75 19.38
C LEU C 547 5.31 -7.53 18.29
N LEU C 548 6.19 -8.49 18.06
CA LEU C 548 7.20 -8.29 17.04
C LEU C 548 6.58 -8.17 15.67
N ASN C 549 5.61 -9.02 15.37
CA ASN C 549 5.01 -8.95 14.04
C ASN C 549 4.21 -7.67 13.91
N MET C 550 3.62 -7.21 15.00
CA MET C 550 2.97 -5.91 14.97
C MET C 550 3.98 -4.81 14.70
N LEU C 551 5.16 -4.92 15.28
CA LEU C 551 6.20 -3.94 14.98
C LEU C 551 6.54 -3.96 13.50
N ILE C 552 6.63 -5.14 12.91
CA ILE C 552 6.97 -5.23 11.50
C ILE C 552 5.90 -4.53 10.67
N ALA C 553 4.63 -4.80 10.98
CA ALA C 553 3.56 -4.15 10.23
C ALA C 553 3.59 -2.64 10.40
N LEU C 554 3.84 -2.17 11.62
CA LEU C 554 3.80 -0.74 11.84
C LEU C 554 4.98 -0.05 11.16
N MET C 555 6.15 -0.68 11.18
CA MET C 555 7.28 -0.11 10.45
C MET C 555 7.00 -0.09 8.96
N GLY C 556 6.30 -1.11 8.46
CA GLY C 556 5.90 -1.07 7.06
C GLY C 556 5.02 0.11 6.75
N GLU C 557 4.02 0.36 7.59
CA GLU C 557 3.17 1.52 7.38
C GLU C 557 3.99 2.80 7.44
N THR C 558 4.90 2.88 8.40
CA THR C 558 5.68 4.10 8.58
C THR C 558 6.51 4.40 7.34
N VAL C 559 7.26 3.42 6.86
CA VAL C 559 8.06 3.68 5.67
C VAL C 559 7.18 3.99 4.48
N ASN C 560 5.98 3.39 4.41
CA ASN C 560 5.10 3.76 3.32
C ASN C 560 4.67 5.21 3.41
N LYS C 561 4.64 5.79 4.61
CA LYS C 561 4.13 7.14 4.78
C LYS C 561 5.20 8.23 4.89
N ILE C 562 6.48 7.88 4.88
CA ILE C 562 7.55 8.88 4.99
C ILE C 562 8.55 8.80 3.83
N ALA C 563 8.10 8.47 2.62
CA ALA C 563 8.99 8.54 1.47
C ALA C 563 9.28 9.99 1.09
N GLN C 564 8.24 10.74 0.73
CA GLN C 564 8.45 12.09 0.24
C GLN C 564 8.99 13.00 1.31
N GLU C 565 8.48 12.85 2.53
CA GLU C 565 9.02 13.55 3.68
C GLU C 565 10.52 13.28 3.79
N SER C 566 10.93 12.05 3.53
CA SER C 566 12.34 11.73 3.61
C SER C 566 13.13 12.43 2.52
N LYS C 567 12.60 12.51 1.30
CA LYS C 567 13.34 13.20 0.25
C LYS C 567 13.54 14.67 0.60
N ASN C 568 12.48 15.31 1.10
CA ASN C 568 12.61 16.71 1.47
C ASN C 568 13.59 16.89 2.63
N ILE C 569 13.57 15.97 3.59
CA ILE C 569 14.54 16.06 4.68
C ILE C 569 15.95 15.87 4.15
N TRP C 570 16.12 14.98 3.18
CA TRP C 570 17.45 14.78 2.61
C TRP C 570 17.99 16.07 2.05
N LYS C 571 17.21 16.68 1.17
CA LYS C 571 17.63 17.95 0.57
C LYS C 571 17.89 18.98 1.65
N LEU C 572 17.03 19.02 2.67
CA LEU C 572 17.14 20.03 3.70
C LEU C 572 18.47 19.94 4.42
N GLN C 573 18.75 18.80 5.02
CA GLN C 573 19.97 18.80 5.81
C GLN C 573 21.21 18.81 4.92
N ARG C 574 21.10 18.41 3.65
CA ARG C 574 22.23 18.66 2.77
C ARG C 574 22.46 20.16 2.61
N ALA C 575 21.38 20.94 2.58
CA ALA C 575 21.55 22.38 2.53
C ALA C 575 22.22 22.88 3.81
N ILE C 576 21.86 22.29 4.94
CA ILE C 576 22.51 22.62 6.20
C ILE C 576 24.01 22.39 6.08
N THR C 577 24.38 21.27 5.49
CA THR C 577 25.80 20.98 5.33
C THR C 577 26.47 22.04 4.49
N ILE C 578 25.81 22.46 3.41
CA ILE C 578 26.38 23.48 2.55
C ILE C 578 26.62 24.77 3.32
N LEU C 579 25.63 25.19 4.09
CA LEU C 579 25.75 26.46 4.79
C LEU C 579 26.85 26.41 5.84
N ASP C 580 26.95 25.31 6.58
CA ASP C 580 28.02 25.21 7.56
C ASP C 580 29.38 25.22 6.90
N THR C 581 29.48 24.55 5.75
CA THR C 581 30.76 24.54 5.05
C THR C 581 31.17 25.95 4.64
N GLU C 582 30.25 26.68 4.02
CA GLU C 582 30.63 28.00 3.53
C GLU C 582 30.83 28.99 4.67
N LYS C 583 30.13 28.79 5.78
CA LYS C 583 30.29 29.70 6.89
C LYS C 583 31.59 29.46 7.64
N SER C 584 32.02 28.21 7.75
CA SER C 584 33.26 27.92 8.45
C SER C 584 34.47 28.28 7.58
N PHE C 585 34.65 27.55 6.47
CA PHE C 585 35.47 27.83 5.28
C PHE C 585 36.98 27.87 5.51
N LEU C 586 37.46 28.07 6.73
CA LEU C 586 38.80 27.74 7.21
C LEU C 586 39.95 28.33 6.37
N LYS C 587 39.67 29.17 5.35
CA LYS C 587 40.72 29.61 4.42
C LYS C 587 40.50 31.03 3.88
N CYS C 588 39.51 31.77 4.38
CA CYS C 588 39.19 33.11 3.89
C CYS C 588 38.98 33.12 2.37
N MET C 589 38.20 32.15 1.87
CA MET C 589 37.96 32.01 0.44
C MET C 589 36.72 32.77 0.02
N ARG C 590 36.87 33.58 -1.03
CA ARG C 590 35.76 34.36 -1.59
C ARG C 590 35.09 33.68 -2.77
N LYS C 591 35.70 32.63 -3.33
CA LYS C 591 35.09 31.95 -4.47
C LYS C 591 33.76 31.31 -4.13
N ALA C 592 33.48 31.08 -2.84
CA ALA C 592 32.20 30.52 -2.44
C ALA C 592 31.01 31.39 -2.87
N PHE C 593 31.22 32.70 -3.03
CA PHE C 593 30.16 33.61 -3.43
C PHE C 593 30.02 33.51 -4.95
N ARG C 594 29.06 32.69 -5.39
CA ARG C 594 28.98 32.27 -6.79
C ARG C 594 28.06 33.16 -7.64
N SER C 595 27.82 32.72 -8.88
CA SER C 595 26.80 33.24 -9.80
C SER C 595 27.15 34.52 -10.56
N GLY C 596 28.23 35.18 -10.20
CA GLY C 596 28.70 36.25 -11.07
C GLY C 596 27.86 37.49 -10.96
N LYS C 597 28.52 38.64 -11.09
CA LYS C 597 27.88 39.94 -10.94
C LYS C 597 27.32 40.36 -12.28
N LEU C 598 26.06 40.03 -12.52
CA LEU C 598 25.42 40.28 -13.81
C LEU C 598 24.52 41.49 -13.73
N LEU C 599 24.33 42.15 -14.87
CA LEU C 599 23.40 43.26 -15.00
C LEU C 599 22.04 42.70 -15.40
N GLN C 600 21.02 42.95 -14.59
CA GLN C 600 19.70 42.40 -14.82
C GLN C 600 18.93 43.23 -15.84
N VAL C 601 18.67 44.48 -15.49
CA VAL C 601 17.88 45.39 -16.29
C VAL C 601 18.74 46.47 -16.90
N GLY C 602 19.66 47.03 -16.12
CA GLY C 602 20.41 48.18 -16.55
C GLY C 602 19.63 49.48 -16.50
N PHE C 603 18.38 49.44 -16.02
CA PHE C 603 17.52 50.61 -16.01
C PHE C 603 16.78 50.59 -14.67
N THR C 604 17.37 51.25 -13.68
CA THR C 604 16.73 51.49 -12.40
C THR C 604 15.69 52.59 -12.62
N PRO C 605 14.98 53.01 -11.56
CA PRO C 605 14.11 54.19 -11.71
C PRO C 605 14.84 55.42 -12.21
N ASP C 606 16.11 55.57 -11.87
CA ASP C 606 16.96 56.59 -12.45
C ASP C 606 17.74 55.96 -13.61
N GLY C 607 18.65 56.71 -14.20
CA GLY C 607 19.37 56.21 -15.35
C GLY C 607 20.43 55.17 -15.04
N LYS C 608 20.65 54.85 -13.78
CA LYS C 608 21.72 53.94 -13.43
C LYS C 608 21.36 52.52 -13.83
N ASP C 609 22.40 51.69 -13.91
CA ASP C 609 22.28 50.27 -14.21
C ASP C 609 22.49 49.48 -12.93
N ASP C 610 21.79 48.36 -12.83
CA ASP C 610 21.75 47.54 -11.63
C ASP C 610 22.47 46.22 -11.89
N TYR C 611 23.51 45.96 -11.11
CA TYR C 611 24.18 44.68 -11.08
C TYR C 611 23.79 43.99 -9.78
N ARG C 612 23.16 42.81 -9.89
CA ARG C 612 22.45 42.23 -8.76
C ARG C 612 22.80 40.75 -8.54
N TRP C 613 23.93 40.28 -9.04
CA TRP C 613 24.43 38.93 -8.77
C TRP C 613 23.37 37.89 -9.11
N CYS C 614 23.03 37.81 -10.38
CA CYS C 614 21.99 36.88 -10.78
C CYS C 614 22.55 35.47 -10.97
N PHE C 615 21.63 34.50 -10.91
CA PHE C 615 21.93 33.10 -11.10
C PHE C 615 21.17 32.61 -12.31
N ARG C 616 21.88 31.95 -13.22
CA ARG C 616 21.34 31.58 -14.52
C ARG C 616 20.66 30.22 -14.44
N VAL C 617 19.49 30.11 -15.04
CA VAL C 617 18.74 28.86 -15.13
C VAL C 617 18.14 28.78 -16.51
N ASP C 618 18.53 27.77 -17.28
CA ASP C 618 18.04 27.57 -18.64
C ASP C 618 16.89 26.59 -18.64
N GLU C 619 15.83 26.92 -19.38
CA GLU C 619 14.58 26.19 -19.35
C GLU C 619 14.07 26.00 -20.77
N VAL C 620 13.31 24.92 -20.98
CA VAL C 620 12.83 24.54 -22.31
C VAL C 620 11.32 24.26 -22.21
N ASN C 621 10.55 24.87 -23.12
CA ASN C 621 9.11 24.68 -23.16
C ASN C 621 8.63 24.56 -24.60
N TRP C 622 7.66 23.68 -24.81
CA TRP C 622 7.16 23.36 -26.14
C TRP C 622 5.86 24.07 -26.47
N THR C 623 5.42 25.02 -25.66
CA THR C 623 4.24 25.81 -25.91
C THR C 623 4.56 27.27 -25.64
N THR C 624 3.61 28.15 -25.95
CA THR C 624 3.78 29.59 -25.76
C THR C 624 5.01 30.07 -26.51
N TRP C 625 5.01 29.77 -27.80
CA TRP C 625 6.14 30.09 -28.64
C TRP C 625 6.27 31.59 -28.84
N TYR D 90 -59.26 -0.75 7.67
CA TYR D 90 -58.86 -2.15 7.86
C TYR D 90 -58.84 -2.52 9.33
N THR D 91 -59.35 -3.71 9.64
CA THR D 91 -59.38 -4.25 11.00
C THR D 91 -58.46 -5.43 11.21
N ASP D 92 -58.02 -6.09 10.14
CA ASP D 92 -57.11 -7.23 10.31
C ASP D 92 -55.77 -6.75 10.84
N SER D 93 -55.09 -7.64 11.56
CA SER D 93 -53.90 -7.26 12.31
C SER D 93 -52.75 -6.84 11.42
N TYR D 94 -52.78 -7.19 10.13
CA TYR D 94 -51.68 -6.82 9.25
C TYR D 94 -51.80 -5.36 8.82
N TYR D 95 -52.99 -4.96 8.37
CA TYR D 95 -53.24 -3.63 7.84
C TYR D 95 -54.07 -2.78 8.79
N LYS D 96 -54.12 -3.16 10.07
CA LYS D 96 -55.00 -2.53 11.04
C LYS D 96 -54.83 -1.01 11.06
N GLY D 97 -55.95 -0.30 10.92
CA GLY D 97 -55.97 1.13 10.99
C GLY D 97 -55.71 1.84 9.67
N GLN D 98 -55.32 1.12 8.63
CA GLN D 98 -55.11 1.75 7.34
C GLN D 98 -56.41 2.33 6.82
N THR D 99 -56.37 3.56 6.34
CA THR D 99 -57.55 4.23 5.81
C THR D 99 -57.20 4.94 4.51
N ALA D 100 -58.21 5.55 3.91
CA ALA D 100 -58.05 6.14 2.59
C ALA D 100 -57.04 7.27 2.59
N LEU D 101 -56.99 8.04 3.67
CA LEU D 101 -56.05 9.15 3.73
C LEU D 101 -54.61 8.65 3.67
N HIS D 102 -54.32 7.57 4.39
CA HIS D 102 -53.00 6.95 4.31
C HIS D 102 -52.69 6.57 2.87
N ILE D 103 -53.67 6.01 2.16
CA ILE D 103 -53.43 5.55 0.80
C ILE D 103 -53.16 6.74 -0.12
N ALA D 104 -53.99 7.77 -0.01
CA ALA D 104 -53.84 8.93 -0.88
C ALA D 104 -52.48 9.58 -0.68
N ILE D 105 -52.04 9.69 0.57
CA ILE D 105 -50.71 10.23 0.82
C ILE D 105 -49.66 9.29 0.24
N GLU D 106 -49.82 7.99 0.47
CA GLU D 106 -48.87 7.02 -0.08
C GLU D 106 -48.79 7.11 -1.58
N ARG D 107 -49.94 7.34 -2.25
CA ARG D 107 -49.96 7.50 -3.69
C ARG D 107 -49.48 8.87 -4.14
N ARG D 108 -49.18 9.78 -3.22
CA ARG D 108 -48.73 11.12 -3.56
C ARG D 108 -49.80 11.88 -4.33
N ASN D 109 -51.06 11.66 -3.95
CA ASN D 109 -52.21 12.24 -4.64
C ASN D 109 -52.73 13.40 -3.81
N MET D 110 -52.33 14.62 -4.19
CA MET D 110 -52.77 15.80 -3.46
C MET D 110 -54.28 15.97 -3.54
N THR D 111 -54.87 15.71 -4.69
CA THR D 111 -56.30 15.96 -4.87
C THR D 111 -57.13 15.08 -3.95
N LEU D 112 -56.83 13.79 -3.91
CA LEU D 112 -57.57 12.89 -3.03
C LEU D 112 -57.36 13.24 -1.57
N VAL D 113 -56.16 13.67 -1.19
CA VAL D 113 -55.92 14.08 0.19
C VAL D 113 -56.83 15.26 0.54
N THR D 114 -56.86 16.26 -0.33
CA THR D 114 -57.67 17.44 -0.06
C THR D 114 -59.14 17.05 0.02
N LEU D 115 -59.60 16.19 -0.90
CA LEU D 115 -60.99 15.77 -0.89
C LEU D 115 -61.34 14.98 0.36
N LEU D 116 -60.47 14.06 0.76
CA LEU D 116 -60.75 13.25 1.94
C LEU D 116 -60.82 14.10 3.19
N VAL D 117 -59.90 15.07 3.31
CA VAL D 117 -59.97 15.99 4.44
C VAL D 117 -61.25 16.79 4.38
N GLU D 118 -61.65 17.22 3.18
CA GLU D 118 -62.91 17.94 3.03
C GLU D 118 -64.10 17.12 3.50
N ASN D 119 -64.04 15.80 3.31
CA ASN D 119 -65.12 14.92 3.71
C ASN D 119 -65.08 14.54 5.18
N GLY D 120 -64.24 15.19 5.98
CA GLY D 120 -64.16 14.88 7.38
C GLY D 120 -63.30 13.70 7.73
N ALA D 121 -62.32 13.37 6.89
CA ALA D 121 -61.39 12.29 7.22
C ALA D 121 -60.64 12.63 8.49
N ASP D 122 -60.43 11.62 9.33
CA ASP D 122 -59.77 11.83 10.61
C ASP D 122 -58.26 11.83 10.39
N VAL D 123 -57.65 13.01 10.48
CA VAL D 123 -56.23 13.18 10.18
C VAL D 123 -55.34 12.57 11.26
N GLN D 124 -55.92 12.09 12.35
CA GLN D 124 -55.16 11.47 13.43
C GLN D 124 -55.36 9.96 13.48
N ALA D 125 -55.89 9.35 12.44
CA ALA D 125 -56.11 7.91 12.44
C ALA D 125 -54.78 7.18 12.39
N ALA D 126 -54.53 6.33 13.38
CA ALA D 126 -53.25 5.65 13.52
C ALA D 126 -53.28 4.32 12.78
N ALA D 127 -52.38 4.16 11.82
CA ALA D 127 -52.22 2.89 11.11
C ALA D 127 -51.24 2.04 11.92
N ASN D 128 -51.76 1.07 12.67
CA ASN D 128 -50.99 0.30 13.63
C ASN D 128 -50.95 -1.18 13.28
N GLY D 129 -51.11 -1.51 12.00
CA GLY D 129 -50.93 -2.87 11.55
C GLY D 129 -49.47 -3.29 11.50
N ASP D 130 -49.27 -4.59 11.31
CA ASP D 130 -47.92 -5.15 11.34
C ASP D 130 -47.04 -4.58 10.24
N PHE D 131 -47.61 -4.35 9.06
CA PHE D 131 -46.85 -3.73 7.98
C PHE D 131 -46.41 -2.32 8.30
N PHE D 132 -47.01 -1.68 9.31
CA PHE D 132 -46.70 -0.30 9.69
C PHE D 132 -45.84 -0.24 10.95
N LYS D 133 -45.05 -1.28 11.21
CA LYS D 133 -44.15 -1.35 12.35
C LYS D 133 -42.74 -1.66 11.86
N LYS D 134 -41.78 -1.53 12.77
CA LYS D 134 -40.39 -1.81 12.43
C LYS D 134 -40.21 -3.26 12.03
N THR D 135 -40.35 -4.19 13.00
CA THR D 135 -40.47 -5.63 12.78
C THR D 135 -39.48 -6.17 11.76
N LYS D 136 -38.18 -6.11 12.07
CA LYS D 136 -37.13 -6.37 11.07
C LYS D 136 -37.25 -7.73 10.39
N GLY D 137 -37.82 -8.73 11.07
CA GLY D 137 -37.94 -10.04 10.48
C GLY D 137 -39.10 -10.19 9.52
N ARG D 138 -39.89 -9.15 9.31
CA ARG D 138 -41.11 -9.19 8.52
C ARG D 138 -41.12 -7.98 7.59
N PRO D 139 -41.89 -8.04 6.50
CA PRO D 139 -42.05 -6.84 5.68
C PRO D 139 -42.83 -5.76 6.42
N GLY D 140 -42.62 -4.53 6.00
CA GLY D 140 -43.36 -3.42 6.57
C GLY D 140 -42.64 -2.11 6.33
N PHE D 141 -43.17 -1.07 6.97
CA PHE D 141 -42.57 0.26 6.88
C PHE D 141 -43.06 1.07 8.06
N TYR D 142 -42.16 1.35 9.00
CA TYR D 142 -42.52 2.23 10.11
C TYR D 142 -42.33 3.68 9.69
N PHE D 143 -43.34 4.49 9.99
CA PHE D 143 -43.33 5.91 9.66
C PHE D 143 -43.92 6.76 10.77
N GLY D 144 -44.30 6.19 11.91
CA GLY D 144 -44.97 6.89 12.97
C GLY D 144 -46.47 6.73 13.00
N GLU D 145 -47.04 5.96 12.08
CA GLU D 145 -48.44 5.52 12.12
C GLU D 145 -49.43 6.62 11.81
N LEU D 146 -48.96 7.93 11.64
CA LEU D 146 -49.89 9.02 11.46
C LEU D 146 -49.77 9.64 10.08
N PRO D 147 -50.85 10.19 9.53
CA PRO D 147 -50.76 10.80 8.18
C PRO D 147 -49.73 11.89 8.07
N LEU D 148 -49.61 12.73 9.09
CA LEU D 148 -48.64 13.81 9.03
C LEU D 148 -47.22 13.27 8.96
N SER D 149 -46.92 12.31 9.83
CA SER D 149 -45.61 11.70 9.78
C SER D 149 -45.41 10.98 8.47
N LEU D 150 -46.48 10.42 7.91
CA LEU D 150 -46.35 9.75 6.62
C LEU D 150 -45.93 10.71 5.52
N ALA D 151 -46.60 11.86 5.46
CA ALA D 151 -46.25 12.85 4.44
C ALA D 151 -44.84 13.37 4.66
N ALA D 152 -44.47 13.59 5.92
CA ALA D 152 -43.12 14.06 6.21
C ALA D 152 -42.09 13.03 5.79
N CYS D 153 -42.36 11.75 6.07
CA CYS D 153 -41.44 10.68 5.78
C CYS D 153 -41.26 10.43 4.30
N THR D 154 -42.21 10.85 3.46
CA THR D 154 -42.17 10.59 2.03
C THR D 154 -41.80 11.82 1.22
N ASN D 155 -41.26 12.86 1.86
CA ASN D 155 -40.76 14.05 1.17
C ASN D 155 -41.88 14.77 0.43
N GLN D 156 -43.03 14.90 1.08
CA GLN D 156 -44.18 15.60 0.53
C GLN D 156 -44.46 16.78 1.44
N LEU D 157 -43.75 17.87 1.20
CA LEU D 157 -43.87 19.03 2.05
C LEU D 157 -45.25 19.68 1.91
N ALA D 158 -45.78 19.69 0.70
CA ALA D 158 -47.06 20.36 0.46
C ALA D 158 -48.16 19.71 1.30
N ILE D 159 -48.18 18.38 1.38
CA ILE D 159 -49.21 17.72 2.16
C ILE D 159 -49.04 18.03 3.63
N VAL D 160 -47.78 18.12 4.10
CA VAL D 160 -47.54 18.50 5.48
C VAL D 160 -48.16 19.86 5.77
N LYS D 161 -47.89 20.82 4.88
CA LYS D 161 -48.42 22.16 5.09
C LYS D 161 -49.93 22.16 5.08
N PHE D 162 -50.54 21.44 4.13
CA PHE D 162 -51.99 21.40 4.06
C PHE D 162 -52.59 20.77 5.29
N LEU D 163 -52.03 19.64 5.73
CA LEU D 163 -52.55 18.96 6.90
C LEU D 163 -52.46 19.82 8.14
N LEU D 164 -51.36 20.56 8.28
CA LEU D 164 -51.24 21.42 9.44
C LEU D 164 -52.15 22.63 9.34
N GLN D 165 -52.45 23.09 8.13
CA GLN D 165 -53.12 24.38 7.91
C GLN D 165 -54.32 24.25 6.99
N ASN D 166 -55.15 23.24 7.20
CA ASN D 166 -56.43 23.14 6.52
C ASN D 166 -57.55 23.66 7.43
N SER D 167 -58.64 24.10 6.80
CA SER D 167 -59.75 24.67 7.55
C SER D 167 -60.60 23.60 8.22
N TRP D 168 -60.72 22.43 7.60
CA TRP D 168 -61.71 21.47 8.04
C TRP D 168 -61.25 20.69 9.26
N GLN D 169 -59.97 20.30 9.30
CA GLN D 169 -59.47 19.49 10.39
C GLN D 169 -57.95 19.58 10.47
N PRO D 170 -57.37 20.59 11.10
CA PRO D 170 -55.91 20.66 11.15
C PRO D 170 -55.34 19.53 12.01
N ALA D 171 -54.18 19.05 11.60
CA ALA D 171 -53.53 17.94 12.28
C ALA D 171 -52.78 18.43 13.49
N ASP D 172 -52.65 17.55 14.49
CA ASP D 172 -51.97 17.89 15.74
C ASP D 172 -50.50 17.59 15.58
N ILE D 173 -49.70 18.65 15.45
CA ILE D 173 -48.26 18.52 15.24
C ILE D 173 -47.57 17.80 16.38
N SER D 174 -48.13 17.87 17.58
CA SER D 174 -47.54 17.25 18.75
C SER D 174 -48.06 15.85 19.03
N ALA D 175 -48.80 15.27 18.08
CA ALA D 175 -49.37 13.95 18.29
C ALA D 175 -48.29 12.90 18.43
N ARG D 176 -48.61 11.83 19.17
CA ARG D 176 -47.69 10.75 19.45
C ARG D 176 -48.33 9.42 19.08
N ASP D 177 -47.53 8.53 18.52
CA ASP D 177 -48.00 7.21 18.13
C ASP D 177 -48.03 6.29 19.34
N SER D 178 -48.28 5.00 19.11
CA SER D 178 -48.24 4.03 20.19
C SER D 178 -46.87 3.91 20.81
N VAL D 179 -45.80 4.15 20.05
CA VAL D 179 -44.46 4.20 20.61
C VAL D 179 -44.21 5.50 21.36
N GLY D 180 -45.12 6.47 21.27
CA GLY D 180 -44.89 7.79 21.79
C GLY D 180 -44.19 8.71 20.82
N ASN D 181 -43.76 8.21 19.67
CA ASN D 181 -42.97 9.01 18.74
C ASN D 181 -43.84 10.08 18.09
N THR D 182 -43.30 11.29 18.03
CA THR D 182 -43.87 12.36 17.23
C THR D 182 -43.34 12.24 15.81
N VAL D 183 -43.66 13.23 14.98
CA VAL D 183 -43.18 13.22 13.60
C VAL D 183 -41.67 13.25 13.57
N LEU D 184 -41.06 14.02 14.47
CA LEU D 184 -39.62 14.19 14.40
C LEU D 184 -38.90 12.90 14.75
N HIS D 185 -39.42 12.14 15.70
CA HIS D 185 -38.86 10.83 15.97
C HIS D 185 -38.91 9.96 14.72
N ALA D 186 -40.01 10.05 13.97
CA ALA D 186 -40.10 9.29 12.72
C ALA D 186 -39.06 9.77 11.71
N LEU D 187 -38.87 11.08 11.60
CA LEU D 187 -37.86 11.58 10.68
C LEU D 187 -36.48 11.10 11.05
N VAL D 188 -36.20 11.03 12.35
CA VAL D 188 -34.95 10.46 12.81
C VAL D 188 -34.89 8.98 12.44
N GLU D 189 -36.00 8.27 12.62
CA GLU D 189 -36.02 6.84 12.36
C GLU D 189 -35.70 6.52 10.90
N VAL D 190 -36.32 7.26 9.98
CA VAL D 190 -36.15 6.94 8.57
C VAL D 190 -34.79 7.36 8.05
N ALA D 191 -34.07 8.23 8.74
CA ALA D 191 -32.74 8.61 8.28
C ALA D 191 -31.83 7.39 8.25
N ASP D 192 -30.91 7.37 7.28
CA ASP D 192 -29.99 6.26 7.10
C ASP D 192 -28.59 6.73 6.72
N ASN D 193 -28.28 8.01 6.89
CA ASN D 193 -26.93 8.55 6.69
C ASN D 193 -26.48 8.53 5.24
N THR D 194 -27.39 8.31 4.30
CA THR D 194 -27.07 8.49 2.89
C THR D 194 -27.34 9.93 2.48
N VAL D 195 -26.67 10.36 1.42
CA VAL D 195 -26.65 11.79 1.09
C VAL D 195 -28.05 12.26 0.71
N ASP D 196 -28.66 11.61 -0.28
CA ASP D 196 -29.95 12.06 -0.78
C ASP D 196 -31.03 11.92 0.29
N ASN D 197 -30.99 10.84 1.06
CA ASN D 197 -31.93 10.66 2.16
C ASN D 197 -31.73 11.76 3.21
N THR D 198 -30.47 11.98 3.59
CA THR D 198 -30.17 12.93 4.64
C THR D 198 -30.61 14.33 4.28
N LYS D 199 -30.39 14.73 3.03
CA LYS D 199 -30.74 16.08 2.62
C LYS D 199 -32.20 16.38 2.87
N PHE D 200 -33.08 15.55 2.34
CA PHE D 200 -34.49 15.86 2.48
C PHE D 200 -34.96 15.61 3.90
N VAL D 201 -34.39 14.65 4.61
CA VAL D 201 -34.84 14.41 5.98
C VAL D 201 -34.53 15.62 6.84
N THR D 202 -33.32 16.16 6.72
CA THR D 202 -32.98 17.36 7.46
C THR D 202 -33.83 18.54 7.03
N SER D 203 -34.08 18.68 5.73
CA SER D 203 -34.87 19.82 5.26
C SER D 203 -36.28 19.74 5.80
N MET D 204 -36.89 18.55 5.76
CA MET D 204 -38.25 18.40 6.27
C MET D 204 -38.29 18.62 7.77
N TYR D 205 -37.27 18.16 8.49
CA TYR D 205 -37.17 18.43 9.92
C TYR D 205 -37.17 19.93 10.16
N ASN D 206 -36.38 20.66 9.39
CA ASN D 206 -36.31 22.10 9.53
C ASN D 206 -37.66 22.74 9.26
N GLU D 207 -38.31 22.34 8.18
CA GLU D 207 -39.58 22.94 7.82
C GLU D 207 -40.63 22.69 8.88
N ILE D 208 -40.64 21.47 9.43
CA ILE D 208 -41.58 21.16 10.49
C ILE D 208 -41.32 22.06 11.69
N LEU D 209 -40.05 22.28 12.02
CA LEU D 209 -39.78 23.12 13.19
C LEU D 209 -40.23 24.56 12.95
N ILE D 210 -40.01 25.05 11.74
CA ILE D 210 -40.47 26.40 11.41
C ILE D 210 -41.99 26.48 11.57
N LEU D 211 -42.69 25.48 11.03
CA LEU D 211 -44.15 25.49 11.09
C LEU D 211 -44.63 25.36 12.52
N GLY D 212 -43.96 24.55 13.33
CA GLY D 212 -44.35 24.44 14.72
C GLY D 212 -44.20 25.75 15.46
N ALA D 213 -43.11 26.47 15.19
CA ALA D 213 -42.94 27.78 15.80
C ALA D 213 -44.04 28.73 15.36
N LYS D 214 -44.37 28.71 14.07
CA LYS D 214 -45.33 29.68 13.58
C LYS D 214 -46.74 29.37 14.07
N LEU D 215 -47.10 28.09 14.16
CA LEU D 215 -48.44 27.71 14.57
C LEU D 215 -48.58 27.70 16.07
N HIS D 216 -47.56 27.24 16.78
CA HIS D 216 -47.61 27.05 18.23
C HIS D 216 -46.31 27.56 18.83
N PRO D 217 -46.18 28.89 18.94
CA PRO D 217 -44.92 29.45 19.49
C PRO D 217 -44.58 28.96 20.88
N THR D 218 -45.57 28.64 21.70
CA THR D 218 -45.29 28.15 23.04
C THR D 218 -44.90 26.68 23.06
N LEU D 219 -45.06 25.96 21.95
CA LEU D 219 -44.80 24.53 21.92
C LEU D 219 -43.33 24.28 21.63
N LYS D 220 -42.73 23.39 22.40
CA LYS D 220 -41.32 22.99 22.25
C LYS D 220 -41.31 21.53 21.79
N LEU D 221 -41.28 21.34 20.46
CA LEU D 221 -41.39 19.99 19.94
C LEU D 221 -40.22 19.12 20.35
N GLU D 222 -39.00 19.64 20.22
CA GLU D 222 -37.82 18.81 20.41
C GLU D 222 -37.66 18.30 21.82
N GLU D 223 -38.41 18.84 22.78
CA GLU D 223 -38.36 18.38 24.15
C GLU D 223 -39.38 17.29 24.43
N ILE D 224 -40.12 16.85 23.42
CA ILE D 224 -41.05 15.73 23.58
C ILE D 224 -40.26 14.45 23.53
N THR D 225 -40.53 13.55 24.47
CA THR D 225 -39.86 12.26 24.56
C THR D 225 -40.82 11.13 24.20
N ASN D 226 -40.27 10.10 23.57
CA ASN D 226 -41.03 8.90 23.28
C ASN D 226 -41.06 8.04 24.53
N ARG D 227 -41.65 6.85 24.44
CA ARG D 227 -41.77 5.97 25.59
C ARG D 227 -40.42 5.53 26.13
N LYS D 228 -39.38 5.57 25.32
CA LYS D 228 -38.02 5.33 25.79
C LYS D 228 -37.40 6.57 26.41
N GLY D 229 -38.14 7.67 26.53
CA GLY D 229 -37.62 8.85 27.15
C GLY D 229 -36.67 9.66 26.28
N LEU D 230 -36.61 9.36 24.99
CA LEU D 230 -35.64 9.97 24.10
C LEU D 230 -36.29 11.12 23.33
N THR D 231 -35.62 12.25 23.32
CA THR D 231 -35.95 13.29 22.38
C THR D 231 -35.40 12.90 21.02
N PRO D 232 -35.85 13.55 19.94
CA PRO D 232 -35.31 13.24 18.62
C PRO D 232 -33.81 13.39 18.53
N LEU D 233 -33.24 14.35 19.24
CA LEU D 233 -31.78 14.45 19.25
C LEU D 233 -31.18 13.24 19.94
N ALA D 234 -31.70 12.87 21.09
CA ALA D 234 -31.20 11.69 21.78
C ALA D 234 -31.44 10.44 20.95
N LEU D 235 -32.58 10.36 20.27
CA LEU D 235 -32.86 9.20 19.43
C LEU D 235 -31.86 9.11 18.30
N ALA D 236 -31.54 10.22 17.65
CA ALA D 236 -30.54 10.20 16.61
C ALA D 236 -29.20 9.79 17.17
N ALA D 237 -28.86 10.28 18.36
CA ALA D 237 -27.58 9.92 18.96
C ALA D 237 -27.52 8.44 19.24
N SER D 238 -28.60 7.86 19.78
CA SER D 238 -28.58 6.45 20.12
C SER D 238 -28.57 5.57 18.89
N SER D 239 -29.26 5.99 17.84
CA SER D 239 -29.37 5.19 16.63
C SER D 239 -28.21 5.41 15.67
N GLY D 240 -27.34 6.38 15.94
CA GLY D 240 -26.20 6.56 15.07
C GLY D 240 -26.50 7.28 13.78
N LYS D 241 -27.61 8.00 13.69
CA LYS D 241 -27.96 8.72 12.48
C LYS D 241 -27.12 9.99 12.45
N ILE D 242 -25.85 9.82 12.07
CA ILE D 242 -24.88 10.89 12.20
C ILE D 242 -25.27 12.10 11.37
N GLY D 243 -25.87 11.89 10.21
CA GLY D 243 -26.23 13.03 9.39
C GLY D 243 -27.21 13.96 10.08
N VAL D 244 -28.28 13.39 10.63
CA VAL D 244 -29.27 14.19 11.31
C VAL D 244 -28.65 14.88 12.51
N LEU D 245 -27.80 14.16 13.23
CA LEU D 245 -27.16 14.71 14.40
C LEU D 245 -26.29 15.90 14.03
N ALA D 246 -25.50 15.75 12.97
CA ALA D 246 -24.63 16.83 12.53
C ALA D 246 -25.46 18.03 12.10
N TYR D 247 -26.59 17.77 11.43
CA TYR D 247 -27.47 18.87 11.06
C TYR D 247 -27.96 19.61 12.29
N ILE D 248 -28.52 18.87 13.25
CA ILE D 248 -29.15 19.50 14.40
C ILE D 248 -28.13 20.29 15.19
N LEU D 249 -26.98 19.70 15.46
CA LEU D 249 -26.03 20.32 16.36
C LEU D 249 -25.48 21.63 15.81
N GLN D 250 -25.54 21.84 14.50
CA GLN D 250 -25.03 23.05 13.88
C GLN D 250 -26.14 23.81 13.17
N ARG D 251 -27.35 23.73 13.71
CA ARG D 251 -28.49 24.37 13.08
C ARG D 251 -28.42 25.88 13.30
N GLU D 252 -28.60 26.64 12.21
CA GLU D 252 -28.67 28.09 12.26
C GLU D 252 -29.80 28.54 11.36
N ILE D 253 -30.74 29.29 11.92
CA ILE D 253 -31.94 29.73 11.22
C ILE D 253 -31.94 31.25 11.21
N HIS D 254 -31.88 31.83 10.01
CA HIS D 254 -31.85 33.28 9.83
C HIS D 254 -33.23 33.75 9.38
N GLU D 255 -34.12 34.00 10.34
CA GLU D 255 -35.36 34.68 10.01
C GLU D 255 -35.99 35.19 11.29
N PRO D 256 -36.89 36.17 11.21
CA PRO D 256 -37.57 36.65 12.42
C PRO D 256 -38.38 35.54 13.06
N GLU D 257 -38.44 35.57 14.39
CA GLU D 257 -39.27 34.67 15.18
C GLU D 257 -38.93 33.19 14.98
N CYS D 258 -37.77 32.89 14.39
CA CYS D 258 -37.21 31.56 14.39
C CYS D 258 -35.74 31.57 14.76
N ARG D 259 -35.20 32.73 15.14
CA ARG D 259 -33.83 32.78 15.63
C ARG D 259 -33.67 31.88 16.85
N HIS D 260 -34.67 31.88 17.73
CA HIS D 260 -34.56 31.11 18.96
C HIS D 260 -34.47 29.61 18.72
N LEU D 261 -34.93 29.13 17.57
CA LEU D 261 -34.78 27.72 17.24
C LEU D 261 -33.36 27.35 16.86
N SER D 262 -32.50 28.31 16.56
CA SER D 262 -31.15 27.98 16.15
C SER D 262 -30.38 27.42 17.33
N ARG D 263 -29.37 26.62 17.03
CA ARG D 263 -28.42 26.15 18.03
C ARG D 263 -27.02 26.68 17.80
N LYS D 264 -26.73 27.18 16.60
CA LYS D 264 -25.45 27.80 16.29
C LYS D 264 -25.70 29.26 15.99
N PHE D 265 -25.06 30.13 16.74
CA PHE D 265 -25.29 31.56 16.69
C PHE D 265 -23.95 32.22 16.42
N THR D 266 -23.97 33.38 15.77
CA THR D 266 -22.76 34.16 15.52
C THR D 266 -22.82 35.43 16.34
N GLU D 267 -21.90 35.58 17.29
CA GLU D 267 -21.97 36.72 18.17
C GLU D 267 -21.41 37.94 17.47
N TRP D 268 -20.13 37.91 17.13
CA TRP D 268 -19.51 38.94 16.32
C TRP D 268 -18.74 38.33 15.16
N ALA D 269 -18.55 39.14 14.13
CA ALA D 269 -17.74 38.78 12.98
C ALA D 269 -16.96 40.03 12.59
N TYR D 270 -15.64 39.99 12.71
CA TYR D 270 -14.88 41.21 12.48
C TYR D 270 -14.38 41.34 11.04
N GLY D 271 -13.39 40.53 10.67
CA GLY D 271 -12.92 40.46 9.31
C GLY D 271 -13.31 39.14 8.67
N PRO D 272 -12.33 38.32 8.29
CA PRO D 272 -12.64 36.93 7.97
C PRO D 272 -12.97 36.10 9.19
N VAL D 273 -12.75 36.64 10.39
CA VAL D 273 -12.86 35.89 11.64
C VAL D 273 -14.18 36.21 12.31
N HIS D 274 -14.81 35.19 12.89
CA HIS D 274 -16.04 35.38 13.63
C HIS D 274 -16.10 34.35 14.73
N SER D 275 -16.79 34.70 15.80
CA SER D 275 -16.91 33.87 17.00
C SER D 275 -18.31 33.30 17.05
N SER D 276 -18.42 32.01 16.85
CA SER D 276 -19.69 31.30 16.95
C SER D 276 -19.93 30.85 18.38
N LEU D 277 -21.19 30.59 18.67
CA LEU D 277 -21.66 30.06 19.95
C LEU D 277 -22.52 28.86 19.65
N TYR D 278 -22.22 27.74 20.30
CA TYR D 278 -23.01 26.52 20.17
C TYR D 278 -23.83 26.31 21.43
N ASP D 279 -25.02 25.73 21.27
CA ASP D 279 -26.04 25.85 22.30
C ASP D 279 -25.76 24.99 23.53
N LEU D 280 -25.39 23.73 23.33
CA LEU D 280 -25.00 22.80 24.40
C LEU D 280 -26.15 22.35 25.30
N SER D 281 -27.40 22.68 24.97
CA SER D 281 -28.49 22.18 25.80
C SER D 281 -28.60 20.66 25.67
N CYS D 282 -28.56 19.99 26.80
CA CYS D 282 -28.66 18.52 26.87
C CYS D 282 -27.63 17.84 25.99
N ILE D 283 -26.47 18.48 25.80
CA ILE D 283 -25.28 17.83 25.29
C ILE D 283 -24.29 17.58 26.39
N ASP D 284 -23.90 18.64 27.09
CA ASP D 284 -22.96 18.50 28.19
C ASP D 284 -23.58 17.72 29.31
N THR D 285 -24.79 18.11 29.73
CA THR D 285 -25.51 17.41 30.76
C THR D 285 -26.99 17.63 30.52
N CYS D 286 -27.79 16.64 30.89
CA CYS D 286 -29.22 16.64 30.62
C CYS D 286 -29.88 15.99 31.81
N GLU D 287 -31.20 15.80 31.70
CA GLU D 287 -31.88 15.07 32.75
C GLU D 287 -31.43 13.62 32.77
N LYS D 288 -31.65 12.90 31.67
CA LYS D 288 -31.37 11.48 31.60
C LYS D 288 -30.34 11.18 30.53
N ASN D 289 -30.55 11.72 29.35
CA ASN D 289 -29.79 11.34 28.16
C ASN D 289 -29.04 12.54 27.61
N SER D 290 -27.85 12.77 28.13
CA SER D 290 -26.93 13.66 27.45
C SER D 290 -26.43 12.99 26.18
N VAL D 291 -26.21 13.80 25.14
CA VAL D 291 -25.74 13.24 23.87
C VAL D 291 -24.41 12.53 24.06
N LEU D 292 -23.51 13.13 24.83
CA LEU D 292 -22.23 12.49 25.08
C LEU D 292 -22.43 11.17 25.79
N GLU D 293 -23.33 11.12 26.76
CA GLU D 293 -23.56 9.86 27.46
C GLU D 293 -24.13 8.81 26.53
N VAL D 294 -25.07 9.19 25.68
CA VAL D 294 -25.67 8.24 24.76
C VAL D 294 -24.63 7.71 23.79
N ILE D 295 -23.82 8.60 23.23
CA ILE D 295 -22.83 8.19 22.24
C ILE D 295 -21.74 7.34 22.89
N ALA D 296 -21.11 7.88 23.93
CA ALA D 296 -19.94 7.22 24.52
C ALA D 296 -20.31 5.88 25.12
N TYR D 297 -21.46 5.79 25.76
CA TYR D 297 -21.96 4.53 26.29
C TYR D 297 -22.85 3.83 25.28
N SER D 298 -22.52 3.93 23.99
CA SER D 298 -23.27 3.23 22.96
C SER D 298 -23.15 1.72 23.14
N SER D 299 -23.94 0.99 22.37
CA SER D 299 -23.97 -0.46 22.42
C SER D 299 -22.96 -1.11 21.49
N SER D 300 -22.15 -0.33 20.78
CA SER D 300 -21.13 -0.79 19.84
C SER D 300 -21.72 -1.36 18.55
N GLU D 301 -23.05 -1.46 18.42
CA GLU D 301 -23.71 -1.72 17.16
C GLU D 301 -24.23 -0.45 16.50
N THR D 302 -24.19 0.67 17.21
CA THR D 302 -24.53 1.93 16.60
C THR D 302 -23.53 2.21 15.48
N PRO D 303 -23.98 2.43 14.23
CA PRO D 303 -23.04 2.44 13.11
C PRO D 303 -21.89 3.43 13.20
N ASN D 304 -22.18 4.72 13.38
CA ASN D 304 -21.18 5.76 13.21
C ASN D 304 -20.62 6.25 14.54
N ARG D 305 -20.71 5.43 15.59
CA ARG D 305 -20.32 5.85 16.93
C ARG D 305 -18.89 6.36 16.95
N HIS D 306 -18.03 5.81 16.12
CA HIS D 306 -16.66 6.31 16.06
C HIS D 306 -16.61 7.72 15.49
N ASP D 307 -17.45 8.01 14.51
CA ASP D 307 -17.38 9.29 13.81
C ASP D 307 -18.15 10.39 14.50
N MET D 308 -19.22 10.04 15.23
CA MET D 308 -20.16 11.04 15.67
C MET D 308 -19.53 12.06 16.60
N LEU D 309 -18.48 11.67 17.30
CA LEU D 309 -17.77 12.63 18.13
C LEU D 309 -16.93 13.58 17.31
N LEU D 310 -16.82 13.38 16.01
CA LEU D 310 -16.14 14.33 15.16
C LEU D 310 -17.00 15.55 14.85
N VAL D 311 -18.28 15.55 15.19
CA VAL D 311 -19.12 16.72 14.95
C VAL D 311 -18.64 17.85 15.85
N GLU D 312 -18.43 19.02 15.25
CA GLU D 312 -17.59 20.09 15.78
C GLU D 312 -17.79 20.43 17.25
N PRO D 313 -19.00 20.80 17.69
CA PRO D 313 -19.17 21.18 19.10
C PRO D 313 -18.82 20.05 20.04
N LEU D 314 -19.08 18.80 19.67
CA LEU D 314 -18.73 17.70 20.57
C LEU D 314 -17.23 17.57 20.69
N ASN D 315 -16.51 17.55 19.58
CA ASN D 315 -15.07 17.36 19.65
C ASN D 315 -14.42 18.49 20.42
N ARG D 316 -14.80 19.73 20.12
CA ARG D 316 -14.18 20.83 20.84
C ARG D 316 -14.56 20.80 22.32
N LEU D 317 -15.80 20.44 22.64
CA LEU D 317 -16.20 20.38 24.03
C LEU D 317 -15.39 19.32 24.78
N LEU D 318 -15.20 18.16 24.17
CA LEU D 318 -14.43 17.12 24.83
C LEU D 318 -13.00 17.56 25.03
N GLN D 319 -12.42 18.21 24.03
CA GLN D 319 -11.05 18.68 24.18
C GLN D 319 -10.94 19.70 25.29
N ASP D 320 -11.89 20.63 25.36
CA ASP D 320 -11.88 21.62 26.41
C ASP D 320 -12.02 20.98 27.77
N LYS D 321 -12.95 20.04 27.89
CA LYS D 321 -13.11 19.34 29.16
C LYS D 321 -11.83 18.66 29.56
N TRP D 322 -11.18 18.01 28.60
CA TRP D 322 -9.93 17.33 28.87
C TRP D 322 -8.92 18.28 29.47
N ASP D 323 -8.56 19.32 28.70
CA ASP D 323 -7.50 20.22 29.13
C ASP D 323 -7.85 20.92 30.43
N ARG D 324 -9.10 21.33 30.58
CA ARG D 324 -9.42 22.15 31.74
C ARG D 324 -9.49 21.33 33.01
N PHE D 325 -10.06 20.15 32.95
CA PHE D 325 -10.50 19.45 34.14
C PHE D 325 -9.87 18.08 34.30
N VAL D 326 -9.73 17.32 33.22
CA VAL D 326 -9.62 15.87 33.33
C VAL D 326 -8.19 15.40 33.12
N LYS D 327 -7.42 16.15 32.34
CA LYS D 327 -6.04 15.75 32.05
C LYS D 327 -5.27 15.52 33.34
N ARG D 328 -5.31 16.47 34.25
CA ARG D 328 -4.55 16.34 35.48
C ARG D 328 -5.06 15.18 36.32
N ILE D 329 -6.38 15.04 36.42
CA ILE D 329 -6.93 13.98 37.24
C ILE D 329 -6.56 12.62 36.65
N PHE D 330 -6.58 12.51 35.34
CA PHE D 330 -6.24 11.24 34.71
C PHE D 330 -4.79 10.90 34.97
N TYR D 331 -3.90 11.89 34.84
CA TYR D 331 -2.51 11.63 35.17
C TYR D 331 -2.38 11.19 36.61
N PHE D 332 -3.16 11.81 37.49
CA PHE D 332 -3.10 11.44 38.89
C PHE D 332 -3.54 10.00 39.09
N ASN D 333 -4.63 9.60 38.43
CA ASN D 333 -5.10 8.23 38.56
C ASN D 333 -4.06 7.26 38.04
N PHE D 334 -3.43 7.60 36.93
CA PHE D 334 -2.40 6.74 36.36
C PHE D 334 -1.23 6.60 37.30
N PHE D 335 -0.81 7.71 37.91
CA PHE D 335 0.27 7.67 38.87
C PHE D 335 -0.10 6.81 40.08
N VAL D 336 -1.34 6.94 40.53
CA VAL D 336 -1.81 6.13 41.65
C VAL D 336 -1.76 4.66 41.29
N TYR D 337 -2.20 4.31 40.09
CA TYR D 337 -2.15 2.92 39.68
C TYR D 337 -0.71 2.43 39.62
N CYS D 338 0.21 3.26 39.13
CA CYS D 338 1.61 2.87 39.09
C CYS D 338 2.11 2.55 40.49
N LEU D 339 1.80 3.40 41.46
CA LEU D 339 2.22 3.13 42.83
C LEU D 339 1.58 1.86 43.34
N TYR D 340 0.31 1.64 43.03
CA TYR D 340 -0.36 0.43 43.46
C TYR D 340 0.35 -0.81 42.95
N MET D 341 0.66 -0.81 41.65
CA MET D 341 1.29 -1.98 41.07
C MET D 341 2.69 -2.17 41.60
N ILE D 342 3.41 -1.08 41.89
CA ILE D 342 4.73 -1.21 42.51
C ILE D 342 4.60 -1.88 43.87
N ILE D 343 3.63 -1.43 44.66
CA ILE D 343 3.45 -2.00 45.99
C ILE D 343 3.08 -3.47 45.88
N PHE D 344 2.19 -3.80 44.95
CA PHE D 344 1.80 -5.18 44.77
C PHE D 344 2.99 -6.02 44.37
N THR D 345 3.81 -5.51 43.46
CA THR D 345 4.98 -6.23 43.00
C THR D 345 5.94 -6.48 44.15
N ALA D 346 6.22 -5.45 44.94
CA ALA D 346 7.14 -5.62 46.05
C ALA D 346 6.59 -6.61 47.06
N ALA D 347 5.28 -6.57 47.29
CA ALA D 347 4.68 -7.50 48.22
C ALA D 347 4.84 -8.93 47.75
N ALA D 348 4.51 -9.18 46.49
CA ALA D 348 4.59 -10.54 45.98
C ALA D 348 6.03 -11.04 45.95
N TYR D 349 6.96 -10.16 45.58
CA TYR D 349 8.35 -10.55 45.40
C TYR D 349 8.93 -11.08 46.70
N TYR D 350 8.61 -10.45 47.82
CA TYR D 350 9.11 -10.85 49.13
C TYR D 350 8.10 -11.68 49.90
N ARG D 351 7.33 -12.52 49.21
CA ARG D 351 6.42 -13.38 49.94
C ARG D 351 7.22 -14.35 50.82
N PRO D 352 6.67 -14.78 51.95
CA PRO D 352 7.38 -15.78 52.75
C PRO D 352 7.38 -17.13 52.05
N VAL D 353 8.37 -17.94 52.39
CA VAL D 353 8.58 -19.24 51.76
C VAL D 353 8.19 -20.39 52.67
N GLU D 354 7.55 -20.11 53.80
CA GLU D 354 7.11 -21.19 54.69
C GLU D 354 5.81 -21.80 54.17
N GLY D 355 5.57 -23.04 54.58
CA GLY D 355 4.39 -23.74 54.14
C GLY D 355 3.16 -23.38 54.94
N LEU D 356 2.00 -23.78 54.41
CA LEU D 356 0.75 -23.72 55.13
C LEU D 356 0.36 -22.30 55.53
N PRO D 357 -0.09 -21.47 54.59
CA PRO D 357 -0.58 -20.13 54.96
C PRO D 357 -1.80 -20.23 55.86
N PRO D 358 -2.18 -19.14 56.55
CA PRO D 358 -1.51 -17.86 56.70
C PRO D 358 -0.26 -17.97 57.57
N TYR D 359 0.57 -16.94 57.56
CA TYR D 359 1.89 -16.99 58.17
C TYR D 359 1.98 -16.05 59.37
N LYS D 360 2.66 -16.52 60.42
CA LYS D 360 2.86 -15.69 61.60
C LYS D 360 3.68 -14.48 61.24
N LEU D 361 3.19 -13.30 61.63
CA LEU D 361 3.92 -12.07 61.39
C LEU D 361 5.11 -12.02 62.33
N LYS D 362 6.29 -11.77 61.78
CA LYS D 362 7.49 -11.59 62.58
C LYS D 362 7.54 -10.17 63.11
N ASN D 363 8.21 -10.01 64.26
CA ASN D 363 8.46 -8.68 64.82
C ASN D 363 9.73 -8.11 64.21
N THR D 364 9.62 -7.72 62.94
CA THR D 364 10.71 -7.08 62.24
C THR D 364 10.17 -6.13 61.17
N VAL D 365 11.00 -5.13 60.85
CA VAL D 365 10.57 -3.99 60.04
C VAL D 365 10.08 -4.45 58.68
N GLY D 366 10.88 -5.29 58.01
CA GLY D 366 10.54 -5.71 56.67
C GLY D 366 9.20 -6.40 56.61
N ASP D 367 8.90 -7.23 57.61
CA ASP D 367 7.64 -7.94 57.59
C ASP D 367 6.46 -7.01 57.86
N TYR D 368 6.66 -5.96 58.66
CA TYR D 368 5.59 -5.00 58.83
C TYR D 368 5.29 -4.26 57.53
N PHE D 369 6.33 -3.86 56.80
CA PHE D 369 6.07 -3.27 55.48
C PHE D 369 5.41 -4.28 54.56
N ARG D 370 5.83 -5.55 54.62
CA ARG D 370 5.28 -6.56 53.75
C ARG D 370 3.78 -6.73 53.98
N VAL D 371 3.38 -6.84 55.24
CA VAL D 371 1.95 -7.00 55.51
C VAL D 371 1.21 -5.72 55.12
N THR D 372 1.85 -4.57 55.29
CA THR D 372 1.23 -3.33 54.82
C THR D 372 0.93 -3.41 53.34
N GLY D 373 1.92 -3.79 52.55
CA GLY D 373 1.73 -3.85 51.11
C GLY D 373 0.69 -4.89 50.73
N GLU D 374 0.68 -6.02 51.44
CA GLU D 374 -0.31 -7.05 51.15
C GLU D 374 -1.72 -6.52 51.39
N ILE D 375 -1.91 -5.79 52.49
CA ILE D 375 -3.22 -5.21 52.77
C ILE D 375 -3.60 -4.21 51.69
N LEU D 376 -2.66 -3.36 51.28
CA LEU D 376 -2.97 -2.38 50.24
C LEU D 376 -3.34 -3.06 48.94
N SER D 377 -2.63 -4.14 48.59
CA SER D 377 -2.92 -4.84 47.35
C SER D 377 -4.32 -5.43 47.38
N VAL D 378 -4.69 -6.05 48.50
CA VAL D 378 -6.03 -6.62 48.59
C VAL D 378 -7.07 -5.52 48.51
N SER D 379 -6.78 -4.37 49.11
CA SER D 379 -7.70 -3.23 49.03
C SER D 379 -7.94 -2.86 47.58
N GLY D 380 -6.87 -2.75 46.81
CA GLY D 380 -7.03 -2.36 45.42
C GLY D 380 -7.84 -3.38 44.66
N GLY D 381 -7.61 -4.66 44.95
CA GLY D 381 -8.42 -5.70 44.31
C GLY D 381 -9.89 -5.51 44.59
N VAL D 382 -10.24 -5.22 45.84
CA VAL D 382 -11.65 -5.01 46.18
C VAL D 382 -12.20 -3.83 45.40
N TYR D 383 -11.43 -2.73 45.33
CA TYR D 383 -11.88 -1.56 44.61
C TYR D 383 -12.25 -1.90 43.18
N PHE D 384 -11.31 -2.55 42.47
CA PHE D 384 -11.56 -2.84 41.08
C PHE D 384 -12.74 -3.80 40.91
N PHE D 385 -12.87 -4.75 41.83
CA PHE D 385 -13.99 -5.68 41.79
C PHE D 385 -15.32 -4.93 41.83
N PHE D 386 -15.47 -4.02 42.78
CA PHE D 386 -16.74 -3.34 42.91
C PHE D 386 -16.98 -2.38 41.74
N ARG D 387 -15.94 -1.74 41.22
CA ARG D 387 -16.15 -0.91 40.04
C ARG D 387 -16.65 -1.76 38.88
N GLY D 388 -16.12 -2.97 38.74
CA GLY D 388 -16.62 -3.85 37.70
C GLY D 388 -18.09 -4.17 37.89
N ILE D 389 -18.49 -4.44 39.14
CA ILE D 389 -19.89 -4.73 39.39
C ILE D 389 -20.74 -3.52 39.01
N GLN D 390 -20.30 -2.33 39.41
CA GLN D 390 -21.04 -1.12 39.07
C GLN D 390 -21.21 -0.99 37.58
N TYR D 391 -20.14 -1.27 36.84
CA TYR D 391 -20.21 -1.17 35.39
C TYR D 391 -21.27 -2.09 34.83
N PHE D 392 -21.22 -3.37 35.20
CA PHE D 392 -22.16 -4.32 34.65
C PHE D 392 -23.60 -3.95 35.00
N LEU D 393 -23.84 -3.66 36.28
CA LEU D 393 -25.21 -3.38 36.71
C LEU D 393 -25.73 -2.11 36.06
N GLN D 394 -24.90 -1.08 35.96
CA GLN D 394 -25.38 0.17 35.41
C GLN D 394 -25.66 0.04 33.93
N ARG D 395 -24.81 -0.68 33.20
CA ARG D 395 -25.01 -0.80 31.77
C ARG D 395 -25.95 -1.94 31.41
N ARG D 396 -26.03 -2.98 32.23
CA ARG D 396 -26.76 -4.19 31.91
C ARG D 396 -26.49 -4.71 30.49
N PRO D 397 -25.23 -4.94 30.12
CA PRO D 397 -24.98 -5.52 28.79
C PRO D 397 -25.64 -6.90 28.68
N SER D 398 -26.18 -7.17 27.50
CA SER D 398 -27.01 -8.37 27.30
C SER D 398 -26.19 -9.56 26.81
N LEU D 399 -25.06 -9.86 27.47
CA LEU D 399 -24.32 -11.10 27.28
C LEU D 399 -23.69 -11.28 25.92
N LYS D 400 -23.85 -10.32 25.01
CA LYS D 400 -23.10 -10.22 23.78
C LYS D 400 -22.40 -8.88 23.70
N SER D 401 -23.14 -7.81 24.00
CA SER D 401 -22.52 -6.52 24.29
C SER D 401 -21.57 -6.60 25.47
N LEU D 402 -21.74 -7.59 26.34
CA LEU D 402 -20.86 -7.76 27.48
C LEU D 402 -19.44 -8.14 27.08
N PHE D 403 -19.21 -8.57 25.84
CA PHE D 403 -17.91 -9.06 25.41
C PHE D 403 -17.37 -8.42 24.14
N VAL D 404 -18.24 -7.98 23.23
CA VAL D 404 -17.77 -7.36 22.00
C VAL D 404 -17.05 -6.06 22.27
N ASP D 405 -17.31 -5.42 23.40
CA ASP D 405 -16.63 -4.19 23.77
C ASP D 405 -16.43 -4.18 25.28
N SER D 406 -15.90 -3.08 25.78
CA SER D 406 -15.48 -2.97 27.18
C SER D 406 -14.48 -4.06 27.53
N TYR D 407 -13.52 -4.23 26.64
CA TYR D 407 -12.39 -5.13 26.86
C TYR D 407 -11.67 -4.78 28.15
N SER D 408 -11.38 -3.50 28.35
CA SER D 408 -10.60 -3.10 29.52
C SER D 408 -11.30 -3.43 30.82
N GLU D 409 -12.60 -3.14 30.91
CA GLU D 409 -13.31 -3.38 32.16
C GLU D 409 -13.28 -4.84 32.52
N ILE D 410 -13.45 -5.71 31.52
CA ILE D 410 -13.42 -7.14 31.78
C ILE D 410 -12.06 -7.55 32.29
N LEU D 411 -11.00 -7.02 31.68
CA LEU D 411 -9.67 -7.41 32.14
C LEU D 411 -9.41 -6.96 33.56
N PHE D 412 -9.76 -5.72 33.89
CA PHE D 412 -9.54 -5.26 35.25
C PHE D 412 -10.36 -6.09 36.21
N PHE D 413 -11.59 -6.41 35.83
CA PHE D 413 -12.43 -7.21 36.70
C PHE D 413 -11.82 -8.57 36.94
N VAL D 414 -11.31 -9.20 35.89
CA VAL D 414 -10.73 -10.53 36.04
C VAL D 414 -9.51 -10.47 36.93
N GLN D 415 -8.69 -9.42 36.79
CA GLN D 415 -7.57 -9.24 37.70
C GLN D 415 -8.06 -9.22 39.14
N SER D 416 -9.10 -8.45 39.39
CA SER D 416 -9.57 -8.35 40.77
C SER D 416 -10.11 -9.68 41.27
N LEU D 417 -10.75 -10.44 40.38
CA LEU D 417 -11.20 -11.78 40.77
C LEU D 417 -10.02 -12.65 41.16
N PHE D 418 -8.94 -12.58 40.39
CA PHE D 418 -7.76 -13.38 40.72
C PHE D 418 -7.19 -12.98 42.06
N MET D 419 -7.16 -11.68 42.34
CA MET D 419 -6.71 -11.23 43.65
C MET D 419 -7.57 -11.84 44.75
N LEU D 420 -8.89 -11.81 44.57
CA LEU D 420 -9.77 -12.30 45.62
C LEU D 420 -9.59 -13.80 45.83
N VAL D 421 -9.46 -14.56 44.75
CA VAL D 421 -9.29 -15.99 44.89
C VAL D 421 -7.97 -16.30 45.57
N SER D 422 -6.95 -15.50 45.28
CA SER D 422 -5.69 -15.63 46.01
C SER D 422 -5.91 -15.41 47.49
N VAL D 423 -6.71 -14.40 47.85
CA VAL D 423 -6.97 -14.15 49.27
C VAL D 423 -7.66 -15.35 49.92
N VAL D 424 -8.69 -15.88 49.25
CA VAL D 424 -9.45 -16.99 49.80
C VAL D 424 -8.54 -18.18 50.05
N LEU D 425 -7.69 -18.49 49.07
CA LEU D 425 -6.76 -19.60 49.24
C LEU D 425 -5.76 -19.33 50.35
N TYR D 426 -5.30 -18.07 50.47
CA TYR D 426 -4.35 -17.74 51.50
C TYR D 426 -4.92 -18.01 52.88
N PHE D 427 -6.16 -17.62 53.10
CA PHE D 427 -6.79 -17.91 54.38
C PHE D 427 -7.42 -19.29 54.45
N SER D 428 -7.52 -19.99 53.33
CA SER D 428 -8.04 -21.35 53.34
C SER D 428 -6.95 -22.39 53.60
N GLN D 429 -5.74 -21.98 53.94
CA GLN D 429 -4.65 -22.91 54.21
C GLN D 429 -4.32 -23.76 52.99
N ARG D 430 -4.26 -23.09 51.83
CA ARG D 430 -3.80 -23.71 50.59
C ARG D 430 -2.67 -22.85 50.04
N LYS D 431 -1.59 -23.49 49.62
CA LYS D 431 -0.49 -22.76 49.01
C LYS D 431 -0.81 -22.29 47.58
N GLU D 432 -1.90 -22.80 47.00
CA GLU D 432 -2.24 -22.47 45.63
C GLU D 432 -2.59 -21.01 45.46
N TYR D 433 -2.73 -20.25 46.55
CA TYR D 433 -2.89 -18.81 46.42
C TYR D 433 -1.77 -18.22 45.58
N VAL D 434 -0.57 -18.77 45.68
CA VAL D 434 0.53 -18.23 44.89
C VAL D 434 0.18 -18.31 43.41
N ALA D 435 -0.39 -19.44 42.99
CA ALA D 435 -0.75 -19.60 41.59
C ALA D 435 -1.72 -18.53 41.14
N SER D 436 -2.70 -18.19 41.98
CA SER D 436 -3.61 -17.13 41.59
C SER D 436 -2.90 -15.79 41.58
N MET D 437 -2.07 -15.54 42.59
CA MET D 437 -1.56 -14.20 42.82
C MET D 437 -0.76 -13.71 41.63
N VAL D 438 0.13 -14.56 41.13
CA VAL D 438 0.98 -14.15 40.02
C VAL D 438 0.15 -13.79 38.81
N PHE D 439 -0.93 -14.51 38.55
CA PHE D 439 -1.74 -14.18 37.39
C PHE D 439 -2.26 -12.76 37.52
N SER D 440 -2.80 -12.44 38.69
CA SER D 440 -3.26 -11.08 38.94
C SER D 440 -2.14 -10.10 38.70
N LEU D 441 -0.97 -10.41 39.26
CA LEU D 441 0.18 -9.53 39.12
C LEU D 441 0.49 -9.30 37.67
N ALA D 442 0.54 -10.38 36.89
CA ALA D 442 0.86 -10.24 35.48
C ALA D 442 -0.18 -9.37 34.81
N MET D 443 -1.45 -9.66 35.04
CA MET D 443 -2.50 -8.90 34.38
C MET D 443 -2.46 -7.46 34.84
N GLY D 444 -2.10 -7.25 36.11
CA GLY D 444 -2.05 -5.90 36.59
C GLY D 444 -1.07 -5.08 35.79
N TRP D 445 0.12 -5.63 35.56
CA TRP D 445 1.09 -4.87 34.79
C TRP D 445 0.61 -4.69 33.36
N THR D 446 -0.01 -5.72 32.79
CA THR D 446 -0.49 -5.59 31.43
C THR D 446 -1.58 -4.54 31.36
N ASN D 447 -2.41 -4.47 32.39
CA ASN D 447 -3.49 -3.52 32.31
C ASN D 447 -2.99 -2.09 32.42
N MET D 448 -1.70 -1.90 32.73
CA MET D 448 -1.12 -0.58 32.64
C MET D 448 -1.36 0.04 31.29
N LEU D 449 -1.42 -0.79 30.23
CA LEU D 449 -1.58 -0.25 28.89
C LEU D 449 -2.90 0.46 28.70
N TYR D 450 -3.88 0.19 29.55
CA TYR D 450 -5.13 0.94 29.47
C TYR D 450 -4.89 2.43 29.57
N TYR D 451 -3.89 2.83 30.34
CA TYR D 451 -3.62 4.24 30.52
C TYR D 451 -2.79 4.82 29.40
N THR D 452 -2.48 4.05 28.38
CA THR D 452 -1.85 4.63 27.20
C THR D 452 -2.81 5.42 26.36
N ARG D 453 -4.09 5.41 26.72
CA ARG D 453 -5.11 5.85 25.79
C ARG D 453 -5.35 7.33 25.82
N GLY D 454 -4.74 8.05 26.76
CA GLY D 454 -4.81 9.49 26.80
C GLY D 454 -3.63 10.10 26.08
N PHE D 455 -3.11 9.38 25.10
CA PHE D 455 -1.96 9.81 24.32
C PHE D 455 -2.20 9.32 22.90
N GLN D 456 -2.10 10.22 21.94
CA GLN D 456 -2.44 9.89 20.56
C GLN D 456 -1.63 8.68 20.09
N GLN D 457 -0.31 8.82 20.08
CA GLN D 457 0.54 7.78 19.52
C GLN D 457 0.42 6.48 20.31
N MET D 458 0.60 6.55 21.62
CA MET D 458 0.59 5.34 22.43
C MET D 458 -0.79 4.71 22.45
N GLY D 459 -1.83 5.53 22.53
CA GLY D 459 -3.18 4.99 22.57
C GLY D 459 -3.52 4.25 21.28
N ILE D 460 -3.14 4.82 20.14
CA ILE D 460 -3.38 4.13 18.88
C ILE D 460 -2.64 2.80 18.87
N TYR D 461 -1.43 2.78 19.42
CA TYR D 461 -0.70 1.53 19.51
C TYR D 461 -1.50 0.49 20.30
N ALA D 462 -2.03 0.88 21.44
CA ALA D 462 -2.76 -0.08 22.27
C ALA D 462 -4.02 -0.56 21.56
N VAL D 463 -4.68 0.33 20.83
CA VAL D 463 -5.86 -0.07 20.08
C VAL D 463 -5.51 -1.11 19.04
N MET D 464 -4.38 -0.91 18.36
CA MET D 464 -3.99 -1.90 17.36
C MET D 464 -3.66 -3.23 18.02
N ILE D 465 -3.08 -3.21 19.23
CA ILE D 465 -2.87 -4.46 19.96
C ILE D 465 -4.20 -5.16 20.18
N GLU D 466 -5.19 -4.42 20.65
CA GLU D 466 -6.47 -5.04 21.00
C GLU D 466 -7.14 -5.64 19.78
N LYS D 467 -7.20 -4.87 18.69
CA LYS D 467 -7.83 -5.38 17.48
C LYS D 467 -7.07 -6.59 16.95
N MET D 468 -5.74 -6.54 17.00
CA MET D 468 -4.95 -7.68 16.55
C MET D 468 -5.27 -8.92 17.35
N ILE D 469 -5.32 -8.80 18.68
CA ILE D 469 -5.62 -9.95 19.52
C ILE D 469 -6.96 -10.52 19.16
N LEU D 470 -7.96 -9.66 18.97
CA LEU D 470 -9.29 -10.18 18.73
C LEU D 470 -9.41 -10.83 17.36
N ARG D 471 -8.79 -10.26 16.33
CA ARG D 471 -8.93 -10.82 14.98
C ARG D 471 -7.79 -11.76 14.60
N ASP D 472 -6.59 -11.20 14.46
CA ASP D 472 -5.54 -11.93 13.75
C ASP D 472 -4.90 -13.00 14.61
N LEU D 473 -4.64 -12.70 15.87
CA LEU D 473 -4.07 -13.73 16.72
C LEU D 473 -5.03 -14.89 16.89
N CYS D 474 -6.32 -14.61 16.99
CA CYS D 474 -7.28 -15.71 17.10
C CYS D 474 -7.26 -16.58 15.85
N ARG D 475 -7.30 -15.97 14.67
CA ARG D 475 -7.27 -16.77 13.45
C ARG D 475 -5.99 -17.58 13.36
N PHE D 476 -4.86 -16.91 13.54
CA PHE D 476 -3.59 -17.60 13.41
C PHE D 476 -3.46 -18.70 14.43
N MET D 477 -3.85 -18.44 15.67
CA MET D 477 -3.65 -19.45 16.69
C MET D 477 -4.52 -20.66 16.44
N PHE D 478 -5.74 -20.47 15.94
CA PHE D 478 -6.53 -21.64 15.58
C PHE D 478 -5.80 -22.47 14.54
N VAL D 479 -5.36 -21.83 13.46
CA VAL D 479 -4.73 -22.61 12.39
C VAL D 479 -3.44 -23.25 12.87
N TYR D 480 -2.60 -22.47 13.54
CA TYR D 480 -1.32 -22.97 13.98
C TYR D 480 -1.49 -24.10 14.97
N LEU D 481 -2.47 -24.01 15.85
CA LEU D 481 -2.68 -25.10 16.78
C LEU D 481 -3.17 -26.34 16.08
N VAL D 482 -3.95 -26.18 15.02
CA VAL D 482 -4.32 -27.36 14.23
C VAL D 482 -3.08 -28.02 13.66
N PHE D 483 -2.20 -27.24 13.04
CA PHE D 483 -0.98 -27.81 12.49
C PHE D 483 -0.14 -28.45 13.58
N LEU D 484 0.01 -27.76 14.70
CA LEU D 484 0.85 -28.24 15.78
C LEU D 484 0.35 -29.55 16.30
N PHE D 485 -0.94 -29.62 16.58
CA PHE D 485 -1.48 -30.86 17.11
C PHE D 485 -1.40 -31.98 16.10
N GLY D 486 -1.70 -31.70 14.83
CA GLY D 486 -1.63 -32.75 13.83
C GLY D 486 -0.25 -33.34 13.71
N PHE D 487 0.76 -32.49 13.58
CA PHE D 487 2.10 -33.02 13.41
C PHE D 487 2.65 -33.59 14.71
N SER D 488 2.25 -33.03 15.85
CA SER D 488 2.64 -33.63 17.12
C SER D 488 2.10 -35.03 17.24
N THR D 489 0.84 -35.23 16.87
CA THR D 489 0.28 -36.56 16.94
C THR D 489 0.96 -37.50 15.97
N ALA D 490 1.30 -37.01 14.78
CA ALA D 490 1.99 -37.88 13.84
C ALA D 490 3.35 -38.31 14.39
N VAL D 491 4.11 -37.36 14.93
CA VAL D 491 5.45 -37.71 15.39
C VAL D 491 5.38 -38.60 16.60
N VAL D 492 4.51 -38.29 17.55
CA VAL D 492 4.46 -39.09 18.76
C VAL D 492 3.96 -40.49 18.43
N THR D 493 3.15 -40.64 17.38
CA THR D 493 2.85 -41.99 16.93
C THR D 493 4.12 -42.66 16.39
N LEU D 494 4.88 -41.95 15.58
CA LEU D 494 6.08 -42.56 15.03
C LEU D 494 7.08 -42.91 16.13
N ILE D 495 7.23 -42.04 17.12
CA ILE D 495 8.12 -42.34 18.22
C ILE D 495 7.52 -43.48 19.03
N GLU D 496 8.38 -44.39 19.48
CA GLU D 496 7.94 -45.51 20.30
C GLU D 496 8.93 -45.73 21.43
N ASP D 497 8.40 -45.76 22.65
CA ASP D 497 9.13 -46.14 23.85
C ASP D 497 10.44 -45.38 23.99
N GLY D 498 10.38 -44.10 23.70
CA GLY D 498 11.55 -43.25 23.76
C GLY D 498 11.43 -42.32 24.95
N LYS D 499 12.35 -41.36 25.04
CA LYS D 499 12.26 -40.39 26.13
C LYS D 499 10.98 -39.57 26.03
N TYR D 500 10.63 -39.15 24.82
CA TYR D 500 9.55 -38.18 24.66
C TYR D 500 8.20 -38.87 24.69
N ASN D 501 7.91 -39.69 23.68
CA ASN D 501 6.84 -40.68 23.65
C ASN D 501 5.52 -40.19 24.26
N SER D 502 5.24 -38.89 24.13
CA SER D 502 4.13 -38.30 24.85
C SER D 502 3.71 -37.05 24.13
N LEU D 503 2.43 -36.74 24.20
CA LEU D 503 1.95 -35.56 23.50
C LEU D 503 2.54 -34.29 24.10
N TYR D 504 2.70 -34.24 25.41
CA TYR D 504 3.19 -33.02 26.04
C TYR D 504 4.64 -32.72 25.62
N SER D 505 5.52 -33.72 25.74
CA SER D 505 6.91 -33.50 25.37
C SER D 505 7.05 -33.18 23.89
N THR D 506 6.35 -33.93 23.04
CA THR D 506 6.47 -33.68 21.61
C THR D 506 5.87 -32.33 21.23
N CYS D 507 4.75 -31.95 21.85
CA CYS D 507 4.18 -30.65 21.55
C CYS D 507 5.14 -29.54 21.92
N LEU D 508 5.77 -29.63 23.09
CA LEU D 508 6.76 -28.61 23.44
C LEU D 508 7.90 -28.60 22.46
N GLU D 509 8.36 -29.78 22.07
CA GLU D 509 9.52 -29.83 21.20
C GLU D 509 9.21 -29.27 19.82
N LEU D 510 8.02 -29.53 19.31
CA LEU D 510 7.65 -28.95 18.03
C LEU D 510 7.44 -27.45 18.17
N PHE D 511 6.90 -27.02 19.31
CA PHE D 511 6.73 -25.59 19.53
C PHE D 511 8.06 -24.87 19.51
N LYS D 512 9.11 -25.52 20.01
CA LYS D 512 10.41 -24.88 20.07
C LYS D 512 10.89 -24.39 18.72
N PHE D 513 10.43 -25.01 17.63
CA PHE D 513 10.80 -24.52 16.32
C PHE D 513 10.27 -23.11 16.10
N THR D 514 9.06 -22.83 16.55
CA THR D 514 8.45 -21.55 16.27
C THR D 514 9.21 -20.41 16.92
N ILE D 515 9.91 -20.68 18.03
CA ILE D 515 10.72 -19.68 18.70
C ILE D 515 12.19 -19.79 18.31
N GLY D 516 12.50 -20.47 17.22
CA GLY D 516 13.89 -20.54 16.81
C GLY D 516 14.76 -21.33 17.74
N MET D 517 14.23 -22.42 18.33
CA MET D 517 14.99 -23.28 19.21
C MET D 517 14.79 -24.76 18.90
N GLY D 518 14.20 -25.09 17.76
CA GLY D 518 13.92 -26.48 17.45
C GLY D 518 15.19 -27.26 17.22
N ASP D 519 15.31 -28.41 17.88
CA ASP D 519 16.54 -29.18 17.79
C ASP D 519 16.70 -29.81 16.42
N LEU D 520 15.64 -30.39 15.89
CA LEU D 520 15.56 -31.08 14.62
C LEU D 520 16.16 -32.48 14.67
N GLU D 521 16.80 -32.89 15.76
CA GLU D 521 17.29 -34.26 15.92
C GLU D 521 17.17 -34.70 17.36
N PHE D 522 16.06 -34.35 18.00
CA PHE D 522 15.98 -34.45 19.44
C PHE D 522 15.91 -35.89 19.94
N THR D 523 15.72 -36.87 19.06
CA THR D 523 15.69 -38.26 19.50
C THR D 523 16.08 -39.17 18.36
N GLU D 524 16.43 -40.40 18.72
CA GLU D 524 16.64 -41.48 17.76
C GLU D 524 15.69 -42.65 18.01
N ASN D 525 14.80 -42.55 19.00
CA ASN D 525 13.99 -43.69 19.44
C ASN D 525 12.86 -43.90 18.44
N TYR D 526 13.23 -44.43 17.30
CA TYR D 526 12.29 -44.79 16.26
C TYR D 526 13.01 -45.72 15.30
N ASP D 527 12.27 -46.24 14.35
CA ASP D 527 12.82 -46.64 13.08
C ASP D 527 12.30 -45.65 12.06
N PHE D 528 12.73 -45.78 10.82
CA PHE D 528 12.29 -44.88 9.76
C PHE D 528 12.72 -43.44 10.04
N LYS D 529 14.04 -43.24 10.07
CA LYS D 529 14.57 -41.89 10.18
C LYS D 529 14.05 -41.00 9.07
N ALA D 530 13.88 -41.56 7.87
CA ALA D 530 13.43 -40.76 6.75
C ALA D 530 12.03 -40.20 6.98
N VAL D 531 11.14 -41.00 7.52
CA VAL D 531 9.79 -40.50 7.74
C VAL D 531 9.79 -39.42 8.80
N PHE D 532 10.53 -39.65 9.88
CA PHE D 532 10.60 -38.66 10.96
C PHE D 532 11.12 -37.34 10.44
N ILE D 533 12.21 -37.37 9.68
CA ILE D 533 12.80 -36.14 9.21
C ILE D 533 11.89 -35.47 8.18
N ILE D 534 11.22 -36.26 7.35
CA ILE D 534 10.28 -35.67 6.40
C ILE D 534 9.17 -34.95 7.14
N LEU D 535 8.64 -35.57 8.18
CA LEU D 535 7.57 -34.93 8.94
C LEU D 535 8.05 -33.63 9.55
N LEU D 536 9.23 -33.65 10.17
CA LEU D 536 9.69 -32.43 10.80
C LEU D 536 9.95 -31.34 9.78
N LEU D 537 10.55 -31.68 8.65
CA LEU D 537 10.81 -30.67 7.64
C LEU D 537 9.51 -30.09 7.11
N ALA D 538 8.51 -30.94 6.89
CA ALA D 538 7.22 -30.44 6.42
C ALA D 538 6.61 -29.51 7.45
N TYR D 539 6.68 -29.89 8.73
CA TYR D 539 6.12 -29.05 9.77
C TYR D 539 6.84 -27.72 9.82
N VAL D 540 8.16 -27.74 9.74
CA VAL D 540 8.95 -26.51 9.81
C VAL D 540 8.59 -25.60 8.65
N ILE D 541 8.58 -26.14 7.43
CA ILE D 541 8.25 -25.33 6.27
C ILE D 541 6.85 -24.75 6.41
N LEU D 542 5.91 -25.57 6.86
CA LEU D 542 4.53 -25.11 6.91
C LEU D 542 4.32 -24.09 8.01
N THR D 543 4.89 -24.30 9.19
CA THR D 543 4.68 -23.36 10.28
C THR D 543 5.71 -22.25 10.29
N TYR D 544 7.00 -22.61 10.37
CA TYR D 544 8.00 -21.58 10.54
C TYR D 544 8.05 -20.66 9.34
N ILE D 545 8.11 -21.22 8.13
CA ILE D 545 8.24 -20.39 6.95
C ILE D 545 6.90 -19.87 6.49
N LEU D 546 5.94 -20.75 6.24
CA LEU D 546 4.74 -20.30 5.59
C LEU D 546 3.81 -19.57 6.55
N LEU D 547 3.44 -20.21 7.64
CA LEU D 547 2.41 -19.62 8.48
C LEU D 547 2.88 -18.34 9.15
N LEU D 548 4.12 -18.29 9.63
CA LEU D 548 4.55 -17.08 10.31
C LEU D 548 4.62 -15.91 9.35
N ASN D 549 5.18 -16.13 8.16
CA ASN D 549 5.21 -15.06 7.19
C ASN D 549 3.81 -14.68 6.75
N MET D 550 2.92 -15.65 6.69
CA MET D 550 1.53 -15.36 6.39
C MET D 550 0.94 -14.46 7.47
N LEU D 551 1.26 -14.74 8.73
CA LEU D 551 0.76 -13.92 9.81
C LEU D 551 1.27 -12.50 9.68
N ILE D 552 2.56 -12.36 9.35
CA ILE D 552 3.12 -11.03 9.24
C ILE D 552 2.45 -10.27 8.11
N ALA D 553 2.27 -10.91 6.97
CA ALA D 553 1.64 -10.24 5.84
C ALA D 553 0.20 -9.86 6.17
N LEU D 554 -0.53 -10.75 6.82
CA LEU D 554 -1.91 -10.45 7.14
C LEU D 554 -1.99 -9.29 8.11
N MET D 555 -1.11 -9.27 9.11
CA MET D 555 -1.13 -8.15 10.03
C MET D 555 -0.78 -6.87 9.33
N GLY D 556 0.16 -6.94 8.38
CA GLY D 556 0.50 -5.75 7.62
C GLY D 556 -0.70 -5.23 6.86
N GLU D 557 -1.49 -6.13 6.29
CA GLU D 557 -2.71 -5.70 5.63
C GLU D 557 -3.68 -5.10 6.62
N THR D 558 -3.79 -5.69 7.81
CA THR D 558 -4.76 -5.21 8.79
C THR D 558 -4.43 -3.79 9.23
N VAL D 559 -3.16 -3.52 9.52
CA VAL D 559 -2.77 -2.18 9.96
C VAL D 559 -3.12 -1.16 8.91
N ASN D 560 -2.95 -1.51 7.64
CA ASN D 560 -3.20 -0.56 6.57
C ASN D 560 -4.66 -0.14 6.48
N LYS D 561 -5.57 -0.92 7.08
CA LYS D 561 -7.00 -0.67 6.98
C LYS D 561 -7.63 -0.08 8.22
N ILE D 562 -6.95 -0.10 9.37
CA ILE D 562 -7.53 0.37 10.62
C ILE D 562 -6.81 1.59 11.18
N ALA D 563 -6.10 2.35 10.36
CA ALA D 563 -5.47 3.55 10.88
C ALA D 563 -6.53 4.58 11.29
N GLN D 564 -7.45 4.89 10.39
CA GLN D 564 -8.39 5.97 10.66
C GLN D 564 -9.41 5.53 11.69
N GLU D 565 -9.86 4.28 11.59
CA GLU D 565 -10.69 3.71 12.63
C GLU D 565 -10.00 3.80 13.98
N SER D 566 -8.70 3.58 14.00
CA SER D 566 -7.97 3.72 15.25
C SER D 566 -8.01 5.15 15.76
N LYS D 567 -7.87 6.14 14.87
CA LYS D 567 -7.93 7.52 15.32
C LYS D 567 -9.28 7.81 15.99
N ASN D 568 -10.35 7.39 15.35
CA ASN D 568 -11.67 7.67 15.90
C ASN D 568 -11.89 6.90 17.19
N ILE D 569 -11.39 5.67 17.27
CA ILE D 569 -11.50 4.91 18.52
C ILE D 569 -10.78 5.63 19.64
N TRP D 570 -9.59 6.16 19.36
CA TRP D 570 -8.86 6.87 20.39
C TRP D 570 -9.67 8.03 20.93
N LYS D 571 -10.18 8.88 20.02
CA LYS D 571 -10.99 10.00 20.47
C LYS D 571 -12.17 9.53 21.29
N LEU D 572 -12.80 8.44 20.85
CA LEU D 572 -14.01 7.95 21.51
C LEU D 572 -13.73 7.56 22.93
N GLN D 573 -12.80 6.64 23.14
CA GLN D 573 -12.59 6.18 24.51
C GLN D 573 -12.03 7.29 25.39
N ARG D 574 -11.26 8.22 24.82
CA ARG D 574 -10.81 9.33 25.65
C ARG D 574 -12.00 10.15 26.11
N ALA D 575 -13.02 10.26 25.26
CA ALA D 575 -14.27 10.86 25.71
C ALA D 575 -14.93 10.02 26.79
N ILE D 576 -14.86 8.69 26.68
CA ILE D 576 -15.41 7.87 27.74
C ILE D 576 -14.71 8.16 29.06
N THR D 577 -13.39 8.31 29.00
CA THR D 577 -12.64 8.62 30.21
C THR D 577 -13.10 9.93 30.80
N ILE D 578 -13.33 10.92 29.94
CA ILE D 578 -13.81 12.22 30.41
C ILE D 578 -15.15 12.06 31.13
N LEU D 579 -16.06 11.30 30.53
CA LEU D 579 -17.39 11.17 31.13
C LEU D 579 -17.32 10.43 32.45
N ASP D 580 -16.49 9.39 32.54
CA ASP D 580 -16.34 8.69 33.81
C ASP D 580 -15.80 9.62 34.87
N THR D 581 -14.81 10.44 34.50
CA THR D 581 -14.23 11.36 35.47
C THR D 581 -15.26 12.34 35.98
N GLU D 582 -16.02 12.95 35.07
CA GLU D 582 -17.00 13.93 35.51
C GLU D 582 -18.13 13.28 36.29
N LYS D 583 -18.46 12.04 35.98
CA LYS D 583 -19.55 11.40 36.69
C LYS D 583 -19.14 11.03 38.11
N SER D 584 -17.91 10.57 38.29
CA SER D 584 -17.49 10.16 39.63
C SER D 584 -17.20 11.37 40.50
N PHE D 585 -16.13 12.11 40.18
CA PHE D 585 -15.73 13.46 40.62
C PHE D 585 -15.41 13.63 42.10
N LEU D 586 -15.89 12.74 42.97
CA LEU D 586 -15.41 12.50 44.33
C LEU D 586 -15.27 13.75 45.22
N LYS D 587 -15.74 14.94 44.77
CA LYS D 587 -15.47 16.18 45.49
C LYS D 587 -16.58 17.22 45.40
N CYS D 588 -17.70 16.92 44.74
CA CYS D 588 -18.78 17.88 44.51
C CYS D 588 -18.27 19.17 43.87
N MET D 589 -17.47 19.04 42.82
CA MET D 589 -16.94 20.18 42.09
C MET D 589 -17.87 20.57 40.94
N ARG D 590 -18.14 21.87 40.83
CA ARG D 590 -19.01 22.40 39.77
C ARG D 590 -18.23 22.98 38.60
N LYS D 591 -16.92 23.19 38.73
CA LYS D 591 -16.14 23.75 37.63
C LYS D 591 -16.11 22.85 36.40
N ALA D 592 -16.49 21.57 36.52
CA ALA D 592 -16.57 20.69 35.38
C ALA D 592 -17.62 21.15 34.36
N PHE D 593 -18.61 21.93 34.80
CA PHE D 593 -19.70 22.36 33.93
C PHE D 593 -19.32 23.66 33.23
N ARG D 594 -18.98 23.56 31.95
CA ARG D 594 -18.22 24.60 31.27
C ARG D 594 -19.06 25.62 30.51
N SER D 595 -18.34 26.50 29.78
CA SER D 595 -18.85 27.32 28.69
C SER D 595 -19.65 28.56 29.11
N GLY D 596 -19.99 28.68 30.38
CA GLY D 596 -20.48 29.96 30.86
C GLY D 596 -21.91 30.25 30.41
N LYS D 597 -22.66 30.85 31.33
CA LYS D 597 -24.07 31.17 31.10
C LYS D 597 -24.15 32.43 30.27
N LEU D 598 -24.07 32.27 28.95
CA LEU D 598 -24.15 33.38 28.02
C LEU D 598 -25.58 33.53 27.54
N LEU D 599 -25.95 34.75 27.17
CA LEU D 599 -27.23 35.03 26.54
C LEU D 599 -27.05 34.84 25.03
N GLN D 600 -27.83 33.95 24.43
CA GLN D 600 -27.67 33.70 23.01
C GLN D 600 -28.36 34.78 22.21
N VAL D 601 -29.67 34.87 22.35
CA VAL D 601 -30.50 35.75 21.55
C VAL D 601 -31.07 36.88 22.39
N GLY D 602 -31.54 36.56 23.59
CA GLY D 602 -32.24 37.51 24.40
C GLY D 602 -33.66 37.76 23.98
N PHE D 603 -34.19 36.99 23.02
CA PHE D 603 -35.54 37.19 22.50
C PHE D 603 -36.15 35.81 22.26
N THR D 604 -36.85 35.32 23.26
CA THR D 604 -37.66 34.11 23.16
C THR D 604 -38.94 34.48 22.43
N PRO D 605 -39.87 33.53 22.25
CA PRO D 605 -41.16 33.88 21.67
C PRO D 605 -41.91 34.96 22.44
N ASP D 606 -41.69 35.05 23.75
CA ASP D 606 -42.15 36.17 24.55
C ASP D 606 -41.00 37.15 24.68
N GLY D 607 -41.17 38.19 25.50
CA GLY D 607 -40.11 39.16 25.61
C GLY D 607 -38.92 38.72 26.44
N LYS D 608 -38.94 37.53 27.00
CA LYS D 608 -37.88 37.11 27.90
C LYS D 608 -36.59 36.88 27.13
N ASP D 609 -35.50 36.85 27.89
CA ASP D 609 -34.16 36.62 27.35
C ASP D 609 -33.69 35.23 27.76
N ASP D 610 -32.91 34.61 26.88
CA ASP D 610 -32.55 33.21 26.98
C ASP D 610 -31.05 33.08 27.21
N TYR D 611 -30.68 32.42 28.30
CA TYR D 611 -29.31 32.07 28.61
C TYR D 611 -29.17 30.57 28.48
N ARG D 612 -28.25 30.12 27.61
CA ARG D 612 -28.25 28.74 27.14
C ARG D 612 -26.88 28.07 27.23
N TRP D 613 -26.00 28.55 28.11
CA TRP D 613 -24.73 27.87 28.40
C TRP D 613 -23.93 27.62 27.15
N CYS D 614 -23.86 28.63 26.29
CA CYS D 614 -23.28 28.38 24.99
C CYS D 614 -21.77 28.24 25.09
N PHE D 615 -21.20 27.58 24.10
CA PHE D 615 -19.76 27.31 24.01
C PHE D 615 -19.19 28.09 22.85
N ARG D 616 -18.13 28.85 23.12
CA ARG D 616 -17.56 29.75 22.12
C ARG D 616 -16.54 29.03 21.26
N VAL D 617 -16.60 29.26 19.95
CA VAL D 617 -15.65 28.71 19.00
C VAL D 617 -15.37 29.76 17.94
N ASP D 618 -14.12 30.16 17.81
CA ASP D 618 -13.73 31.13 16.79
C ASP D 618 -13.39 30.41 15.49
N GLU D 619 -13.65 31.07 14.37
CA GLU D 619 -13.40 30.48 13.06
C GLU D 619 -13.01 31.59 12.09
N VAL D 620 -12.28 31.23 11.05
CA VAL D 620 -11.79 32.16 10.04
C VAL D 620 -12.11 31.60 8.67
N ASN D 621 -12.64 32.45 7.79
CA ASN D 621 -12.93 32.09 6.40
C ASN D 621 -12.43 33.18 5.46
N TRP D 622 -11.87 32.75 4.33
CA TRP D 622 -11.29 33.67 3.36
C TRP D 622 -12.22 33.99 2.21
N THR D 623 -13.49 33.61 2.32
CA THR D 623 -14.49 33.85 1.29
C THR D 623 -15.72 34.44 1.95
N THR D 624 -16.66 34.90 1.13
CA THR D 624 -17.90 35.50 1.61
C THR D 624 -17.60 36.71 2.48
N TRP D 625 -16.87 37.66 1.90
CA TRP D 625 -16.52 38.88 2.58
C TRP D 625 -17.76 39.74 2.76
C10 XJ7 E . 26.63 -8.67 -7.40
O11 XJ7 E . 20.63 -6.00 -14.13
C16 XJ7 E . 23.61 -13.53 -6.94
C17 XJ7 E . 24.79 -13.99 -6.08
C19 XJ7 E . 27.17 -13.45 -5.60
C20 XJ7 E . 27.41 -14.90 -5.23
C21 XJ7 E . 28.58 -14.96 -4.25
C23 XJ7 E . 30.24 -16.48 -3.23
C25 XJ7 E . 19.56 -5.06 -16.00
C1 XJ7 E . 19.68 -6.49 -18.11
C XJ7 E . 19.39 -5.12 -17.52
O XJ7 E . 20.28 -4.20 -18.08
C11 XJ7 E . 21.87 -13.43 -12.37
C12 XJ7 E . 21.33 -13.57 -10.96
C13 XJ7 E . 22.15 -14.64 -10.26
C14 XJ7 E . 22.12 -14.32 -8.77
C15 XJ7 E . 23.54 -14.40 -8.19
C18 XJ7 E . 26.07 -13.40 -6.66
C2 XJ7 E . 21.07 -6.90 -17.65
C22 XJ7 E . 28.92 -16.41 -3.98
C24 XJ7 E . 20.78 -5.79 -15.50
C3 XJ7 E . 20.91 -7.15 -16.17
C4 XJ7 E . 21.26 -10.03 -13.19
C5 XJ7 E . 21.69 -11.10 -12.21
C6 XJ7 E . 22.97 -10.61 -11.54
C7 XJ7 E . 23.50 -9.43 -9.54
C8 XJ7 E . 24.93 -9.59 -9.00
C9 XJ7 E . 25.16 -8.65 -7.81
O1 XJ7 E . 19.71 -6.41 -19.50
O10 XJ7 E . 22.19 -14.41 -12.93
O12 XJ7 E . 19.71 -3.72 -15.65
O2 XJ7 E . 21.46 -8.05 -18.35
O3 XJ7 E . 22.03 -7.81 -15.66
O4 XJ7 E . 20.61 -9.82 -16.20
O5 XJ7 E . 22.79 -10.01 -16.68
O6 XJ7 E . 22.22 -10.09 -14.21
O7 XJ7 E . 22.83 -10.50 -10.16
O8 XJ7 E . 22.93 -8.41 -9.43
O9 XJ7 E . 22.01 -12.20 -12.99
P XJ7 E . 21.91 -9.44 -15.69
CBT 6EU F . -8.32 -29.99 2.61
OAH 6EU F . -8.49 -28.82 1.88
CBQ 6EU F . -7.57 -27.82 2.23
CBO 6EU F . -6.61 -28.05 3.08
CBS 6EU F . -7.72 -26.46 1.61
OAI 6EU F . -8.75 -26.22 0.71
CBR 6EU F . -6.89 -25.49 1.89
CBP 6EU F . -5.76 -25.75 2.88
CBN 6EU F . -5.64 -26.94 3.43
CBM 6EU F . -4.49 -27.20 4.41
CBK 6EU F . -3.23 -27.40 3.54
OAG 6EU F . -3.29 -27.30 2.36
OAF 6EU F . -1.99 -27.76 4.10
CBC 6EU F . -1.00 -27.79 3.09
CAX 6EU F . -0.53 -29.24 2.94
CAS 6EU F . 0.30 -29.53 1.98
CAK 6EU F . 0.09 -30.73 1.14
CAU 6EU F . -0.66 -30.18 4.13
CAR 6EU F . -0.07 -31.62 3.85
OAD 6EU F . -1.00 -32.41 3.18
CAZ 6EU F . 0.13 -32.17 5.16
OAE 6EU F . -0.50 -31.89 6.11
CBA 6EU F . 1.33 -33.19 5.02
CBF 6EU F . 1.87 -34.05 6.14
CAW 6EU F . 2.06 -32.76 3.84
CAO 6EU F . 1.25 -31.62 3.18
CAJ 6EU F . 1.10 -31.88 1.70
OAA 6EU F . 2.45 -31.66 0.98
CAN 6EU F . 0.73 -33.18 1.01
CAT 6EU F . 1.93 -34.03 0.72
CAP 6EU F . -0.04 -32.86 -0.33
CAM 6EU F . 0.58 -31.67 -1.05
CAV 6EU F . -0.13 -31.49 -2.39
CBB 6EU F . -0.50 -30.05 -2.70
CBD 6EU F . -1.29 -32.46 -2.54
OAC 6EU F . 1.75 -31.83 -1.23
CAL 6EU F . 0.45 -30.39 -0.22
OAB 6EU F . 1.59 -29.92 -0.15
CAQ 6EU F . 2.37 -30.97 -0.24
CAY 6EU F . 3.76 -30.50 -0.71
CBE 6EU F . 4.38 -29.75 0.46
CBG 6EU F . 5.24 -30.38 1.23
CBI 6EU F . 5.87 -29.65 2.40
CBL 6EU F . 5.52 -28.39 2.63
CBJ 6EU F . 4.52 -27.67 1.75
CBH 6EU F . 4.00 -28.30 0.73
CBT 6EU G . 25.01 11.21 14.17
OAH 6EU G . 23.89 11.66 13.44
CBQ 6EU G . 22.97 10.66 13.11
CBO 6EU G . 23.20 9.43 13.54
CBS 6EU G . 21.71 10.93 12.29
OAI 6EU G . 21.40 12.22 11.81
CBR 6EU G . 20.87 9.97 12.02
CBP 6EU G . 21.14 8.56 12.52
CBN 6EU G . 22.22 8.31 13.22
CBM 6EU G . 22.50 6.88 13.75
CBK 6EU G . 21.98 6.94 15.21
OAG 6EU G . 21.17 7.76 15.46
OAF 6EU G . 22.40 6.09 16.27
CBC 6EU G . 21.36 5.98 17.22
CAX 6EU G . 21.95 5.65 18.60
CAS 6EU G . 21.23 5.83 19.66
CAK 6EU G . 21.57 6.95 20.55
CAU 6EU G . 23.36 5.14 18.75
CAR 6EU G . 24.01 5.42 20.17
OAD 6EU G . 24.52 6.70 20.29
CAZ 6EU G . 25.09 4.48 20.28
OAE 6EU G . 25.72 4.07 19.38
CBA 6EU G . 25.18 4.09 21.82
CBF 6EU G . 26.30 3.26 22.44
CAW 6EU G . 23.91 4.42 22.40
CAO 6EU G . 23.08 5.11 21.29
CAJ 6EU G . 22.39 6.35 21.82
OAA 6EU G . 21.46 5.93 22.76
CAN 6EU G . 22.96 7.55 22.53
CAT 6EU G . 23.12 7.31 24.01
CAP 6EU G . 22.06 8.83 22.26
CAM 6EU G . 20.59 8.47 22.17
CAV 6EU G . 19.71 9.71 22.00
CBB 6EU G . 18.48 9.47 21.14
CBD 6EU G . 20.44 11.04 21.80
OAC 6EU G . 20.26 7.88 23.15
CAL 6EU G . 20.32 7.51 21.01
OAB 6EU G . 19.71 6.55 21.48
CAQ 6EU G . 20.17 6.50 22.70
CAY 6EU G . 19.19 5.72 23.59
CBE 6EU G . 19.08 4.29 23.06
CBG 6EU G . 19.69 3.34 23.73
CBI 6EU G . 19.60 1.91 23.25
CBL 6EU G . 18.90 1.63 22.17
CBJ 6EU G . 18.19 2.72 21.40
CBH 6EU G . 18.27 3.96 21.82
NA NA H . 17.39 -19.10 17.49
CBT 6EU I . -6.77 -3.14 30.32
OAH 6EU I . -7.13 -2.51 29.13
CBQ 6EU I . -6.48 -3.06 27.99
CBO 6EU I . -5.36 -3.76 28.13
CBS 6EU I . -7.09 -2.88 26.59
OAI 6EU I . -8.26 -2.14 26.43
CBR 6EU I . -6.54 -3.41 25.50
CBP 6EU I . -5.26 -4.21 25.72
CBN 6EU I . -4.70 -4.38 26.91
CBM 6EU I . -3.41 -5.23 27.09
CBK 6EU I . -3.85 -6.72 26.94
OAG 6EU I . -5.00 -6.98 26.76
OAF 6EU I . -2.89 -7.77 27.06
CBC 6EU I . -3.31 -8.96 26.42
CAX 6EU I . -3.81 -9.94 27.51
CAS 6EU I . -4.56 -10.95 27.18
CAK 6EU I . -5.75 -11.33 27.98
CAU 6EU I . -3.08 -9.98 28.84
CAR 6EU I . -3.56 -11.09 29.86
OAD 6EU I . -4.63 -10.61 30.58
CAZ 6EU I . -2.43 -11.33 30.71
OAE 6EU I . -1.60 -10.53 30.97
CBA 6EU I . -2.47 -12.86 31.14
CBF 6EU I . -1.56 -13.53 32.17
CAW 6EU I . -3.33 -13.50 30.17
CAO 6EU I . -3.85 -12.39 29.22
CAJ 6EU I . -5.33 -12.55 28.96
OAA 6EU I . -5.51 -13.80 28.19
CAN 6EU I . -6.46 -12.74 29.94
CAT 6EU I . -6.60 -14.18 30.33
CAP 6EU I . -7.81 -12.21 29.30
CAM 6EU I . -7.87 -12.51 27.81
CAV 6EU I . -9.19 -12.01 27.21
CBB 6EU I . -9.02 -11.29 25.88
CBD 6EU I . -10.05 -11.32 28.24
OAC 6EU I . -7.74 -13.68 27.61
CAL 6EU I . -6.75 -11.80 27.05
OAB 6EU I . -6.24 -12.70 26.36
CAQ 6EU I . -6.38 -13.78 27.09
CAY 6EU I . -6.17 -15.03 26.22
CBE 6EU I . -4.70 -14.96 25.79
CBG 6EU I . -3.80 -15.65 26.47
CBI 6EU I . -2.34 -15.61 26.06
CBL 6EU I . -1.98 -14.88 25.02
CBJ 6EU I . -3.01 -14.09 24.23
CBH 6EU I . -4.28 -14.14 24.59
#